data_8CRS
#
_entry.id   8CRS
#
_cell.length_a   1.00
_cell.length_b   1.00
_cell.length_c   1.00
_cell.angle_alpha   90.00
_cell.angle_beta   90.00
_cell.angle_gamma   90.00
#
_symmetry.space_group_name_H-M   'P 1'
#
loop_
_entity.id
_entity.type
_entity.pdbx_description
1 polymer 'Nitrogenase molybdenum-iron protein alpha chain'
2 polymer 'Nitrogenase molybdenum-iron protein beta chain'
3 non-polymer 'iron-sulfur-molybdenum cluster with interstitial carbon'
4 non-polymer '3-HYDROXY-3-CARBOXY-ADIPIC ACID'
5 non-polymer CHAPSO
6 non-polymer 'FE(8)-S(7) CLUSTER'
7 non-polymer 'FE (III) ION'
8 water water
#
loop_
_entity_poly.entity_id
_entity_poly.type
_entity_poly.pdbx_seq_one_letter_code
_entity_poly.pdbx_strand_id
1 'polypeptide(L)'
;MTGMSREEVESLIQEVLEVYPEKARKDRNKHLAVNDPAVTQSKKCIISNKKSQPGLMTIRGCAYAGSKGVVWGPIKDMIH
ISHGPVGCGQYSRAGRRNYYIGTTGVNAFVTMNFTSDFQEKDIVFGGDKKLAKLIDEVETLFPLNKGISVQSECPIGLIG
DDIESVSKVKGAELSKTIVPVRCEGFRGVSQSLGHHIANDAVRDWVLGKRDEDTTFASTPYDVAIIGDYNIGGDAWSSRI
LLEEMGLRCVAQWSGDGSISEIELTPKVKLNLVHCYRSMNYISRHMEEKYGIPWMEYNFFGPTKTIESLRAIAAKFDESI
QKKCEEVIAKYKPEWEAVVAKYRPRLEGKRVMLYIGGLRPRHVIGAYEDLGMEVVGTGYEFAHNDDYDRTMKEMGDSTLL
YDDVTGYEFEEFVKRIKPDLIGSGIKEKFIFQKMGIPFREMHSWDYSGPYHGFDGFAIFARDMDMTLNNPCWKKLQAPWE
;
A,C
2 'polypeptide(L)'
;SQQVDKIKASYPLFLDQDYKDMLAKKRDGFEEKYPQDKIDEVFQWTTTKEYQELNFQREALTVNPAKACQPLGAVLCALG
FEKTMPYVHGSQGCVAYFRSYFNRHFREPVSCVSDSMTEDAAVFGGQQNMKDGLQNCKATYKPDMIAVSTTCMAEVIGDD
LNAFINNSKKEGFIPDEFPVPFAHTPSFVGSHVTGWDNMFEGIARYFTLKSMDDKVVGSNKKINIVPGFETYLGNFRVIK
RMLSEMGVGYSLLSDPEEVLDTPADGQFRMYAGGTTQEEMKDAPNALNTVLLQPWHLEKTKKFVEGTWKHEVPKLNIPMG
LDWTDEFLMKVSEISGQPIPASLTKERGRLVDMMTDSHTWLHGKRFALWGDPDFVMGLVKFLLELGCEPVHILCHNGNKR
WKKAVDAILAASPYGKNATVYIGKDLWHLRSLVFTDKPDFMIGNSYGKFIQRDTLHKGKEFEVPLIRIGFPIFDRHHLHR
STTLGYEGAMQILTTLVNSILERLDEETRGMQATDYNHDLVR
;
B,D
#
loop_
_chem_comp.id
_chem_comp.type
_chem_comp.name
_chem_comp.formula
1N7 non-polymer CHAPSO 'C32 H59 N2 O8 S 1'
CLF non-polymer 'FE(8)-S(7) CLUSTER' 'Fe8 S7'
FE non-polymer 'FE (III) ION' 'Fe 3'
HCA non-polymer '3-HYDROXY-3-CARBOXY-ADIPIC ACID' 'C7 H10 O7'
ICS non-polymer 'iron-sulfur-molybdenum cluster with interstitial carbon' 'C Fe7 Mo S9'
#
# COMPACT_ATOMS: atom_id res chain seq x y z
N MET A 4 19.79 23.73 -36.46
CA MET A 4 20.94 24.42 -37.01
C MET A 4 21.23 23.95 -38.43
N SER A 5 22.22 24.59 -39.06
CA SER A 5 22.59 24.27 -40.42
C SER A 5 23.50 23.05 -40.46
N ARG A 6 23.82 22.59 -41.67
CA ARG A 6 24.68 21.43 -41.83
C ARG A 6 26.07 21.68 -41.27
N GLU A 7 26.62 22.88 -41.51
CA GLU A 7 27.96 23.20 -41.04
C GLU A 7 28.06 23.16 -39.53
N GLU A 8 27.03 23.68 -38.84
CA GLU A 8 27.03 23.63 -37.39
C GLU A 8 26.95 22.20 -36.88
N VAL A 9 26.22 21.34 -37.59
CA VAL A 9 26.13 19.94 -37.16
C VAL A 9 27.47 19.23 -37.34
N GLU A 10 28.15 19.47 -38.46
CA GLU A 10 29.48 18.88 -38.64
C GLU A 10 30.46 19.40 -37.58
N SER A 11 30.39 20.69 -37.27
CA SER A 11 31.23 21.24 -36.22
C SER A 11 30.93 20.59 -34.87
N LEU A 12 29.65 20.41 -34.57
CA LEU A 12 29.27 19.74 -33.32
C LEU A 12 29.82 18.32 -33.27
N ILE A 13 29.71 17.60 -34.38
CA ILE A 13 30.26 16.24 -34.44
C ILE A 13 31.75 16.26 -34.12
N GLN A 14 32.49 17.20 -34.72
CA GLN A 14 33.94 17.24 -34.50
C GLN A 14 34.28 17.59 -33.05
N GLU A 15 33.59 18.58 -32.46
CA GLU A 15 33.86 18.93 -31.07
C GLU A 15 33.53 17.79 -30.13
N VAL A 16 32.45 17.06 -30.40
CA VAL A 16 32.14 15.90 -29.57
C VAL A 16 33.21 14.84 -29.70
N LEU A 17 33.70 14.62 -30.93
CA LEU A 17 34.68 13.57 -31.16
C LEU A 17 36.06 13.89 -30.59
N GLU A 18 36.37 15.18 -30.39
CA GLU A 18 37.73 15.52 -29.99
C GLU A 18 38.14 14.95 -28.63
N VAL A 19 37.19 14.50 -27.81
CA VAL A 19 37.55 13.93 -26.51
C VAL A 19 38.07 12.50 -26.63
N TYR A 20 37.78 11.81 -27.72
CA TYR A 20 38.15 10.40 -27.84
C TYR A 20 39.64 10.24 -28.07
N PRO A 21 40.21 9.11 -27.68
CA PRO A 21 41.55 8.74 -28.17
C PRO A 21 41.52 8.56 -29.68
N GLU A 22 42.71 8.54 -30.29
CA GLU A 22 42.83 8.65 -31.73
C GLU A 22 42.11 7.51 -32.45
N LYS A 23 42.30 6.27 -31.99
CA LYS A 23 41.68 5.13 -32.67
C LYS A 23 40.16 5.17 -32.53
N ALA A 24 39.67 5.43 -31.32
CA ALA A 24 38.24 5.57 -31.11
C ALA A 24 37.68 6.74 -31.89
N ARG A 25 38.41 7.85 -31.95
CA ARG A 25 37.94 9.01 -32.70
C ARG A 25 37.81 8.68 -34.18
N LYS A 26 38.83 8.01 -34.74
CA LYS A 26 38.81 7.64 -36.15
C LYS A 26 37.66 6.69 -36.44
N ASP A 27 37.41 5.73 -35.56
CA ASP A 27 36.28 4.82 -35.77
C ASP A 27 34.95 5.55 -35.67
N ARG A 28 34.75 6.32 -34.59
CA ARG A 28 33.46 6.94 -34.33
C ARG A 28 33.12 8.03 -35.34
N ASN A 29 34.13 8.62 -36.00
CA ASN A 29 33.83 9.61 -37.04
C ASN A 29 33.08 9.00 -38.20
N LYS A 30 33.23 7.70 -38.43
CA LYS A 30 32.55 7.03 -39.53
C LYS A 30 31.10 6.72 -39.22
N HIS A 31 30.67 6.82 -37.96
CA HIS A 31 29.34 6.45 -37.54
C HIS A 31 28.46 7.65 -37.24
N LEU A 32 28.92 8.86 -37.52
CA LEU A 32 28.16 10.08 -37.30
C LEU A 32 28.10 10.85 -38.61
N ALA A 33 26.90 11.32 -38.99
CA ALA A 33 26.75 11.98 -40.27
C ALA A 33 25.66 13.04 -40.18
N VAL A 34 25.69 13.96 -41.13
CA VAL A 34 24.65 14.97 -41.31
C VAL A 34 23.87 14.58 -42.56
N ASN A 35 22.56 14.44 -42.42
CA ASN A 35 21.75 13.89 -43.51
C ASN A 35 21.72 14.85 -44.69
N ASP A 36 21.88 14.28 -45.88
CA ASP A 36 21.69 15.01 -47.14
C ASP A 36 20.79 14.15 -48.00
N PRO A 37 19.47 14.34 -47.93
CA PRO A 37 18.55 13.42 -48.63
C PRO A 37 18.70 13.43 -50.14
N ALA A 38 19.39 14.43 -50.70
CA ALA A 38 19.71 14.38 -52.13
C ALA A 38 20.60 13.19 -52.45
N VAL A 39 21.59 12.92 -51.60
CA VAL A 39 22.50 11.79 -51.76
C VAL A 39 22.07 10.69 -50.81
N THR A 40 21.65 9.56 -51.37
CA THR A 40 21.02 8.48 -50.61
C THR A 40 21.88 7.22 -50.56
N GLN A 41 23.18 7.39 -50.31
CA GLN A 41 24.12 6.27 -50.24
C GLN A 41 24.66 6.14 -48.83
N SER A 42 24.49 4.96 -48.24
CA SER A 42 25.12 4.63 -46.96
C SER A 42 26.53 4.10 -47.12
N LYS A 43 27.00 3.93 -48.36
CA LYS A 43 28.42 3.71 -48.60
C LYS A 43 29.20 5.01 -48.70
N LYS A 44 28.53 6.15 -48.48
CA LYS A 44 29.14 7.46 -48.62
C LYS A 44 29.19 8.25 -47.31
N CYS A 45 28.19 8.12 -46.45
CA CYS A 45 28.11 8.96 -45.26
C CYS A 45 28.31 8.18 -43.96
N ILE A 46 27.50 7.15 -43.69
CA ILE A 46 27.51 6.49 -42.39
C ILE A 46 27.92 5.03 -42.58
N ILE A 47 28.79 4.57 -41.69
CA ILE A 47 29.23 3.18 -41.65
C ILE A 47 28.55 2.51 -40.46
N SER A 48 27.97 1.34 -40.67
CA SER A 48 27.18 0.68 -39.65
C SER A 48 27.55 -0.80 -39.60
N ASN A 49 26.94 -1.50 -38.64
CA ASN A 49 27.12 -2.94 -38.46
C ASN A 49 28.59 -3.30 -38.22
N LYS A 50 29.29 -2.43 -37.49
CA LYS A 50 30.66 -2.68 -37.07
C LYS A 50 30.68 -2.96 -35.58
N LYS A 51 31.82 -3.47 -35.11
CA LYS A 51 31.96 -3.74 -33.69
C LYS A 51 32.00 -2.44 -32.90
N SER A 52 31.51 -2.51 -31.67
CA SER A 52 31.52 -1.36 -30.79
C SER A 52 32.94 -1.10 -30.28
N GLN A 53 33.23 0.18 -30.07
CA GLN A 53 34.50 0.55 -29.45
C GLN A 53 34.48 0.17 -27.98
N PRO A 54 35.53 -0.46 -27.46
CA PRO A 54 35.50 -0.90 -26.06
C PRO A 54 35.45 0.26 -25.09
N GLY A 55 34.64 0.11 -24.04
CA GLY A 55 34.62 1.05 -22.95
C GLY A 55 33.97 2.38 -23.24
N LEU A 56 33.07 2.44 -24.21
CA LEU A 56 32.42 3.69 -24.58
C LEU A 56 30.94 3.72 -24.27
N MET A 57 30.44 2.77 -23.46
CA MET A 57 29.03 2.69 -23.10
C MET A 57 28.11 2.61 -24.32
N THR A 58 28.29 1.55 -25.09
CA THR A 58 27.35 1.24 -26.15
C THR A 58 26.00 0.83 -25.54
N ILE A 59 24.93 1.14 -26.27
CA ILE A 59 23.59 0.72 -25.87
C ILE A 59 23.24 -0.65 -26.45
N ARG A 60 24.10 -1.20 -27.31
CA ARG A 60 23.83 -2.45 -28.00
C ARG A 60 23.71 -3.62 -27.02
N GLY A 61 22.86 -4.57 -27.39
CA GLY A 61 22.81 -5.88 -26.76
C GLY A 61 23.66 -6.89 -27.49
N CYS A 62 23.30 -8.15 -27.33
CA CYS A 62 24.07 -9.27 -27.87
C CYS A 62 23.19 -10.10 -28.81
N ALA A 63 23.79 -11.14 -29.39
CA ALA A 63 23.06 -12.02 -30.29
C ALA A 63 22.00 -12.84 -29.55
N TYR A 64 22.24 -13.19 -28.29
CA TYR A 64 21.22 -13.88 -27.51
C TYR A 64 19.96 -13.03 -27.36
N ALA A 65 20.15 -11.72 -27.10
CA ALA A 65 19.01 -10.82 -27.04
C ALA A 65 18.30 -10.75 -28.39
N GLY A 66 19.08 -10.75 -29.48
CA GLY A 66 18.49 -10.70 -30.81
C GLY A 66 17.70 -11.95 -31.16
N SER A 67 18.12 -13.11 -30.67
CA SER A 67 17.46 -14.36 -31.00
C SER A 67 16.42 -14.75 -29.96
N LYS A 68 16.85 -14.95 -28.71
CA LYS A 68 15.92 -15.36 -27.66
C LYS A 68 14.95 -14.24 -27.32
N GLY A 69 15.47 -13.03 -27.09
CA GLY A 69 14.63 -11.95 -26.62
C GLY A 69 13.72 -11.36 -27.68
N VAL A 70 14.08 -11.50 -28.95
CA VAL A 70 13.39 -10.80 -30.03
C VAL A 70 12.58 -11.75 -30.90
N VAL A 71 13.23 -12.77 -31.47
CA VAL A 71 12.58 -13.59 -32.49
C VAL A 71 11.88 -14.79 -31.86
N TRP A 72 12.57 -15.56 -31.03
CA TRP A 72 12.03 -16.83 -30.56
C TRP A 72 11.14 -16.67 -29.34
N GLY A 73 11.51 -15.79 -28.42
CA GLY A 73 10.78 -15.58 -27.19
C GLY A 73 9.28 -15.35 -27.34
N PRO A 74 8.87 -14.48 -28.27
CA PRO A 74 7.44 -14.22 -28.45
C PRO A 74 6.62 -15.44 -28.84
N ILE A 75 7.22 -16.47 -29.45
CA ILE A 75 6.48 -17.66 -29.85
C ILE A 75 5.91 -18.34 -28.62
N LYS A 76 4.59 -18.34 -28.49
CA LYS A 76 3.97 -18.55 -27.18
C LYS A 76 3.87 -20.02 -26.79
N ASP A 77 3.54 -20.90 -27.72
CA ASP A 77 3.34 -22.30 -27.37
C ASP A 77 4.64 -23.10 -27.34
N MET A 78 5.77 -22.45 -27.51
CA MET A 78 7.07 -23.08 -27.44
C MET A 78 7.75 -22.74 -26.13
N ILE A 79 8.58 -23.64 -25.65
CA ILE A 79 9.39 -23.41 -24.46
C ILE A 79 10.81 -23.10 -24.90
N HIS A 80 11.34 -21.98 -24.45
CA HIS A 80 12.65 -21.49 -24.87
C HIS A 80 13.61 -21.62 -23.70
N ILE A 81 14.60 -22.49 -23.84
CA ILE A 81 15.59 -22.75 -22.81
C ILE A 81 16.75 -21.78 -22.99
N SER A 82 17.00 -20.96 -21.97
CA SER A 82 18.23 -20.17 -21.92
C SER A 82 19.35 -21.09 -21.48
N HIS A 83 20.10 -21.64 -22.44
CA HIS A 83 21.12 -22.65 -22.16
C HIS A 83 22.41 -21.97 -21.71
N GLY A 84 22.78 -22.19 -20.46
CA GLY A 84 23.95 -21.57 -19.88
C GLY A 84 23.67 -21.07 -18.48
N PRO A 85 24.48 -20.12 -18.00
CA PRO A 85 24.29 -19.60 -16.65
C PRO A 85 22.98 -18.81 -16.53
N VAL A 86 22.60 -18.53 -15.28
CA VAL A 86 21.28 -18.03 -14.94
C VAL A 86 21.04 -16.58 -15.41
N GLY A 87 22.12 -15.81 -15.60
CA GLY A 87 21.96 -14.37 -15.77
C GLY A 87 21.16 -13.98 -16.99
N CYS A 88 21.55 -14.48 -18.16
CA CYS A 88 20.96 -14.01 -19.41
C CYS A 88 19.47 -14.25 -19.44
N GLY A 89 19.03 -15.44 -19.02
CA GLY A 89 17.61 -15.71 -18.95
C GLY A 89 16.91 -14.85 -17.91
N GLN A 90 17.56 -14.59 -16.78
CA GLN A 90 16.89 -13.82 -15.74
C GLN A 90 16.68 -12.36 -16.16
N TYR A 91 17.69 -11.74 -16.76
CA TYR A 91 17.58 -10.33 -17.13
C TYR A 91 16.62 -10.09 -18.28
N SER A 92 16.39 -11.10 -19.13
CA SER A 92 15.50 -10.97 -20.26
C SER A 92 14.09 -11.49 -19.98
N ARG A 93 13.81 -11.92 -18.76
CA ARG A 93 12.49 -12.47 -18.47
C ARG A 93 11.46 -11.36 -18.42
N ALA A 94 10.50 -11.41 -19.34
CA ALA A 94 9.36 -10.49 -19.39
C ALA A 94 9.78 -9.03 -19.51
N GLY A 95 11.01 -8.76 -19.98
CA GLY A 95 11.44 -7.40 -20.17
C GLY A 95 10.93 -6.76 -21.44
N ARG A 96 10.45 -7.57 -22.39
CA ARG A 96 9.96 -7.10 -23.67
C ARG A 96 8.47 -7.41 -23.76
N ARG A 97 7.68 -6.42 -24.13
CA ARG A 97 6.22 -6.53 -24.10
C ARG A 97 5.66 -7.17 -25.37
N ASN A 98 6.15 -8.35 -25.73
CA ASN A 98 5.62 -9.09 -26.87
C ASN A 98 4.34 -9.80 -26.40
N TYR A 99 3.21 -9.15 -26.64
CA TYR A 99 1.95 -9.58 -26.05
C TYR A 99 1.42 -10.84 -26.72
N TYR A 100 0.67 -11.62 -25.93
CA TYR A 100 0.16 -12.90 -26.40
C TYR A 100 -1.09 -13.25 -25.63
N ILE A 101 -1.85 -14.20 -26.17
CA ILE A 101 -3.02 -14.77 -25.51
C ILE A 101 -2.71 -16.23 -25.21
N GLY A 102 -2.88 -16.61 -23.95
CA GLY A 102 -2.68 -18.01 -23.57
C GLY A 102 -2.68 -18.16 -22.08
N THR A 103 -2.62 -19.41 -21.65
CA THR A 103 -2.57 -19.76 -20.24
C THR A 103 -1.10 -20.02 -19.88
N THR A 104 -0.49 -19.06 -19.20
CA THR A 104 0.94 -19.13 -18.93
C THR A 104 1.26 -20.30 -18.01
N GLY A 105 2.29 -21.06 -18.38
CA GLY A 105 2.67 -22.25 -17.65
C GLY A 105 1.93 -23.51 -18.06
N VAL A 106 0.92 -23.41 -18.91
CA VAL A 106 0.13 -24.56 -19.31
C VAL A 106 0.29 -24.76 -20.81
N ASN A 107 -0.15 -23.78 -21.60
CA ASN A 107 -0.01 -23.85 -23.05
C ASN A 107 0.78 -22.68 -23.64
N ALA A 108 1.13 -21.68 -22.84
CA ALA A 108 1.95 -20.55 -23.27
C ALA A 108 3.03 -20.31 -22.23
N PHE A 109 4.21 -19.89 -22.69
CA PHE A 109 5.37 -19.84 -21.80
C PHE A 109 6.23 -18.61 -22.03
N VAL A 110 5.64 -17.53 -22.56
CA VAL A 110 6.44 -16.39 -23.02
C VAL A 110 7.16 -15.73 -21.85
N THR A 111 6.43 -15.43 -20.78
CA THR A 111 6.98 -14.66 -19.66
C THR A 111 7.73 -15.52 -18.65
N MET A 112 7.86 -16.81 -18.90
CA MET A 112 8.61 -17.69 -18.01
C MET A 112 10.07 -17.72 -18.41
N ASN A 113 10.93 -18.04 -17.44
CA ASN A 113 12.36 -18.15 -17.66
C ASN A 113 12.77 -19.61 -17.45
N PHE A 114 12.99 -20.31 -18.55
CA PHE A 114 13.53 -21.66 -18.52
C PHE A 114 15.02 -21.59 -18.78
N THR A 115 15.81 -22.21 -17.90
CA THR A 115 17.26 -22.12 -18.02
C THR A 115 17.88 -23.42 -17.54
N SER A 116 19.07 -23.70 -18.06
CA SER A 116 19.87 -24.82 -17.58
C SER A 116 20.71 -24.43 -16.37
N ASP A 117 20.80 -23.15 -16.02
CA ASP A 117 21.45 -22.67 -14.81
C ASP A 117 22.82 -23.32 -14.61
N PHE A 118 23.72 -23.04 -15.55
CA PHE A 118 25.02 -23.70 -15.56
C PHE A 118 25.79 -23.40 -14.28
N GLN A 119 26.37 -24.45 -13.70
CA GLN A 119 27.29 -24.35 -12.59
C GLN A 119 28.70 -24.61 -13.12
N GLU A 120 29.66 -24.65 -12.19
CA GLU A 120 31.06 -24.85 -12.58
C GLU A 120 31.26 -26.21 -13.25
N LYS A 121 30.63 -27.26 -12.71
CA LYS A 121 30.78 -28.58 -13.28
C LYS A 121 30.23 -28.67 -14.69
N ASP A 122 29.15 -27.93 -14.98
CA ASP A 122 28.64 -27.89 -16.35
C ASP A 122 29.62 -27.20 -17.29
N ILE A 123 30.33 -26.19 -16.80
CA ILE A 123 31.35 -25.54 -17.60
C ILE A 123 32.51 -26.48 -17.87
N VAL A 124 32.95 -27.22 -16.86
CA VAL A 124 34.15 -28.04 -16.97
C VAL A 124 33.88 -29.30 -17.79
N PHE A 125 32.79 -30.01 -17.49
CA PHE A 125 32.50 -31.30 -18.09
C PHE A 125 31.44 -31.26 -19.17
N GLY A 126 30.99 -30.06 -19.56
CA GLY A 126 29.98 -29.92 -20.59
C GLY A 126 28.56 -30.01 -20.05
N GLY A 127 27.61 -29.63 -20.89
CA GLY A 127 26.23 -29.58 -20.49
C GLY A 127 25.26 -30.29 -21.41
N ASP A 128 25.76 -31.20 -22.25
CA ASP A 128 24.89 -31.92 -23.18
C ASP A 128 23.98 -32.90 -22.42
N LYS A 129 24.55 -33.66 -21.49
CA LYS A 129 23.74 -34.56 -20.69
C LYS A 129 22.74 -33.80 -19.84
N LYS A 130 23.17 -32.67 -19.27
CA LYS A 130 22.24 -31.82 -18.54
C LYS A 130 21.14 -31.30 -19.45
N LEU A 131 21.48 -30.97 -20.71
CA LEU A 131 20.47 -30.50 -21.65
C LEU A 131 19.45 -31.59 -21.97
N ALA A 132 19.92 -32.83 -22.15
CA ALA A 132 19.00 -33.93 -22.41
C ALA A 132 18.08 -34.20 -21.23
N LYS A 133 18.64 -34.20 -20.01
CA LYS A 133 17.83 -34.35 -18.81
C LYS A 133 16.84 -33.20 -18.67
N LEU A 134 17.27 -31.99 -19.01
CA LEU A 134 16.39 -30.83 -18.93
C LEU A 134 15.23 -30.97 -19.90
N ILE A 135 15.49 -31.47 -21.11
CA ILE A 135 14.41 -31.67 -22.07
C ILE A 135 13.42 -32.70 -21.57
N ASP A 136 13.93 -33.78 -20.95
CA ASP A 136 13.04 -34.76 -20.34
C ASP A 136 12.16 -34.12 -19.27
N GLU A 137 12.76 -33.29 -18.42
CA GLU A 137 11.99 -32.66 -17.34
C GLU A 137 10.98 -31.67 -17.91
N VAL A 138 11.33 -30.96 -18.98
CA VAL A 138 10.39 -30.07 -19.65
C VAL A 138 9.19 -30.86 -20.16
N GLU A 139 9.45 -32.01 -20.79
CA GLU A 139 8.36 -32.84 -21.27
C GLU A 139 7.49 -33.33 -20.12
N THR A 140 8.09 -33.68 -19.00
CA THR A 140 7.31 -34.15 -17.86
C THR A 140 6.41 -33.06 -17.31
N LEU A 141 6.95 -31.86 -17.12
CA LEU A 141 6.25 -30.83 -16.36
C LEU A 141 5.42 -29.88 -17.20
N PHE A 142 5.62 -29.84 -18.51
CA PHE A 142 4.89 -28.94 -19.40
C PHE A 142 4.45 -29.72 -20.64
N PRO A 143 3.51 -30.65 -20.48
CA PRO A 143 3.18 -31.56 -21.57
C PRO A 143 2.47 -30.92 -22.75
N LEU A 144 1.94 -29.71 -22.60
CA LEU A 144 1.22 -29.06 -23.68
C LEU A 144 2.10 -28.16 -24.55
N ASN A 145 3.40 -28.08 -24.26
CA ASN A 145 4.29 -27.33 -25.13
C ASN A 145 4.34 -27.99 -26.50
N LYS A 146 4.36 -27.16 -27.54
CA LYS A 146 4.34 -27.63 -28.92
C LYS A 146 5.71 -27.59 -29.57
N GLY A 147 6.76 -27.46 -28.76
CA GLY A 147 8.11 -27.40 -29.28
C GLY A 147 9.03 -26.75 -28.27
N ILE A 148 10.32 -27.01 -28.45
CA ILE A 148 11.36 -26.51 -27.56
C ILE A 148 12.44 -25.86 -28.41
N SER A 149 12.91 -24.69 -27.99
CA SER A 149 14.09 -24.08 -28.56
C SER A 149 15.17 -23.99 -27.48
N VAL A 150 16.42 -24.08 -27.91
CA VAL A 150 17.58 -24.04 -27.02
C VAL A 150 18.43 -22.86 -27.45
N GLN A 151 18.30 -21.73 -26.75
CA GLN A 151 19.03 -20.52 -27.06
C GLN A 151 20.36 -20.54 -26.34
N SER A 152 21.46 -20.61 -27.09
CA SER A 152 22.78 -20.71 -26.47
C SER A 152 23.21 -19.37 -25.89
N GLU A 153 23.66 -19.40 -24.65
CA GLU A 153 24.34 -18.26 -24.06
C GLU A 153 25.84 -18.39 -24.29
N CYS A 154 26.60 -17.39 -23.85
CA CYS A 154 28.02 -17.29 -24.21
C CYS A 154 28.83 -18.57 -23.96
N PRO A 155 28.76 -19.21 -22.78
CA PRO A 155 29.65 -20.36 -22.54
C PRO A 155 29.42 -21.55 -23.45
N ILE A 156 28.24 -21.68 -24.06
CA ILE A 156 27.92 -22.90 -24.79
C ILE A 156 28.87 -23.10 -25.97
N GLY A 157 29.13 -22.03 -26.71
CA GLY A 157 30.02 -22.12 -27.85
C GLY A 157 31.50 -22.10 -27.52
N LEU A 158 31.85 -21.86 -26.25
CA LEU A 158 33.24 -21.84 -25.84
C LEU A 158 33.71 -23.12 -25.19
N ILE A 159 32.80 -23.93 -24.66
CA ILE A 159 33.16 -25.19 -24.01
C ILE A 159 32.99 -26.40 -24.92
N GLY A 160 32.64 -26.19 -26.19
CA GLY A 160 32.51 -27.28 -27.12
C GLY A 160 31.25 -28.12 -27.00
N ASP A 161 30.19 -27.57 -26.41
CA ASP A 161 28.93 -28.30 -26.31
C ASP A 161 28.31 -28.47 -27.69
N ASP A 162 27.69 -29.62 -27.92
CA ASP A 162 27.05 -29.97 -29.19
C ASP A 162 25.55 -30.05 -28.94
N ILE A 163 24.87 -28.91 -29.00
CA ILE A 163 23.43 -28.89 -28.75
C ILE A 163 22.64 -29.39 -29.95
N GLU A 164 23.22 -29.37 -31.15
CA GLU A 164 22.52 -29.88 -32.32
C GLU A 164 22.29 -31.39 -32.22
N SER A 165 23.29 -32.13 -31.76
CA SER A 165 23.13 -33.57 -31.61
C SER A 165 22.08 -33.91 -30.55
N VAL A 166 22.12 -33.21 -29.41
CA VAL A 166 21.11 -33.42 -28.38
C VAL A 166 19.73 -33.08 -28.93
N SER A 167 19.63 -31.97 -29.67
CA SER A 167 18.35 -31.58 -30.24
C SER A 167 17.80 -32.65 -31.18
N LYS A 168 18.66 -33.16 -32.06
CA LYS A 168 18.23 -34.19 -33.01
C LYS A 168 17.79 -35.46 -32.28
N VAL A 169 18.60 -35.92 -31.33
CA VAL A 169 18.32 -37.18 -30.65
C VAL A 169 17.04 -37.07 -29.83
N LYS A 170 16.91 -35.98 -29.06
CA LYS A 170 15.73 -35.81 -28.21
C LYS A 170 14.47 -35.55 -29.03
N GLY A 171 14.61 -34.82 -30.15
CA GLY A 171 13.46 -34.60 -31.00
C GLY A 171 12.98 -35.87 -31.66
N ALA A 172 13.91 -36.72 -32.11
CA ALA A 172 13.52 -38.02 -32.65
C ALA A 172 12.87 -38.88 -31.58
N GLU A 173 13.43 -38.86 -30.36
CA GLU A 173 12.91 -39.70 -29.28
C GLU A 173 11.50 -39.27 -28.86
N LEU A 174 11.26 -37.96 -28.78
CA LEU A 174 10.00 -37.46 -28.26
C LEU A 174 9.04 -36.99 -29.34
N SER A 175 9.38 -37.17 -30.62
CA SER A 175 8.56 -36.68 -31.73
C SER A 175 8.28 -35.18 -31.57
N LYS A 176 9.29 -34.44 -31.14
CA LYS A 176 9.16 -33.05 -30.76
C LYS A 176 10.10 -32.19 -31.59
N THR A 177 9.61 -31.03 -32.02
CA THR A 177 10.48 -30.07 -32.67
C THR A 177 11.39 -29.44 -31.60
N ILE A 178 12.68 -29.71 -31.69
CA ILE A 178 13.68 -29.14 -30.79
C ILE A 178 14.68 -28.37 -31.66
N VAL A 179 14.72 -27.06 -31.48
CA VAL A 179 15.45 -26.15 -32.34
C VAL A 179 16.69 -25.67 -31.59
N PRO A 180 17.90 -26.10 -31.98
CA PRO A 180 19.11 -25.52 -31.39
C PRO A 180 19.45 -24.19 -32.06
N VAL A 181 19.65 -23.16 -31.25
CA VAL A 181 19.97 -21.83 -31.74
C VAL A 181 21.33 -21.44 -31.18
N ARG A 182 22.30 -21.21 -32.08
CA ARG A 182 23.66 -20.85 -31.70
C ARG A 182 23.77 -19.32 -31.64
N CYS A 183 23.05 -18.76 -30.67
CA CYS A 183 22.97 -17.31 -30.50
C CYS A 183 23.85 -16.83 -29.36
N GLU A 184 25.03 -17.43 -29.20
CA GLU A 184 25.95 -17.02 -28.14
C GLU A 184 26.26 -15.54 -28.25
N GLY A 185 26.26 -14.86 -27.10
CA GLY A 185 26.36 -13.41 -27.07
C GLY A 185 27.63 -12.86 -27.69
N PHE A 186 28.71 -13.63 -27.74
CA PHE A 186 29.94 -13.15 -28.33
C PHE A 186 29.92 -13.19 -29.86
N ARG A 187 28.91 -13.80 -30.47
CA ARG A 187 28.80 -13.81 -31.92
C ARG A 187 28.28 -12.48 -32.42
N GLY A 188 28.81 -12.04 -33.55
CA GLY A 188 28.37 -10.78 -34.11
C GLY A 188 28.83 -9.60 -33.26
N VAL A 189 28.11 -8.50 -33.42
CA VAL A 189 28.43 -7.26 -32.73
C VAL A 189 27.23 -6.64 -32.03
N SER A 190 26.06 -7.24 -32.13
CA SER A 190 24.82 -6.64 -31.62
C SER A 190 23.72 -7.70 -31.67
N GLN A 191 22.48 -7.26 -31.49
CA GLN A 191 21.31 -8.13 -31.63
C GLN A 191 21.07 -8.59 -33.07
N SER A 192 21.67 -7.91 -34.05
CA SER A 192 21.35 -8.17 -35.46
C SER A 192 21.78 -9.58 -35.87
N LEU A 193 22.98 -10.00 -35.49
CA LEU A 193 23.37 -11.37 -35.81
C LEU A 193 22.50 -12.37 -35.08
N GLY A 194 21.99 -12.01 -33.91
CA GLY A 194 20.98 -12.83 -33.27
C GLY A 194 19.74 -12.98 -34.12
N HIS A 195 19.29 -11.89 -34.75
CA HIS A 195 18.19 -11.98 -35.70
C HIS A 195 18.50 -12.98 -36.81
N HIS A 196 19.69 -12.86 -37.41
CA HIS A 196 20.02 -13.72 -38.54
C HIS A 196 20.12 -15.19 -38.12
N ILE A 197 20.72 -15.45 -36.96
CA ILE A 197 20.86 -16.82 -36.47
C ILE A 197 19.49 -17.41 -36.15
N ALA A 198 18.62 -16.63 -35.52
CA ALA A 198 17.27 -17.10 -35.23
C ALA A 198 16.49 -17.39 -36.50
N ASN A 199 16.64 -16.53 -37.51
CA ASN A 199 15.98 -16.76 -38.80
C ASN A 199 16.47 -18.05 -39.45
N ASP A 200 17.78 -18.28 -39.43
CA ASP A 200 18.32 -19.52 -39.98
C ASP A 200 17.80 -20.73 -39.21
N ALA A 201 17.69 -20.61 -37.88
CA ALA A 201 17.16 -21.71 -37.09
C ALA A 201 15.71 -22.01 -37.46
N VAL A 202 14.90 -20.96 -37.64
CA VAL A 202 13.52 -21.15 -38.09
C VAL A 202 13.50 -21.86 -39.44
N ARG A 203 14.34 -21.41 -40.37
CA ARG A 203 14.38 -21.99 -41.70
C ARG A 203 14.77 -23.45 -41.67
N ASP A 204 15.74 -23.81 -40.82
CA ASP A 204 16.30 -25.14 -40.84
C ASP A 204 15.49 -26.15 -40.03
N TRP A 205 14.74 -25.70 -39.02
CA TRP A 205 14.11 -26.64 -38.10
C TRP A 205 12.60 -26.58 -38.03
N VAL A 206 11.96 -25.50 -38.48
CA VAL A 206 10.53 -25.30 -38.28
C VAL A 206 9.80 -25.07 -39.59
N LEU A 207 10.35 -24.22 -40.46
CA LEU A 207 9.57 -23.67 -41.57
C LEU A 207 9.14 -24.74 -42.55
N GLY A 208 9.99 -25.73 -42.81
CA GLY A 208 9.69 -26.74 -43.81
C GLY A 208 8.93 -27.95 -43.30
N LYS A 209 8.34 -27.84 -42.10
CA LYS A 209 7.68 -29.00 -41.49
C LYS A 209 6.53 -29.52 -42.36
N ARG A 210 5.74 -28.62 -42.94
CA ARG A 210 4.57 -29.00 -43.72
C ARG A 210 4.80 -28.79 -45.22
N ASP A 211 6.03 -29.03 -45.67
CA ASP A 211 6.33 -28.90 -47.10
C ASP A 211 5.56 -29.92 -47.92
N GLU A 212 5.48 -31.16 -47.42
CA GLU A 212 4.74 -32.22 -48.10
C GLU A 212 3.29 -32.29 -47.69
N ASP A 213 2.84 -31.37 -46.84
CA ASP A 213 1.46 -31.35 -46.34
C ASP A 213 0.65 -30.37 -47.18
N THR A 214 -0.51 -30.81 -47.65
CA THR A 214 -1.39 -30.00 -48.47
C THR A 214 -2.83 -29.98 -47.96
N THR A 215 -3.03 -30.23 -46.67
CA THR A 215 -4.36 -30.26 -46.09
C THR A 215 -4.83 -28.90 -45.60
N PHE A 216 -4.02 -27.85 -45.77
CA PHE A 216 -4.44 -26.51 -45.42
C PHE A 216 -5.27 -25.91 -46.55
N ALA A 217 -6.45 -25.42 -46.22
CA ALA A 217 -7.31 -24.77 -47.19
C ALA A 217 -6.84 -23.33 -47.36
N SER A 218 -6.28 -23.02 -48.52
CA SER A 218 -5.70 -21.71 -48.77
C SER A 218 -6.63 -20.88 -49.64
N THR A 219 -6.66 -19.58 -49.38
CA THR A 219 -7.44 -18.62 -50.13
C THR A 219 -6.52 -17.64 -50.85
N PRO A 220 -6.99 -16.98 -51.91
CA PRO A 220 -6.15 -15.99 -52.62
C PRO A 220 -5.76 -14.81 -51.75
N TYR A 221 -6.40 -14.59 -50.61
CA TYR A 221 -6.13 -13.46 -49.74
C TYR A 221 -5.29 -13.86 -48.53
N ASP A 222 -4.44 -14.87 -48.67
CA ASP A 222 -3.64 -15.35 -47.56
C ASP A 222 -2.37 -14.53 -47.43
N VAL A 223 -2.16 -13.96 -46.25
CA VAL A 223 -0.99 -13.16 -45.94
C VAL A 223 -0.42 -13.60 -44.60
N ALA A 224 0.86 -13.32 -44.42
CA ALA A 224 1.51 -13.48 -43.13
C ALA A 224 2.09 -12.13 -42.71
N ILE A 225 2.06 -11.87 -41.41
CA ILE A 225 2.69 -10.69 -40.84
C ILE A 225 4.05 -11.11 -40.29
N ILE A 226 5.11 -10.60 -40.87
CA ILE A 226 6.47 -11.00 -40.55
C ILE A 226 7.17 -9.81 -39.90
N GLY A 227 7.87 -10.07 -38.79
CA GLY A 227 8.56 -9.01 -38.08
C GLY A 227 7.66 -8.01 -37.40
N ASP A 228 6.56 -8.47 -36.81
CA ASP A 228 5.76 -7.67 -35.89
C ASP A 228 5.65 -8.47 -34.61
N TYR A 229 6.24 -7.95 -33.53
CA TYR A 229 6.37 -8.71 -32.30
C TYR A 229 5.33 -8.30 -31.26
N ASN A 230 4.25 -7.65 -31.71
CA ASN A 230 3.07 -7.41 -30.89
C ASN A 230 3.43 -6.66 -29.61
N ILE A 231 4.29 -5.66 -29.73
CA ILE A 231 4.69 -4.87 -28.58
C ILE A 231 3.49 -4.05 -28.12
N GLY A 232 3.05 -4.29 -26.89
CA GLY A 232 1.85 -3.67 -26.39
C GLY A 232 0.60 -3.96 -27.19
N GLY A 233 0.61 -5.03 -27.98
CA GLY A 233 -0.51 -5.34 -28.85
C GLY A 233 -0.38 -4.80 -30.26
N ASP A 234 0.79 -4.29 -30.65
CA ASP A 234 0.94 -3.65 -31.95
C ASP A 234 0.43 -4.54 -33.09
N ALA A 235 0.88 -5.80 -33.12
CA ALA A 235 0.49 -6.69 -34.19
C ALA A 235 -1.02 -6.84 -34.26
N TRP A 236 -1.68 -6.96 -33.11
CA TRP A 236 -3.14 -7.06 -33.12
C TRP A 236 -3.75 -5.83 -33.76
N SER A 237 -3.25 -4.64 -33.37
CA SER A 237 -3.76 -3.40 -33.95
C SER A 237 -3.49 -3.33 -35.44
N SER A 238 -2.46 -4.02 -35.92
CA SER A 238 -2.26 -4.14 -37.35
C SER A 238 -3.21 -5.16 -37.94
N ARG A 239 -3.31 -6.33 -37.30
CA ARG A 239 -4.00 -7.45 -37.90
C ARG A 239 -5.46 -7.11 -38.19
N ILE A 240 -6.12 -6.42 -37.25
CA ILE A 240 -7.52 -6.07 -37.43
C ILE A 240 -7.71 -5.30 -38.74
N LEU A 241 -6.82 -4.33 -39.02
CA LEU A 241 -6.95 -3.58 -40.26
C LEU A 241 -6.83 -4.50 -41.46
N LEU A 242 -5.84 -5.40 -41.43
CA LEU A 242 -5.66 -6.31 -42.55
C LEU A 242 -6.86 -7.22 -42.71
N GLU A 243 -7.54 -7.55 -41.61
CA GLU A 243 -8.73 -8.39 -41.73
C GLU A 243 -9.96 -7.59 -42.07
N GLU A 244 -9.94 -6.27 -41.86
CA GLU A 244 -11.02 -5.43 -42.36
C GLU A 244 -10.90 -5.16 -43.85
N MET A 245 -9.70 -5.33 -44.40
CA MET A 245 -9.45 -5.17 -45.82
C MET A 245 -9.81 -6.41 -46.62
N GLY A 246 -10.26 -7.48 -45.97
CA GLY A 246 -10.62 -8.72 -46.63
C GLY A 246 -9.51 -9.74 -46.71
N LEU A 247 -8.37 -9.50 -46.08
CA LEU A 247 -7.27 -10.45 -46.10
C LEU A 247 -7.38 -11.40 -44.93
N ARG A 248 -6.82 -12.59 -45.10
CA ARG A 248 -6.75 -13.60 -44.04
C ARG A 248 -5.30 -13.68 -43.57
N CYS A 249 -5.03 -13.19 -42.37
CA CYS A 249 -3.71 -13.24 -41.79
C CYS A 249 -3.48 -14.65 -41.23
N VAL A 250 -2.64 -15.42 -41.89
CA VAL A 250 -2.43 -16.81 -41.50
C VAL A 250 -1.39 -16.90 -40.39
N ALA A 251 -0.37 -16.06 -40.41
CA ALA A 251 0.73 -16.15 -39.46
C ALA A 251 1.10 -14.78 -38.93
N GLN A 252 1.60 -14.75 -37.70
CA GLN A 252 2.18 -13.57 -37.09
C GLN A 252 3.57 -13.93 -36.58
N TRP A 253 4.59 -13.25 -37.11
CA TRP A 253 5.98 -13.54 -36.77
C TRP A 253 6.54 -12.35 -35.99
N SER A 254 6.75 -12.54 -34.68
CA SER A 254 6.41 -13.73 -33.93
C SER A 254 5.60 -13.36 -32.70
N GLY A 255 5.21 -12.08 -32.61
CA GLY A 255 4.37 -11.62 -31.52
C GLY A 255 3.02 -12.31 -31.50
N ASP A 256 2.65 -12.88 -30.36
CA ASP A 256 1.47 -13.74 -30.23
C ASP A 256 1.51 -14.87 -31.25
N GLY A 257 2.71 -15.26 -31.65
CA GLY A 257 2.87 -16.27 -32.67
C GLY A 257 2.91 -17.67 -32.08
N SER A 258 2.30 -18.61 -32.79
CA SER A 258 2.35 -20.01 -32.46
C SER A 258 3.25 -20.72 -33.47
N ILE A 259 3.71 -21.91 -33.09
CA ILE A 259 4.58 -22.67 -34.00
C ILE A 259 3.79 -23.15 -35.20
N SER A 260 2.52 -23.51 -35.03
CA SER A 260 1.72 -24.02 -36.14
C SER A 260 1.55 -22.94 -37.21
N GLU A 261 1.33 -21.70 -36.81
CA GLU A 261 1.13 -20.65 -37.81
C GLU A 261 2.45 -20.28 -38.49
N ILE A 262 3.58 -20.47 -37.81
CA ILE A 262 4.86 -20.36 -38.50
C ILE A 262 4.99 -21.45 -39.55
N GLU A 263 4.59 -22.67 -39.20
CA GLU A 263 4.65 -23.77 -40.17
C GLU A 263 3.69 -23.56 -41.34
N LEU A 264 2.63 -22.80 -41.14
CA LEU A 264 1.66 -22.53 -42.21
C LEU A 264 2.04 -21.35 -43.08
N THR A 265 3.08 -20.59 -42.71
CA THR A 265 3.48 -19.43 -43.50
C THR A 265 3.81 -19.75 -44.95
N PRO A 266 4.51 -20.85 -45.29
CA PRO A 266 4.77 -21.13 -46.71
C PRO A 266 3.52 -21.32 -47.57
N LYS A 267 2.34 -21.35 -46.98
CA LYS A 267 1.10 -21.48 -47.74
C LYS A 267 0.43 -20.16 -48.05
N VAL A 268 0.99 -19.03 -47.61
CA VAL A 268 0.34 -17.75 -47.82
C VAL A 268 0.67 -17.19 -49.19
N LYS A 269 -0.15 -16.25 -49.65
CA LYS A 269 0.07 -15.59 -50.93
C LYS A 269 1.02 -14.41 -50.80
N LEU A 270 1.04 -13.73 -49.66
CA LEU A 270 1.88 -12.54 -49.52
C LEU A 270 2.46 -12.46 -48.12
N ASN A 271 3.74 -12.08 -48.04
CA ASN A 271 4.42 -11.85 -46.78
C ASN A 271 4.56 -10.34 -46.57
N LEU A 272 3.90 -9.83 -45.53
CA LEU A 272 3.95 -8.42 -45.20
C LEU A 272 4.99 -8.24 -44.11
N VAL A 273 6.11 -7.61 -44.45
CA VAL A 273 7.25 -7.49 -43.56
C VAL A 273 7.20 -6.12 -42.91
N HIS A 274 7.05 -6.09 -41.59
CA HIS A 274 7.13 -4.82 -40.87
C HIS A 274 8.56 -4.50 -40.48
N CYS A 275 9.20 -5.40 -39.72
CA CYS A 275 10.60 -5.19 -39.35
C CYS A 275 11.48 -5.86 -40.40
N TYR A 276 11.97 -5.05 -41.34
CA TYR A 276 12.88 -5.57 -42.35
C TYR A 276 14.15 -6.13 -41.72
N ARG A 277 14.69 -5.43 -40.72
CA ARG A 277 15.99 -5.77 -40.16
C ARG A 277 16.02 -7.19 -39.60
N SER A 278 14.98 -7.58 -38.86
CA SER A 278 15.02 -8.85 -38.16
C SER A 278 14.51 -10.03 -38.99
N MET A 279 13.78 -9.79 -40.07
CA MET A 279 13.08 -10.87 -40.76
C MET A 279 13.28 -10.88 -42.28
N ASN A 280 14.12 -10.00 -42.81
CA ASN A 280 14.37 -10.02 -44.25
C ASN A 280 15.02 -11.33 -44.69
N TYR A 281 15.79 -11.97 -43.80
CA TYR A 281 16.42 -13.23 -44.15
C TYR A 281 15.38 -14.31 -44.46
N ILE A 282 14.43 -14.51 -43.54
CA ILE A 282 13.40 -15.52 -43.78
C ILE A 282 12.46 -15.09 -44.89
N SER A 283 12.24 -13.79 -45.08
CA SER A 283 11.39 -13.34 -46.18
C SER A 283 12.03 -13.67 -47.52
N ARG A 284 13.32 -13.40 -47.66
CA ARG A 284 14.02 -13.74 -48.89
C ARG A 284 14.07 -15.24 -49.10
N HIS A 285 14.25 -16.01 -48.02
CA HIS A 285 14.26 -17.45 -48.15
C HIS A 285 12.91 -17.98 -48.63
N MET A 286 11.82 -17.46 -48.08
CA MET A 286 10.50 -17.92 -48.51
C MET A 286 10.22 -17.51 -49.95
N GLU A 287 10.69 -16.33 -50.35
CA GLU A 287 10.59 -15.94 -51.74
C GLU A 287 11.36 -16.90 -52.65
N GLU A 288 12.57 -17.29 -52.25
CA GLU A 288 13.39 -18.17 -53.08
C GLU A 288 12.79 -19.58 -53.17
N LYS A 289 12.35 -20.12 -52.03
CA LYS A 289 11.91 -21.52 -51.98
C LYS A 289 10.47 -21.70 -52.40
N TYR A 290 9.54 -20.96 -51.81
CA TYR A 290 8.13 -21.12 -52.07
C TYR A 290 7.58 -20.12 -53.08
N GLY A 291 8.40 -19.20 -53.56
CA GLY A 291 7.92 -18.21 -54.50
C GLY A 291 6.94 -17.21 -53.93
N ILE A 292 6.96 -16.99 -52.62
CA ILE A 292 6.05 -16.07 -51.96
C ILE A 292 6.67 -14.68 -52.02
N PRO A 293 6.03 -13.71 -52.67
CA PRO A 293 6.55 -12.33 -52.63
C PRO A 293 6.39 -11.74 -51.24
N TRP A 294 7.28 -10.82 -50.91
CA TRP A 294 7.21 -10.09 -49.66
C TRP A 294 7.35 -8.60 -49.94
N MET A 295 6.68 -7.79 -49.14
CA MET A 295 6.75 -6.34 -49.26
C MET A 295 6.85 -5.73 -47.87
N GLU A 296 7.62 -4.65 -47.77
CA GLU A 296 7.71 -3.88 -46.53
C GLU A 296 6.51 -2.97 -46.39
N TYR A 297 6.05 -2.77 -45.16
CA TYR A 297 4.95 -1.87 -44.88
C TYR A 297 5.19 -1.16 -43.56
N ASN A 298 4.49 -0.03 -43.38
CA ASN A 298 4.65 0.84 -42.22
C ASN A 298 3.27 1.19 -41.70
N PHE A 299 2.98 0.79 -40.46
CA PHE A 299 1.69 1.08 -39.83
C PHE A 299 1.82 2.10 -38.70
N PHE A 300 2.85 2.95 -38.75
CA PHE A 300 3.05 4.00 -37.76
C PHE A 300 2.43 5.28 -38.30
N GLY A 301 1.31 5.69 -37.70
CA GLY A 301 0.65 6.92 -38.07
C GLY A 301 -0.31 6.75 -39.23
N PRO A 302 -1.26 7.67 -39.37
CA PRO A 302 -2.29 7.50 -40.41
C PRO A 302 -1.76 7.60 -41.83
N THR A 303 -0.82 8.51 -42.11
CA THR A 303 -0.33 8.66 -43.47
C THR A 303 0.36 7.38 -43.95
N LYS A 304 1.30 6.88 -43.15
CA LYS A 304 2.00 5.65 -43.48
C LYS A 304 1.04 4.46 -43.52
N THR A 305 0.09 4.41 -42.59
CA THR A 305 -0.86 3.30 -42.56
C THR A 305 -1.73 3.28 -43.82
N ILE A 306 -2.22 4.45 -44.25
CA ILE A 306 -3.05 4.52 -45.44
C ILE A 306 -2.23 4.14 -46.67
N GLU A 307 -1.00 4.65 -46.77
CA GLU A 307 -0.14 4.28 -47.89
C GLU A 307 0.12 2.78 -47.91
N SER A 308 0.42 2.19 -46.74
CA SER A 308 0.69 0.76 -46.67
C SER A 308 -0.54 -0.05 -47.03
N LEU A 309 -1.71 0.34 -46.54
CA LEU A 309 -2.94 -0.38 -46.85
C LEU A 309 -3.23 -0.36 -48.33
N ARG A 310 -3.06 0.81 -48.98
CA ARG A 310 -3.28 0.89 -50.41
C ARG A 310 -2.26 0.05 -51.18
N ALA A 311 -0.99 0.09 -50.76
CA ALA A 311 0.03 -0.69 -51.45
C ALA A 311 -0.21 -2.19 -51.30
N ILE A 312 -0.68 -2.62 -50.13
CA ILE A 312 -0.99 -4.02 -49.91
C ILE A 312 -2.20 -4.44 -50.74
N ALA A 313 -3.26 -3.62 -50.75
CA ALA A 313 -4.44 -3.94 -51.52
C ALA A 313 -4.15 -3.98 -53.01
N ALA A 314 -3.18 -3.20 -53.48
CA ALA A 314 -2.81 -3.22 -54.89
C ALA A 314 -2.22 -4.56 -55.33
N LYS A 315 -1.84 -5.41 -54.38
CA LYS A 315 -1.35 -6.75 -54.72
C LYS A 315 -2.47 -7.74 -55.00
N PHE A 316 -3.71 -7.39 -54.71
CA PHE A 316 -4.85 -8.28 -54.83
C PHE A 316 -5.84 -7.72 -55.85
N ASP A 317 -7.01 -8.33 -55.92
CA ASP A 317 -8.02 -7.97 -56.91
C ASP A 317 -8.74 -6.68 -56.50
N GLU A 318 -9.78 -6.31 -57.26
CA GLU A 318 -10.47 -5.06 -57.03
C GLU A 318 -11.32 -5.08 -55.76
N SER A 319 -11.77 -6.27 -55.34
CA SER A 319 -12.57 -6.34 -54.12
C SER A 319 -11.76 -5.94 -52.90
N ILE A 320 -10.49 -6.36 -52.84
CA ILE A 320 -9.62 -5.97 -51.74
C ILE A 320 -9.37 -4.46 -51.78
N GLN A 321 -9.21 -3.89 -52.98
CA GLN A 321 -8.99 -2.45 -53.08
C GLN A 321 -10.21 -1.66 -52.61
N LYS A 322 -11.41 -2.13 -52.97
CA LYS A 322 -12.63 -1.49 -52.49
C LYS A 322 -12.75 -1.59 -50.98
N LYS A 323 -12.41 -2.75 -50.42
CA LYS A 323 -12.42 -2.89 -48.97
C LYS A 323 -11.38 -2.00 -48.31
N CYS A 324 -10.23 -1.80 -48.96
CA CYS A 324 -9.21 -0.89 -48.46
C CYS A 324 -9.74 0.54 -48.39
N GLU A 325 -10.42 0.97 -49.44
CA GLU A 325 -11.01 2.30 -49.43
C GLU A 325 -12.08 2.41 -48.34
N GLU A 326 -12.85 1.35 -48.14
CA GLU A 326 -13.85 1.36 -47.06
C GLU A 326 -13.20 1.49 -45.70
N VAL A 327 -12.11 0.76 -45.45
CA VAL A 327 -11.41 0.84 -44.18
C VAL A 327 -10.85 2.24 -43.96
N ILE A 328 -10.24 2.81 -45.00
CA ILE A 328 -9.68 4.16 -44.90
C ILE A 328 -10.78 5.17 -44.59
N ALA A 329 -11.92 5.06 -45.27
CA ALA A 329 -13.03 5.96 -45.01
C ALA A 329 -13.57 5.79 -43.59
N LYS A 330 -13.64 4.55 -43.11
CA LYS A 330 -14.14 4.30 -41.76
C LYS A 330 -13.23 4.93 -40.71
N TYR A 331 -11.92 4.85 -40.91
CA TYR A 331 -11.01 5.32 -39.88
C TYR A 331 -10.61 6.78 -40.05
N LYS A 332 -10.94 7.42 -41.17
CA LYS A 332 -10.54 8.82 -41.36
C LYS A 332 -11.03 9.75 -40.26
N PRO A 333 -12.31 9.73 -39.85
CA PRO A 333 -12.73 10.65 -38.78
C PRO A 333 -11.97 10.46 -37.47
N GLU A 334 -11.64 9.23 -37.12
CA GLU A 334 -11.00 8.98 -35.83
C GLU A 334 -9.60 9.58 -35.77
N TRP A 335 -8.76 9.29 -36.77
CA TRP A 335 -7.41 9.84 -36.72
C TRP A 335 -7.41 11.33 -37.04
N GLU A 336 -8.40 11.80 -37.80
CA GLU A 336 -8.54 13.24 -38.00
C GLU A 336 -8.88 13.94 -36.68
N ALA A 337 -9.74 13.34 -35.87
CA ALA A 337 -10.03 13.89 -34.55
C ALA A 337 -8.80 13.86 -33.65
N VAL A 338 -8.02 12.77 -33.73
CA VAL A 338 -6.78 12.70 -32.97
C VAL A 338 -5.83 13.84 -33.35
N VAL A 339 -5.69 14.06 -34.66
CA VAL A 339 -4.82 15.13 -35.14
C VAL A 339 -5.33 16.48 -34.69
N ALA A 340 -6.62 16.73 -34.84
CA ALA A 340 -7.20 18.00 -34.43
C ALA A 340 -7.00 18.25 -32.93
N LYS A 341 -7.05 17.20 -32.12
CA LYS A 341 -6.85 17.37 -30.69
C LYS A 341 -5.40 17.61 -30.32
N TYR A 342 -4.47 16.87 -30.92
CA TYR A 342 -3.11 16.83 -30.39
C TYR A 342 -2.07 17.57 -31.22
N ARG A 343 -2.23 17.70 -32.53
CA ARG A 343 -1.27 18.45 -33.33
C ARG A 343 -1.09 19.90 -32.87
N PRO A 344 -2.14 20.65 -32.50
CA PRO A 344 -1.89 22.02 -32.00
C PRO A 344 -0.97 22.09 -30.80
N ARG A 345 -0.96 21.05 -29.96
CA ARG A 345 -0.08 21.03 -28.80
C ARG A 345 1.29 20.42 -29.09
N LEU A 346 1.50 19.89 -30.30
CA LEU A 346 2.77 19.28 -30.66
C LEU A 346 3.41 19.90 -31.88
N GLU A 347 2.78 20.90 -32.50
CA GLU A 347 3.32 21.51 -33.71
C GLU A 347 4.69 22.12 -33.46
N GLY A 348 5.64 21.80 -34.34
CA GLY A 348 6.96 22.39 -34.28
C GLY A 348 7.89 21.80 -33.25
N LYS A 349 7.46 20.81 -32.49
CA LYS A 349 8.33 20.21 -31.49
C LYS A 349 9.38 19.33 -32.15
N ARG A 350 10.59 19.36 -31.61
CA ARG A 350 11.73 18.67 -32.21
C ARG A 350 12.10 17.44 -31.40
N VAL A 351 12.31 16.33 -32.10
CA VAL A 351 12.50 15.01 -31.51
C VAL A 351 13.84 14.45 -31.95
N MET A 352 14.53 13.80 -31.02
CA MET A 352 15.69 12.98 -31.34
C MET A 352 15.38 11.54 -30.97
N LEU A 353 15.67 10.62 -31.87
CA LEU A 353 15.37 9.21 -31.68
C LEU A 353 16.66 8.40 -31.67
N TYR A 354 16.70 7.38 -30.80
CA TYR A 354 17.76 6.38 -30.85
C TYR A 354 17.16 5.05 -30.43
N ILE A 355 16.95 4.18 -31.40
CA ILE A 355 16.27 2.89 -31.20
C ILE A 355 17.10 1.86 -31.96
N GLY A 356 16.54 0.68 -32.18
CA GLY A 356 17.31 -0.48 -32.60
C GLY A 356 17.52 -0.57 -34.09
N GLY A 357 16.74 -1.39 -34.79
CA GLY A 357 16.98 -1.58 -36.20
C GLY A 357 15.93 -1.06 -37.16
N LEU A 358 14.71 -0.83 -36.69
CA LEU A 358 13.62 -0.42 -37.58
C LEU A 358 12.98 0.90 -37.20
N ARG A 359 12.61 1.07 -35.95
CA ARG A 359 11.80 2.18 -35.47
C ARG A 359 12.41 3.58 -35.63
N PRO A 360 13.75 3.75 -35.66
CA PRO A 360 14.28 5.11 -35.83
C PRO A 360 13.84 5.78 -37.13
N ARG A 361 13.50 5.03 -38.17
CA ARG A 361 12.93 5.61 -39.37
C ARG A 361 11.44 5.36 -39.52
N HIS A 362 10.92 4.29 -38.92
CA HIS A 362 9.53 3.90 -39.15
C HIS A 362 8.55 4.85 -38.47
N VAL A 363 8.90 5.40 -37.31
CA VAL A 363 7.99 6.24 -36.55
C VAL A 363 8.05 7.71 -36.97
N ILE A 364 8.90 8.05 -37.94
CA ILE A 364 9.01 9.46 -38.34
C ILE A 364 7.70 9.97 -38.93
N GLY A 365 7.00 9.10 -39.67
CA GLY A 365 5.75 9.52 -40.28
C GLY A 365 4.69 9.90 -39.27
N ALA A 366 4.60 9.16 -38.16
CA ALA A 366 3.63 9.51 -37.12
C ALA A 366 3.96 10.86 -36.48
N TYR A 367 5.24 11.09 -36.20
CA TYR A 367 5.65 12.38 -35.64
C TYR A 367 5.30 13.51 -36.58
N GLU A 368 5.57 13.34 -37.88
CA GLU A 368 5.21 14.37 -38.84
C GLU A 368 3.70 14.51 -39.01
N ASP A 369 2.95 13.42 -38.80
CA ASP A 369 1.50 13.51 -38.77
C ASP A 369 1.02 14.36 -37.60
N LEU A 370 1.78 14.39 -36.52
CA LEU A 370 1.46 15.27 -35.40
C LEU A 370 2.13 16.63 -35.50
N GLY A 371 2.68 16.98 -36.66
CA GLY A 371 3.36 18.25 -36.82
C GLY A 371 4.72 18.34 -36.18
N MET A 372 5.31 17.20 -35.82
CA MET A 372 6.53 17.15 -35.05
C MET A 372 7.70 16.86 -36.01
N GLU A 373 8.87 17.39 -35.69
CA GLU A 373 10.03 17.29 -36.58
C GLU A 373 11.13 16.46 -35.92
N VAL A 374 11.61 15.44 -36.62
CA VAL A 374 12.71 14.61 -36.13
C VAL A 374 14.01 15.25 -36.61
N VAL A 375 14.77 15.82 -35.68
CA VAL A 375 16.02 16.49 -36.03
C VAL A 375 17.23 15.56 -35.89
N GLY A 376 17.09 14.48 -35.13
CA GLY A 376 18.17 13.52 -35.00
C GLY A 376 17.64 12.11 -34.88
N THR A 377 18.30 11.17 -35.56
CA THR A 377 17.91 9.78 -35.46
C THR A 377 19.14 8.91 -35.62
N GLY A 378 19.02 7.66 -35.17
CA GLY A 378 20.13 6.74 -35.25
C GLY A 378 19.71 5.38 -34.78
N TYR A 379 20.60 4.43 -35.03
CA TYR A 379 20.31 3.02 -34.78
C TYR A 379 21.39 2.40 -33.91
N GLU A 380 20.97 1.43 -33.09
CA GLU A 380 21.92 0.60 -32.37
C GLU A 380 22.66 -0.33 -33.31
N PHE A 381 21.92 -1.05 -34.17
CA PHE A 381 22.51 -2.17 -34.90
C PHE A 381 22.04 -2.27 -36.35
N ALA A 382 21.59 -1.18 -36.95
CA ALA A 382 21.12 -1.26 -38.33
C ALA A 382 22.28 -1.49 -39.29
N HIS A 383 21.95 -1.96 -40.48
CA HIS A 383 22.90 -2.16 -41.55
C HIS A 383 22.83 -0.98 -42.52
N ASN A 384 23.64 -1.04 -43.57
CA ASN A 384 23.67 0.06 -44.53
C ASN A 384 22.36 0.21 -45.28
N ASP A 385 21.64 -0.89 -45.51
CA ASP A 385 20.35 -0.80 -46.19
C ASP A 385 19.34 -0.03 -45.36
N ASP A 386 19.39 -0.19 -44.03
CA ASP A 386 18.50 0.57 -43.16
C ASP A 386 18.79 2.07 -43.26
N TYR A 387 20.06 2.45 -43.35
CA TYR A 387 20.39 3.86 -43.52
C TYR A 387 20.02 4.37 -44.90
N ASP A 388 20.12 3.52 -45.92
CA ASP A 388 19.59 3.88 -47.23
C ASP A 388 18.11 4.24 -47.15
N ARG A 389 17.34 3.40 -46.46
CA ARG A 389 15.92 3.69 -46.28
C ARG A 389 15.69 4.91 -45.40
N THR A 390 16.59 5.17 -44.45
CA THR A 390 16.41 6.27 -43.51
C THR A 390 16.69 7.62 -44.16
N MET A 391 17.61 7.66 -45.12
CA MET A 391 18.03 8.94 -45.68
C MET A 391 16.87 9.70 -46.33
N LYS A 392 15.99 8.98 -47.04
CA LYS A 392 14.84 9.63 -47.64
C LYS A 392 13.72 9.92 -46.65
N GLU A 393 13.66 9.19 -45.53
CA GLU A 393 12.65 9.45 -44.52
C GLU A 393 13.01 10.62 -43.60
N MET A 394 14.26 11.06 -43.62
CA MET A 394 14.75 12.04 -42.67
C MET A 394 14.97 13.38 -43.37
N GLY A 395 14.82 14.46 -42.60
CA GLY A 395 14.94 15.79 -43.17
C GLY A 395 16.39 16.16 -43.46
N ASP A 396 16.52 17.25 -44.22
CA ASP A 396 17.85 17.73 -44.59
C ASP A 396 18.58 18.31 -43.39
N SER A 397 19.90 18.12 -43.37
CA SER A 397 20.79 18.60 -42.32
C SER A 397 20.41 18.05 -40.94
N THR A 398 19.76 16.90 -40.90
CA THR A 398 19.45 16.25 -39.64
C THR A 398 20.57 15.29 -39.26
N LEU A 399 20.70 15.04 -37.96
CA LEU A 399 21.81 14.25 -37.44
C LEU A 399 21.50 12.75 -37.52
N LEU A 400 22.47 11.98 -37.98
CA LEU A 400 22.38 10.53 -38.06
C LEU A 400 23.50 9.92 -37.22
N TYR A 401 23.14 9.01 -36.33
CA TYR A 401 24.15 8.37 -35.48
C TYR A 401 23.96 6.86 -35.45
N ASP A 402 25.06 6.13 -35.57
CA ASP A 402 25.07 4.68 -35.52
C ASP A 402 25.85 4.24 -34.29
N ASP A 403 25.27 3.32 -33.52
CA ASP A 403 25.90 2.80 -32.31
C ASP A 403 26.41 3.94 -31.44
N VAL A 404 25.53 4.91 -31.19
CA VAL A 404 25.93 6.11 -30.47
C VAL A 404 26.40 5.74 -29.07
N THR A 405 27.48 6.38 -28.63
CA THR A 405 27.92 6.20 -27.26
C THR A 405 27.08 7.09 -26.34
N GLY A 406 27.08 6.76 -25.05
CA GLY A 406 26.34 7.57 -24.09
C GLY A 406 26.83 9.00 -24.05
N TYR A 407 28.15 9.18 -24.07
CA TYR A 407 28.73 10.52 -24.09
C TYR A 407 28.30 11.27 -25.35
N GLU A 408 28.37 10.59 -26.51
CA GLU A 408 27.98 11.21 -27.77
C GLU A 408 26.53 11.67 -27.74
N PHE A 409 25.63 10.78 -27.32
CA PHE A 409 24.21 11.13 -27.31
C PHE A 409 23.93 12.27 -26.34
N GLU A 410 24.55 12.24 -25.17
CA GLU A 410 24.36 13.32 -24.20
C GLU A 410 24.84 14.66 -24.75
N GLU A 411 26.02 14.67 -25.39
CA GLU A 411 26.53 15.92 -25.95
C GLU A 411 25.68 16.42 -27.10
N PHE A 412 25.24 15.51 -27.98
CA PHE A 412 24.36 15.89 -29.07
C PHE A 412 23.07 16.50 -28.55
N VAL A 413 22.50 15.91 -27.51
CA VAL A 413 21.27 16.41 -26.95
C VAL A 413 21.50 17.76 -26.27
N LYS A 414 22.65 17.93 -25.61
CA LYS A 414 22.97 19.20 -25.00
C LYS A 414 23.02 20.32 -26.03
N ARG A 415 23.63 20.05 -27.19
CA ARG A 415 23.75 21.11 -28.20
C ARG A 415 22.43 21.31 -28.95
N ILE A 416 21.82 20.22 -29.41
CA ILE A 416 20.63 20.30 -30.25
C ILE A 416 19.42 20.78 -29.45
N LYS A 417 19.33 20.36 -28.19
CA LYS A 417 18.24 20.71 -27.28
C LYS A 417 16.89 20.32 -27.87
N PRO A 418 16.64 19.03 -28.09
CA PRO A 418 15.33 18.63 -28.63
C PRO A 418 14.24 18.80 -27.60
N ASP A 419 13.01 18.96 -28.10
CA ASP A 419 11.86 19.03 -27.22
C ASP A 419 11.49 17.68 -26.64
N LEU A 420 11.91 16.59 -27.29
CA LEU A 420 11.56 15.24 -26.85
C LEU A 420 12.63 14.29 -27.35
N ILE A 421 12.89 13.26 -26.58
CA ILE A 421 13.82 12.19 -26.95
C ILE A 421 13.08 10.86 -26.88
N GLY A 422 13.22 10.06 -27.93
CA GLY A 422 12.67 8.72 -27.93
C GLY A 422 13.75 7.66 -28.01
N SER A 423 13.93 6.89 -26.94
CA SER A 423 15.02 5.92 -26.87
C SER A 423 14.65 4.84 -25.86
N GLY A 424 15.65 4.09 -25.40
CA GLY A 424 15.43 2.96 -24.52
C GLY A 424 15.55 3.31 -23.05
N ILE A 425 15.41 2.25 -22.24
CA ILE A 425 15.39 2.40 -20.78
C ILE A 425 16.72 2.90 -20.24
N LYS A 426 17.82 2.64 -20.95
CA LYS A 426 19.14 3.03 -20.45
C LYS A 426 19.46 4.51 -20.71
N GLU A 427 18.63 5.22 -21.46
CA GLU A 427 18.77 6.65 -21.68
C GLU A 427 17.69 7.47 -21.00
N LYS A 428 16.60 6.81 -20.59
CA LYS A 428 15.39 7.53 -20.16
C LYS A 428 15.68 8.44 -18.99
N PHE A 429 16.27 7.90 -17.92
CA PHE A 429 16.43 8.67 -16.70
C PHE A 429 17.56 9.69 -16.83
N ILE A 430 18.58 9.39 -17.64
CA ILE A 430 19.59 10.40 -17.94
C ILE A 430 18.94 11.63 -18.53
N PHE A 431 18.10 11.45 -19.54
CA PHE A 431 17.54 12.62 -20.20
C PHE A 431 16.38 13.24 -19.43
N GLN A 432 15.69 12.46 -18.60
CA GLN A 432 14.70 13.05 -17.70
C GLN A 432 15.38 13.96 -16.69
N LYS A 433 16.56 13.58 -16.20
CA LYS A 433 17.26 14.43 -15.24
C LYS A 433 17.77 15.73 -15.85
N MET A 434 17.95 15.77 -17.17
CA MET A 434 18.32 17.00 -17.86
C MET A 434 17.12 17.89 -18.16
N GLY A 435 15.92 17.49 -17.75
CA GLY A 435 14.74 18.29 -17.98
C GLY A 435 14.16 18.17 -19.37
N ILE A 436 14.42 17.07 -20.06
CA ILE A 436 13.97 16.86 -21.42
C ILE A 436 12.97 15.72 -21.42
N PRO A 437 11.74 15.95 -21.90
CA PRO A 437 10.76 14.85 -21.94
C PRO A 437 11.29 13.67 -22.73
N PHE A 438 11.04 12.48 -22.20
CA PHE A 438 11.54 11.23 -22.76
C PHE A 438 10.38 10.28 -22.95
N ARG A 439 10.38 9.58 -24.08
CA ARG A 439 9.44 8.50 -24.34
C ARG A 439 10.22 7.25 -24.67
N GLU A 440 9.88 6.15 -24.02
CA GLU A 440 10.48 4.85 -24.33
C GLU A 440 9.94 4.37 -25.67
N MET A 441 10.80 4.28 -26.67
CA MET A 441 10.39 3.85 -28.00
C MET A 441 10.69 2.38 -28.26
N HIS A 442 11.11 1.62 -27.24
CA HIS A 442 11.12 0.17 -27.31
C HIS A 442 9.84 -0.42 -26.73
N SER A 443 9.58 -0.13 -25.46
CA SER A 443 8.44 -0.68 -24.74
C SER A 443 7.20 0.19 -24.82
N TRP A 444 7.25 1.30 -25.55
CA TRP A 444 6.17 2.29 -25.60
C TRP A 444 5.87 2.85 -24.22
N ASP A 445 6.85 2.83 -23.31
CA ASP A 445 6.67 3.25 -21.92
C ASP A 445 5.50 2.52 -21.28
N TYR A 446 5.41 1.21 -21.52
CA TYR A 446 4.38 0.35 -20.94
C TYR A 446 2.98 0.80 -21.34
N SER A 447 2.90 1.41 -22.51
CA SER A 447 1.66 1.91 -23.09
C SER A 447 1.52 1.31 -24.48
N GLY A 448 0.63 1.86 -25.30
CA GLY A 448 0.46 1.38 -26.64
C GLY A 448 -0.78 0.52 -26.76
N PRO A 449 -0.99 -0.09 -27.93
CA PRO A 449 -0.11 -0.16 -29.11
C PRO A 449 0.04 1.17 -29.84
N TYR A 450 1.03 1.28 -30.73
CA TYR A 450 1.19 2.47 -31.57
C TYR A 450 0.93 2.21 -33.04
N HIS A 451 0.81 0.95 -33.45
CA HIS A 451 0.53 0.61 -34.84
C HIS A 451 -0.93 0.86 -35.18
N GLY A 452 -1.18 1.21 -36.44
CA GLY A 452 -2.53 1.41 -36.91
C GLY A 452 -3.14 2.71 -36.40
N PHE A 453 -4.43 2.86 -36.70
CA PHE A 453 -5.15 4.07 -36.27
C PHE A 453 -5.43 4.05 -34.77
N ASP A 454 -5.86 2.90 -34.25
CA ASP A 454 -6.06 2.77 -32.82
C ASP A 454 -4.76 3.02 -32.07
N GLY A 455 -3.64 2.53 -32.62
CA GLY A 455 -2.35 2.84 -32.05
C GLY A 455 -1.97 4.30 -32.18
N PHE A 456 -2.37 4.95 -33.26
CA PHE A 456 -2.02 6.35 -33.46
C PHE A 456 -2.67 7.23 -32.41
N ALA A 457 -3.90 6.92 -32.03
CA ALA A 457 -4.54 7.68 -30.96
C ALA A 457 -3.71 7.64 -29.67
N ILE A 458 -3.28 6.43 -29.29
CA ILE A 458 -2.48 6.27 -28.08
C ILE A 458 -1.13 6.96 -28.22
N PHE A 459 -0.52 6.86 -29.41
CA PHE A 459 0.78 7.49 -29.64
C PHE A 459 0.69 8.99 -29.46
N ALA A 460 -0.34 9.62 -30.05
CA ALA A 460 -0.51 11.05 -29.90
C ALA A 460 -0.76 11.43 -28.44
N ARG A 461 -1.62 10.67 -27.75
CA ARG A 461 -1.89 10.96 -26.35
C ARG A 461 -0.61 10.86 -25.51
N ASP A 462 0.21 9.84 -25.75
CA ASP A 462 1.43 9.65 -24.97
C ASP A 462 2.45 10.75 -25.24
N MET A 463 2.67 11.08 -26.52
CA MET A 463 3.58 12.16 -26.86
C MET A 463 3.14 13.48 -26.23
N ASP A 464 1.85 13.78 -26.29
CA ASP A 464 1.36 15.02 -25.69
C ASP A 464 1.50 15.01 -24.18
N MET A 465 1.12 13.90 -23.53
CA MET A 465 1.16 13.87 -22.07
C MET A 465 2.59 13.98 -21.55
N THR A 466 3.57 13.46 -22.28
CA THR A 466 4.94 13.58 -21.79
C THR A 466 5.56 14.91 -22.16
N LEU A 467 5.37 15.38 -23.39
CA LEU A 467 5.99 16.61 -23.82
C LEU A 467 5.44 17.81 -23.06
N ASN A 468 4.13 17.84 -22.82
CA ASN A 468 3.48 18.98 -22.20
C ASN A 468 3.18 18.75 -20.72
N ASN A 469 3.91 17.85 -20.07
CA ASN A 469 3.71 17.61 -18.65
C ASN A 469 4.16 18.82 -17.83
N PRO A 470 3.43 19.17 -16.77
CA PRO A 470 3.85 20.31 -15.93
C PRO A 470 5.20 20.09 -15.25
N CYS A 471 5.58 18.84 -14.97
CA CYS A 471 6.80 18.58 -14.21
C CYS A 471 8.03 19.16 -14.89
N TRP A 472 8.06 19.19 -16.22
CA TRP A 472 9.22 19.70 -16.93
C TRP A 472 9.46 21.19 -16.70
N LYS A 473 8.47 21.90 -16.18
CA LYS A 473 8.66 23.31 -15.86
C LYS A 473 9.12 23.53 -14.44
N LYS A 474 9.38 22.46 -13.68
CA LYS A 474 9.60 22.57 -12.25
C LYS A 474 10.96 22.06 -11.81
N LEU A 475 11.91 21.83 -12.73
CA LEU A 475 13.18 21.25 -12.32
C LEU A 475 14.09 22.25 -11.62
N GLN A 476 14.00 23.52 -11.97
CA GLN A 476 14.83 24.54 -11.34
C GLN A 476 14.12 25.10 -10.11
N ALA A 477 14.80 25.06 -8.98
CA ALA A 477 14.22 25.59 -7.75
C ALA A 477 14.03 27.10 -7.87
N PRO A 478 12.92 27.64 -7.35
CA PRO A 478 12.68 29.09 -7.49
C PRO A 478 13.71 29.97 -6.81
N TRP A 479 14.49 29.45 -5.86
CA TRP A 479 15.53 30.24 -5.21
C TRP A 479 16.88 30.12 -5.89
N GLU A 480 16.96 29.42 -7.02
CA GLU A 480 18.19 29.34 -7.79
C GLU A 480 18.06 30.09 -9.10
N SER B 1 -11.33 0.66 -33.02
CA SER B 1 -11.87 2.02 -32.95
C SER B 1 -11.41 2.72 -31.68
N GLN B 2 -11.31 4.05 -31.75
CA GLN B 2 -10.90 4.86 -30.60
C GLN B 2 -11.81 6.07 -30.52
N GLN B 3 -12.30 6.37 -29.32
CA GLN B 3 -12.95 7.64 -29.05
C GLN B 3 -11.88 8.63 -28.63
N VAL B 4 -11.80 9.77 -29.31
CA VAL B 4 -10.73 10.72 -29.05
C VAL B 4 -10.83 11.27 -27.63
N ASP B 5 -12.04 11.30 -27.06
CA ASP B 5 -12.22 11.79 -25.70
C ASP B 5 -11.75 10.79 -24.66
N LYS B 6 -11.87 9.49 -24.93
CA LYS B 6 -11.48 8.44 -24.00
C LYS B 6 -10.68 7.40 -24.78
N ILE B 7 -9.37 7.62 -24.89
CA ILE B 7 -8.51 6.74 -25.66
C ILE B 7 -8.13 5.54 -24.81
N LYS B 8 -8.25 4.35 -25.38
CA LYS B 8 -7.97 3.10 -24.67
C LYS B 8 -6.58 2.59 -25.05
N ALA B 9 -5.75 2.32 -24.03
CA ALA B 9 -4.54 1.57 -24.23
C ALA B 9 -4.88 0.09 -24.43
N SER B 10 -3.84 -0.74 -24.56
CA SER B 10 -4.03 -2.16 -24.89
C SER B 10 -5.08 -2.82 -24.00
N TYR B 11 -4.98 -2.59 -22.68
CA TYR B 11 -6.08 -2.82 -21.79
C TYR B 11 -6.79 -1.49 -21.55
N PRO B 12 -8.10 -1.39 -21.83
CA PRO B 12 -9.01 -2.43 -22.28
C PRO B 12 -9.34 -2.37 -23.77
N LEU B 13 -8.44 -1.86 -24.62
CA LEU B 13 -8.75 -1.77 -26.05
C LEU B 13 -9.03 -3.14 -26.65
N PHE B 14 -8.22 -4.14 -26.29
CA PHE B 14 -8.38 -5.45 -26.91
C PHE B 14 -9.51 -6.25 -26.29
N LEU B 15 -10.26 -5.68 -25.35
CA LEU B 15 -11.48 -6.28 -24.83
C LEU B 15 -12.70 -5.92 -25.67
N ASP B 16 -12.56 -5.01 -26.63
CA ASP B 16 -13.65 -4.65 -27.51
C ASP B 16 -14.07 -5.85 -28.36
N GLN B 17 -15.30 -5.80 -28.85
CA GLN B 17 -15.87 -6.95 -29.54
C GLN B 17 -15.12 -7.30 -30.81
N ASP B 18 -14.71 -6.29 -31.60
CA ASP B 18 -14.01 -6.58 -32.84
C ASP B 18 -12.67 -7.26 -32.59
N TYR B 19 -11.93 -6.79 -31.58
CA TYR B 19 -10.65 -7.41 -31.25
C TYR B 19 -10.86 -8.82 -30.70
N LYS B 20 -11.90 -9.02 -29.88
CA LYS B 20 -12.21 -10.36 -29.40
C LYS B 20 -12.52 -11.31 -30.54
N ASP B 21 -13.34 -10.85 -31.50
CA ASP B 21 -13.69 -11.68 -32.64
C ASP B 21 -12.45 -12.01 -33.47
N MET B 22 -11.59 -11.03 -33.70
CA MET B 22 -10.39 -11.26 -34.48
C MET B 22 -9.47 -12.25 -33.79
N LEU B 23 -9.30 -12.12 -32.47
CA LEU B 23 -8.44 -13.03 -31.73
C LEU B 23 -9.01 -14.45 -31.73
N ALA B 24 -10.33 -14.58 -31.60
CA ALA B 24 -10.96 -15.89 -31.69
C ALA B 24 -10.75 -16.51 -33.05
N LYS B 25 -10.89 -15.72 -34.12
CA LYS B 25 -10.64 -16.23 -35.46
C LYS B 25 -9.21 -16.68 -35.63
N LYS B 26 -8.25 -15.88 -35.14
CA LYS B 26 -6.85 -16.27 -35.18
C LYS B 26 -6.63 -17.61 -34.48
N ARG B 27 -7.14 -17.74 -33.25
CA ARG B 27 -6.95 -18.96 -32.48
C ARG B 27 -7.57 -20.17 -33.16
N ASP B 28 -8.79 -20.02 -33.68
CA ASP B 28 -9.50 -21.16 -34.25
C ASP B 28 -8.96 -21.54 -35.61
N GLY B 29 -8.42 -20.58 -36.36
CA GLY B 29 -7.94 -20.88 -37.69
C GLY B 29 -6.52 -21.37 -37.74
N PHE B 30 -5.61 -20.78 -36.98
CA PHE B 30 -4.20 -20.98 -37.24
C PHE B 30 -3.35 -21.36 -36.05
N GLU B 31 -3.79 -21.11 -34.82
CA GLU B 31 -2.96 -21.42 -33.66
C GLU B 31 -2.90 -22.91 -33.35
N GLU B 32 -3.89 -23.68 -33.80
CA GLU B 32 -3.97 -25.12 -33.49
C GLU B 32 -3.88 -25.34 -31.98
N LYS B 33 -4.62 -24.51 -31.26
CA LYS B 33 -4.56 -24.49 -29.80
C LYS B 33 -5.17 -25.76 -29.23
N TYR B 34 -4.62 -26.20 -28.10
CA TYR B 34 -5.23 -27.30 -27.37
C TYR B 34 -6.63 -26.89 -26.92
N PRO B 35 -7.57 -27.82 -26.87
CA PRO B 35 -8.93 -27.48 -26.42
C PRO B 35 -8.90 -26.94 -25.00
N GLN B 36 -9.83 -26.03 -24.71
CA GLN B 36 -9.81 -25.33 -23.44
C GLN B 36 -9.99 -26.28 -22.26
N ASP B 37 -10.77 -27.35 -22.44
CA ASP B 37 -10.92 -28.32 -21.35
C ASP B 37 -9.60 -29.02 -21.04
N LYS B 38 -8.81 -29.32 -22.08
CA LYS B 38 -7.49 -29.90 -21.85
C LYS B 38 -6.58 -28.94 -21.11
N ILE B 39 -6.64 -27.65 -21.47
CA ILE B 39 -5.83 -26.64 -20.79
C ILE B 39 -6.22 -26.55 -19.32
N ASP B 40 -7.53 -26.55 -19.05
CA ASP B 40 -8.00 -26.52 -17.67
C ASP B 40 -7.56 -27.76 -16.90
N GLU B 41 -7.63 -28.93 -17.55
CA GLU B 41 -7.20 -30.17 -16.91
C GLU B 41 -5.73 -30.10 -16.54
N VAL B 42 -4.90 -29.61 -17.47
CA VAL B 42 -3.46 -29.55 -17.22
C VAL B 42 -3.16 -28.54 -16.11
N PHE B 43 -3.85 -27.39 -16.11
CA PHE B 43 -3.65 -26.42 -15.05
C PHE B 43 -4.00 -27.01 -13.68
N GLN B 44 -5.17 -27.64 -13.57
CA GLN B 44 -5.57 -28.27 -12.32
C GLN B 44 -4.55 -29.31 -11.90
N TRP B 45 -4.02 -30.07 -12.86
CA TRP B 45 -2.97 -31.04 -12.56
C TRP B 45 -1.74 -30.35 -11.98
N THR B 46 -1.34 -29.22 -12.58
CA THR B 46 -0.17 -28.50 -12.07
C THR B 46 -0.40 -27.93 -10.67
N THR B 47 -1.66 -27.81 -10.24
CA THR B 47 -1.91 -27.35 -8.88
C THR B 47 -1.77 -28.44 -7.82
N THR B 48 -1.56 -29.69 -8.20
CA THR B 48 -1.73 -30.82 -7.28
C THR B 48 -0.41 -31.25 -6.63
N LYS B 49 -0.54 -32.20 -5.69
CA LYS B 49 0.60 -32.73 -4.98
C LYS B 49 1.44 -33.67 -5.85
N GLU B 50 0.81 -34.41 -6.75
CA GLU B 50 1.56 -35.26 -7.68
C GLU B 50 2.43 -34.42 -8.60
N TYR B 51 1.89 -33.32 -9.10
CA TYR B 51 2.70 -32.40 -9.90
C TYR B 51 3.83 -31.82 -9.07
N GLN B 52 3.57 -31.51 -7.80
CA GLN B 52 4.63 -30.96 -6.95
C GLN B 52 5.73 -31.99 -6.73
N GLU B 53 5.36 -33.26 -6.57
CA GLU B 53 6.37 -34.31 -6.44
C GLU B 53 7.22 -34.41 -7.70
N LEU B 54 6.59 -34.33 -8.87
CA LEU B 54 7.37 -34.29 -10.11
C LEU B 54 8.22 -33.03 -10.19
N ASN B 55 7.68 -31.90 -9.71
CA ASN B 55 8.38 -30.62 -9.75
C ASN B 55 9.66 -30.66 -8.94
N PHE B 56 9.61 -31.22 -7.74
CA PHE B 56 10.75 -31.23 -6.85
C PHE B 56 11.74 -32.34 -7.17
N GLN B 57 11.46 -33.15 -8.17
CA GLN B 57 12.41 -34.13 -8.70
C GLN B 57 13.32 -33.55 -9.78
N ARG B 58 13.17 -32.28 -10.11
CA ARG B 58 13.98 -31.67 -11.16
C ARG B 58 15.44 -31.66 -10.77
N GLU B 59 16.30 -31.98 -11.74
CA GLU B 59 17.74 -31.99 -11.55
C GLU B 59 18.49 -31.10 -12.53
N ALA B 60 17.96 -30.92 -13.73
CA ALA B 60 18.62 -30.15 -14.78
C ALA B 60 17.88 -28.89 -15.19
N LEU B 61 16.55 -28.88 -15.08
CA LEU B 61 15.75 -27.75 -15.50
C LEU B 61 15.53 -26.78 -14.35
N THR B 62 15.73 -25.50 -14.61
CA THR B 62 15.38 -24.44 -13.68
C THR B 62 14.31 -23.57 -14.33
N VAL B 63 13.25 -23.29 -13.58
CA VAL B 63 12.11 -22.52 -14.08
C VAL B 63 11.90 -21.33 -13.17
N ASN B 64 11.96 -20.13 -13.74
CA ASN B 64 11.76 -18.87 -13.02
C ASN B 64 12.69 -18.78 -11.80
N PRO B 65 13.99 -18.65 -12.01
CA PRO B 65 14.91 -18.58 -10.87
C PRO B 65 14.72 -17.29 -10.07
N ALA B 66 15.20 -17.34 -8.83
CA ALA B 66 15.15 -16.20 -7.91
C ALA B 66 16.55 -15.69 -7.61
N LYS B 67 17.37 -15.56 -8.64
CA LYS B 67 18.74 -15.11 -8.48
C LYS B 67 19.25 -14.59 -9.82
N ALA B 68 20.30 -13.79 -9.76
CA ALA B 68 20.99 -13.28 -10.94
C ALA B 68 22.43 -13.79 -10.92
N CYS B 69 23.24 -13.30 -11.84
CA CYS B 69 24.62 -13.72 -11.96
C CYS B 69 25.56 -12.72 -11.29
N GLN B 70 26.78 -13.17 -11.00
CA GLN B 70 27.76 -12.41 -10.24
C GLN B 70 28.04 -11.00 -10.74
N PRO B 71 28.27 -10.76 -12.04
CA PRO B 71 28.67 -9.40 -12.45
C PRO B 71 27.64 -8.33 -12.11
N LEU B 72 26.36 -8.67 -12.00
CA LEU B 72 25.38 -7.70 -11.52
C LEU B 72 25.75 -7.18 -10.13
N GLY B 73 26.06 -8.10 -9.21
CA GLY B 73 26.48 -7.69 -7.89
C GLY B 73 27.80 -6.95 -7.91
N ALA B 74 28.72 -7.38 -8.77
CA ALA B 74 29.99 -6.65 -8.90
C ALA B 74 29.76 -5.21 -9.34
N VAL B 75 28.85 -5.01 -10.30
CA VAL B 75 28.54 -3.66 -10.77
C VAL B 75 27.92 -2.83 -9.67
N LEU B 76 26.97 -3.42 -8.93
CA LEU B 76 26.35 -2.69 -7.83
C LEU B 76 27.37 -2.29 -6.78
N CYS B 77 28.30 -3.19 -6.44
CA CYS B 77 29.35 -2.85 -5.49
C CYS B 77 30.24 -1.75 -6.03
N ALA B 78 30.63 -1.82 -7.31
CA ALA B 78 31.48 -0.79 -7.89
C ALA B 78 30.80 0.58 -7.89
N LEU B 79 29.47 0.61 -8.06
CA LEU B 79 28.75 1.86 -8.09
C LEU B 79 28.79 2.60 -6.75
N GLY B 80 29.20 1.94 -5.67
CA GLY B 80 29.25 2.54 -4.35
C GLY B 80 30.54 3.27 -4.02
N PHE B 81 31.43 3.47 -4.98
CA PHE B 81 32.69 4.15 -4.74
C PHE B 81 32.75 5.44 -5.56
N GLU B 82 33.44 6.43 -5.01
CA GLU B 82 33.41 7.77 -5.57
C GLU B 82 33.99 7.80 -6.97
N LYS B 83 33.21 8.36 -7.90
CA LYS B 83 33.63 8.55 -9.30
C LYS B 83 34.22 7.29 -9.89
N THR B 84 33.55 6.18 -9.67
CA THR B 84 34.03 4.87 -10.07
C THR B 84 33.17 4.34 -11.22
N MET B 85 33.82 3.87 -12.27
CA MET B 85 33.12 3.27 -13.38
C MET B 85 33.14 1.76 -13.24
N PRO B 86 31.97 1.11 -13.14
CA PRO B 86 31.94 -0.34 -13.31
C PRO B 86 32.32 -0.71 -14.73
N TYR B 87 33.23 -1.67 -14.86
CA TYR B 87 33.82 -2.07 -16.13
C TYR B 87 33.76 -3.58 -16.17
N VAL B 88 32.90 -4.14 -17.01
CA VAL B 88 32.75 -5.58 -17.10
C VAL B 88 33.50 -6.04 -18.35
N HIS B 89 34.69 -6.58 -18.12
CA HIS B 89 35.48 -7.19 -19.18
C HIS B 89 34.78 -8.42 -19.73
N GLY B 90 34.40 -8.36 -20.98
CA GLY B 90 33.71 -9.47 -21.61
C GLY B 90 32.74 -8.96 -22.66
N SER B 91 31.56 -9.59 -22.69
CA SER B 91 30.57 -9.36 -23.73
C SER B 91 29.64 -8.22 -23.37
N GLN B 92 29.27 -7.41 -24.38
CA GLN B 92 28.51 -6.19 -24.12
C GLN B 92 27.04 -6.47 -23.79
N GLY B 93 26.51 -7.60 -24.26
CA GLY B 93 25.12 -7.93 -23.95
C GLY B 93 24.86 -8.03 -22.45
N CYS B 94 25.85 -8.56 -21.72
CA CYS B 94 25.75 -8.62 -20.27
C CYS B 94 25.58 -7.23 -19.67
N VAL B 95 26.38 -6.26 -20.13
CA VAL B 95 26.31 -4.92 -19.58
C VAL B 95 24.98 -4.26 -19.93
N ALA B 96 24.50 -4.46 -21.16
CA ALA B 96 23.18 -3.95 -21.52
C ALA B 96 22.13 -4.49 -20.57
N TYR B 97 22.17 -5.80 -20.28
CA TYR B 97 21.18 -6.39 -19.39
C TYR B 97 21.32 -5.88 -17.95
N PHE B 98 22.55 -5.78 -17.44
CA PHE B 98 22.74 -5.28 -16.08
C PHE B 98 22.18 -3.87 -15.94
N ARG B 99 22.50 -3.01 -16.90
CA ARG B 99 22.02 -1.64 -16.85
C ARG B 99 20.50 -1.59 -16.92
N SER B 100 19.89 -2.38 -17.82
CA SER B 100 18.43 -2.37 -17.91
C SER B 100 17.79 -2.86 -16.62
N TYR B 101 18.34 -3.93 -16.03
CA TYR B 101 17.81 -4.47 -14.78
C TYR B 101 17.83 -3.41 -13.68
N PHE B 102 18.99 -2.78 -13.48
CA PHE B 102 19.10 -1.78 -12.42
C PHE B 102 18.31 -0.52 -12.72
N ASN B 103 18.19 -0.14 -14.00
CA ASN B 103 17.35 0.99 -14.38
C ASN B 103 15.90 0.72 -14.01
N ARG B 104 15.42 -0.48 -14.30
CA ARG B 104 14.02 -0.79 -14.02
C ARG B 104 13.76 -0.85 -12.52
N HIS B 105 14.71 -1.38 -11.74
CA HIS B 105 14.50 -1.40 -10.30
C HIS B 105 14.57 0.01 -9.69
N PHE B 106 15.63 0.76 -9.99
CA PHE B 106 15.88 2.02 -9.31
C PHE B 106 15.24 3.22 -9.99
N ARG B 107 14.82 3.08 -11.25
CA ARG B 107 14.32 4.19 -12.05
C ARG B 107 15.31 5.35 -12.08
N GLU B 108 16.58 5.01 -12.27
CA GLU B 108 17.68 5.95 -12.24
C GLU B 108 18.70 5.53 -13.29
N PRO B 109 19.54 6.46 -13.73
CA PRO B 109 20.65 6.06 -14.62
C PRO B 109 21.59 5.11 -13.90
N VAL B 110 22.11 4.15 -14.65
CA VAL B 110 23.12 3.23 -14.13
C VAL B 110 24.25 3.19 -15.16
N SER B 111 25.43 3.65 -14.75
CA SER B 111 26.56 3.77 -15.64
C SER B 111 27.47 2.55 -15.49
N CYS B 112 27.75 1.90 -16.61
CA CYS B 112 28.61 0.73 -16.63
C CYS B 112 29.10 0.54 -18.06
N VAL B 113 30.33 0.08 -18.21
CA VAL B 113 30.91 -0.07 -19.55
C VAL B 113 31.34 -1.52 -19.74
N SER B 114 31.47 -1.88 -21.01
CA SER B 114 31.98 -3.16 -21.45
C SER B 114 33.15 -2.91 -22.38
N ASP B 115 34.05 -3.89 -22.48
CA ASP B 115 35.08 -3.80 -23.51
C ASP B 115 34.72 -4.59 -24.76
N SER B 116 33.47 -5.06 -24.84
CA SER B 116 32.88 -5.58 -26.07
C SER B 116 33.75 -6.67 -26.71
N MET B 117 33.98 -7.72 -25.94
CA MET B 117 34.70 -8.87 -26.46
C MET B 117 33.82 -9.62 -27.46
N THR B 118 34.38 -9.89 -28.63
CA THR B 118 33.67 -10.52 -29.72
C THR B 118 34.30 -11.88 -30.02
N GLU B 119 33.88 -12.48 -31.14
CA GLU B 119 34.29 -13.84 -31.46
C GLU B 119 35.80 -13.98 -31.65
N ASP B 120 36.47 -12.93 -32.14
CA ASP B 120 37.92 -13.02 -32.28
C ASP B 120 38.60 -13.14 -30.93
N ALA B 121 38.12 -12.38 -29.94
CA ALA B 121 38.65 -12.49 -28.59
C ALA B 121 38.45 -13.87 -28.00
N ALA B 122 37.52 -14.66 -28.57
CA ALA B 122 37.31 -16.02 -28.11
C ALA B 122 38.49 -16.94 -28.42
N VAL B 123 39.42 -16.50 -29.26
CA VAL B 123 40.60 -17.28 -29.60
C VAL B 123 41.87 -16.68 -29.01
N PHE B 124 41.99 -15.35 -29.05
CA PHE B 124 43.21 -14.67 -28.61
C PHE B 124 43.09 -14.08 -27.21
N GLY B 125 41.89 -13.96 -26.67
CA GLY B 125 41.70 -13.30 -25.39
C GLY B 125 41.31 -11.84 -25.57
N GLY B 126 41.02 -11.21 -24.44
CA GLY B 126 40.55 -9.84 -24.44
C GLY B 126 41.58 -8.81 -24.02
N GLN B 127 42.86 -9.11 -24.22
CA GLN B 127 43.93 -8.17 -23.84
C GLN B 127 43.79 -6.84 -24.59
N GLN B 128 43.66 -6.90 -25.91
CA GLN B 128 43.48 -5.68 -26.68
C GLN B 128 42.20 -4.97 -26.27
N ASN B 129 41.13 -5.73 -26.04
CA ASN B 129 39.89 -5.15 -25.54
C ASN B 129 40.12 -4.43 -24.23
N MET B 130 40.87 -5.04 -23.30
CA MET B 130 41.13 -4.39 -22.02
C MET B 130 41.91 -3.09 -22.19
N LYS B 131 42.99 -3.12 -22.97
CA LYS B 131 43.80 -1.92 -23.14
C LYS B 131 42.97 -0.78 -23.74
N ASP B 132 42.32 -1.06 -24.87
CA ASP B 132 41.53 -0.04 -25.55
C ASP B 132 40.36 0.41 -24.68
N GLY B 133 39.71 -0.51 -23.97
CA GLY B 133 38.57 -0.15 -23.17
C GLY B 133 38.93 0.72 -21.98
N LEU B 134 40.00 0.38 -21.26
CA LEU B 134 40.42 1.23 -20.16
C LEU B 134 40.81 2.61 -20.65
N GLN B 135 41.56 2.68 -21.75
CA GLN B 135 41.95 3.99 -22.28
C GLN B 135 40.72 4.81 -22.68
N ASN B 136 39.78 4.18 -23.41
CA ASN B 136 38.60 4.90 -23.89
C ASN B 136 37.72 5.34 -22.74
N CYS B 137 37.49 4.46 -21.76
CA CYS B 137 36.64 4.79 -20.62
C CYS B 137 37.23 5.94 -19.81
N LYS B 138 38.53 5.87 -19.51
CA LYS B 138 39.18 6.94 -18.78
C LYS B 138 39.12 8.25 -19.54
N ALA B 139 39.36 8.23 -20.85
CA ALA B 139 39.34 9.46 -21.63
C ALA B 139 37.93 10.06 -21.70
N THR B 140 36.93 9.22 -21.88
CA THR B 140 35.59 9.68 -22.19
C THR B 140 34.78 10.06 -20.95
N TYR B 141 34.69 9.15 -19.97
CA TYR B 141 33.84 9.37 -18.82
C TYR B 141 34.60 9.87 -17.60
N LYS B 142 35.93 9.96 -17.70
CA LYS B 142 36.78 10.54 -16.66
C LYS B 142 36.46 10.03 -15.25
N PRO B 143 36.50 8.73 -15.02
CA PRO B 143 36.37 8.24 -13.65
C PRO B 143 37.66 8.43 -12.88
N ASP B 144 37.54 8.49 -11.56
CA ASP B 144 38.71 8.43 -10.71
C ASP B 144 39.18 6.99 -10.48
N MET B 145 38.31 6.02 -10.76
CA MET B 145 38.60 4.62 -10.55
C MET B 145 37.79 3.81 -11.55
N ILE B 146 38.37 2.72 -12.02
CA ILE B 146 37.68 1.76 -12.88
C ILE B 146 37.71 0.42 -12.18
N ALA B 147 36.54 -0.11 -11.84
CA ALA B 147 36.43 -1.36 -11.11
C ALA B 147 36.01 -2.46 -12.08
N VAL B 148 36.86 -3.46 -12.25
CA VAL B 148 36.75 -4.43 -13.34
C VAL B 148 36.21 -5.75 -12.81
N SER B 149 35.12 -6.22 -13.42
CA SER B 149 34.58 -7.56 -13.23
C SER B 149 34.60 -8.29 -14.57
N THR B 150 34.03 -9.48 -14.61
CA THR B 150 34.07 -10.31 -15.80
C THR B 150 32.70 -10.87 -16.15
N THR B 151 32.47 -11.09 -17.44
CA THR B 151 31.36 -11.89 -17.90
C THR B 151 31.81 -13.35 -18.03
N CYS B 152 30.83 -14.24 -18.22
CA CYS B 152 31.15 -15.67 -18.28
C CYS B 152 32.06 -16.00 -19.44
N MET B 153 31.96 -15.25 -20.54
CA MET B 153 32.84 -15.49 -21.69
C MET B 153 34.30 -15.34 -21.30
N ALA B 154 34.63 -14.25 -20.60
CA ALA B 154 36.00 -14.02 -20.16
C ALA B 154 36.45 -15.05 -19.15
N GLU B 155 35.54 -15.54 -18.30
CA GLU B 155 35.91 -16.55 -17.32
C GLU B 155 36.18 -17.89 -17.98
N VAL B 156 35.34 -18.30 -18.92
CA VAL B 156 35.54 -19.56 -19.63
C VAL B 156 36.80 -19.48 -20.48
N ILE B 157 37.02 -18.34 -21.14
CA ILE B 157 38.19 -18.14 -21.97
C ILE B 157 39.47 -18.22 -21.14
N GLY B 158 39.41 -17.75 -19.89
CA GLY B 158 40.57 -17.75 -19.03
C GLY B 158 41.35 -16.46 -19.04
N ASP B 159 40.67 -15.33 -19.25
CA ASP B 159 41.36 -14.05 -19.29
C ASP B 159 41.93 -13.71 -17.92
N ASP B 160 43.22 -13.41 -17.87
CA ASP B 160 43.89 -13.03 -16.63
C ASP B 160 43.75 -11.52 -16.48
N LEU B 161 42.83 -11.09 -15.61
CA LEU B 161 42.57 -9.66 -15.44
C LEU B 161 43.80 -8.93 -14.92
N ASN B 162 44.50 -9.53 -13.95
CA ASN B 162 45.64 -8.86 -13.36
C ASN B 162 46.73 -8.59 -14.40
N ALA B 163 47.04 -9.61 -15.21
CA ALA B 163 48.04 -9.44 -16.26
C ALA B 163 47.58 -8.44 -17.31
N PHE B 164 46.29 -8.48 -17.67
CA PHE B 164 45.78 -7.57 -18.69
C PHE B 164 45.89 -6.12 -18.23
N ILE B 165 45.49 -5.85 -16.99
CA ILE B 165 45.56 -4.49 -16.46
C ILE B 165 47.01 -4.05 -16.31
N ASN B 166 47.88 -4.96 -15.86
CA ASN B 166 49.29 -4.63 -15.72
C ASN B 166 49.90 -4.29 -17.07
N ASN B 167 49.54 -5.03 -18.12
CA ASN B 167 50.03 -4.73 -19.46
C ASN B 167 49.46 -3.42 -19.97
N SER B 168 48.21 -3.12 -19.63
CA SER B 168 47.62 -1.85 -20.03
C SER B 168 48.38 -0.68 -19.41
N LYS B 169 48.76 -0.80 -18.14
CA LYS B 169 49.54 0.25 -17.50
C LYS B 169 50.97 0.28 -18.00
N LYS B 170 51.53 -0.87 -18.35
CA LYS B 170 52.91 -0.93 -18.81
C LYS B 170 53.08 -0.30 -20.18
N GLU B 171 52.04 -0.34 -21.01
CA GLU B 171 52.11 0.15 -22.38
C GLU B 171 51.52 1.54 -22.55
N GLY B 172 51.18 2.21 -21.45
CA GLY B 172 50.74 3.59 -21.52
C GLY B 172 49.28 3.81 -21.83
N PHE B 173 48.47 2.76 -21.87
CA PHE B 173 47.04 2.96 -22.13
C PHE B 173 46.36 3.67 -20.96
N ILE B 174 46.77 3.36 -19.74
CA ILE B 174 46.29 4.09 -18.56
C ILE B 174 47.49 4.42 -17.69
N PRO B 175 47.44 5.48 -16.88
CA PRO B 175 48.56 5.79 -16.00
C PRO B 175 48.80 4.68 -14.99
N ASP B 176 50.07 4.51 -14.62
CA ASP B 176 50.43 3.46 -13.67
C ASP B 176 49.79 3.67 -12.31
N GLU B 177 49.54 4.93 -11.94
CA GLU B 177 48.95 5.24 -10.65
C GLU B 177 47.42 5.22 -10.65
N PHE B 178 46.79 5.04 -11.81
CA PHE B 178 45.33 5.06 -11.87
C PHE B 178 44.78 3.79 -11.22
N PRO B 179 43.81 3.90 -10.31
CA PRO B 179 43.31 2.71 -9.61
C PRO B 179 42.42 1.87 -10.51
N VAL B 180 42.82 0.62 -10.73
CA VAL B 180 42.01 -0.33 -11.49
C VAL B 180 41.85 -1.61 -10.68
N PRO B 181 41.06 -1.61 -9.62
CA PRO B 181 40.77 -2.87 -8.93
C PRO B 181 39.97 -3.80 -9.82
N PHE B 182 40.14 -5.10 -9.58
CA PHE B 182 39.51 -6.11 -10.41
C PHE B 182 39.03 -7.26 -9.55
N ALA B 183 38.08 -8.01 -10.09
CA ALA B 183 37.62 -9.25 -9.47
C ALA B 183 37.15 -10.20 -10.56
N HIS B 184 37.41 -11.48 -10.37
CA HIS B 184 36.82 -12.50 -11.22
C HIS B 184 35.42 -12.81 -10.70
N THR B 185 34.41 -12.69 -11.56
CA THR B 185 33.01 -12.84 -11.17
C THR B 185 32.33 -13.83 -12.12
N PRO B 186 32.65 -15.12 -12.00
CA PRO B 186 32.05 -16.11 -12.91
C PRO B 186 30.57 -16.30 -12.62
N SER B 187 29.76 -16.19 -13.68
CA SER B 187 28.31 -16.27 -13.49
C SER B 187 27.85 -17.68 -13.17
N PHE B 188 28.66 -18.70 -13.44
CA PHE B 188 28.33 -20.07 -13.14
C PHE B 188 28.73 -20.48 -11.73
N VAL B 189 29.17 -19.53 -10.91
CA VAL B 189 29.44 -19.75 -9.49
C VAL B 189 28.57 -18.78 -8.70
N GLY B 190 27.85 -19.30 -7.72
CA GLY B 190 27.09 -18.46 -6.82
C GLY B 190 26.00 -17.68 -7.53
N SER B 191 25.94 -16.39 -7.23
CA SER B 191 24.88 -15.52 -7.75
C SER B 191 25.39 -14.07 -7.71
N HIS B 192 24.47 -13.13 -7.86
CA HIS B 192 24.83 -11.71 -7.86
C HIS B 192 25.47 -11.28 -6.55
N VAL B 193 24.99 -11.82 -5.42
CA VAL B 193 25.57 -11.45 -4.12
C VAL B 193 27.01 -11.91 -4.03
N THR B 194 27.32 -13.07 -4.62
CA THR B 194 28.70 -13.53 -4.68
C THR B 194 29.56 -12.58 -5.50
N GLY B 195 28.99 -12.04 -6.58
CA GLY B 195 29.71 -11.05 -7.36
C GLY B 195 29.99 -9.78 -6.56
N TRP B 196 29.01 -9.34 -5.76
CA TRP B 196 29.25 -8.21 -4.87
C TRP B 196 30.40 -8.49 -3.92
N ASP B 197 30.40 -9.69 -3.32
CA ASP B 197 31.45 -10.07 -2.39
C ASP B 197 32.81 -10.07 -3.07
N ASN B 198 32.91 -10.68 -4.25
CA ASN B 198 34.17 -10.73 -4.98
C ASN B 198 34.65 -9.33 -5.35
N MET B 199 33.76 -8.48 -5.84
CA MET B 199 34.16 -7.14 -6.25
C MET B 199 34.65 -6.32 -5.07
N PHE B 200 33.93 -6.39 -3.94
CA PHE B 200 34.36 -5.64 -2.76
C PHE B 200 35.70 -6.16 -2.26
N GLU B 201 35.89 -7.48 -2.23
CA GLU B 201 37.17 -8.02 -1.80
C GLU B 201 38.29 -7.56 -2.72
N GLY B 202 38.04 -7.54 -4.03
CA GLY B 202 39.05 -7.06 -4.96
C GLY B 202 39.43 -5.62 -4.72
N ILE B 203 38.43 -4.76 -4.48
CA ILE B 203 38.71 -3.34 -4.24
C ILE B 203 39.49 -3.16 -2.93
N ALA B 204 39.05 -3.84 -1.87
CA ALA B 204 39.72 -3.71 -0.58
C ALA B 204 41.16 -4.22 -0.66
N ARG B 205 41.37 -5.35 -1.34
CA ARG B 205 42.71 -5.86 -1.57
C ARG B 205 43.55 -4.88 -2.37
N TYR B 206 42.96 -4.29 -3.42
CA TYR B 206 43.70 -3.35 -4.24
C TYR B 206 44.20 -2.18 -3.41
N PHE B 207 43.38 -1.69 -2.49
CA PHE B 207 43.75 -0.48 -1.78
C PHE B 207 44.49 -0.72 -0.47
N THR B 208 44.49 -1.93 0.08
CA THR B 208 45.07 -2.13 1.40
C THR B 208 46.13 -3.22 1.50
N LEU B 209 46.20 -4.16 0.55
CA LEU B 209 47.03 -5.35 0.76
C LEU B 209 48.51 -5.00 0.87
N LYS B 210 48.99 -4.08 0.04
CA LYS B 210 50.42 -3.77 -0.03
C LYS B 210 50.85 -2.68 0.93
N SER B 211 49.94 -2.12 1.72
CA SER B 211 50.27 -0.99 2.58
C SER B 211 49.88 -1.25 4.03
N MET B 212 50.04 -2.48 4.48
CA MET B 212 49.58 -2.87 5.81
C MET B 212 50.60 -2.58 6.90
N ASP B 213 51.83 -2.19 6.54
CA ASP B 213 52.89 -2.06 7.54
C ASP B 213 52.63 -0.93 8.53
N ASP B 214 52.13 0.20 8.04
CA ASP B 214 51.88 1.36 8.89
C ASP B 214 50.48 1.37 9.46
N LYS B 215 49.69 0.34 9.23
CA LYS B 215 48.32 0.29 9.74
C LYS B 215 48.32 -0.14 11.21
N VAL B 216 47.49 0.54 12.00
CA VAL B 216 47.28 0.20 13.40
C VAL B 216 45.77 0.07 13.62
N VAL B 217 45.35 -1.08 14.12
CA VAL B 217 43.93 -1.34 14.32
C VAL B 217 43.37 -0.39 15.37
N GLY B 218 42.28 0.28 15.03
CA GLY B 218 41.65 1.23 15.92
C GLY B 218 42.27 2.60 15.96
N SER B 219 43.17 2.92 15.03
CA SER B 219 43.88 4.19 15.09
C SER B 219 43.01 5.36 14.66
N ASN B 220 42.04 5.15 13.77
CA ASN B 220 41.17 6.24 13.33
C ASN B 220 39.87 6.32 14.11
N LYS B 221 39.66 5.45 15.10
CA LYS B 221 38.49 5.48 15.98
C LYS B 221 37.18 5.33 15.23
N LYS B 222 37.18 4.59 14.13
CA LYS B 222 35.99 4.40 13.31
C LYS B 222 35.63 2.93 13.23
N ILE B 223 34.41 2.66 12.79
CA ILE B 223 33.95 1.31 12.50
C ILE B 223 33.65 1.22 11.02
N ASN B 224 34.19 0.22 10.37
CA ASN B 224 33.86 -0.03 8.97
C ASN B 224 32.52 -0.74 8.87
N ILE B 225 31.70 -0.30 7.93
CA ILE B 225 30.41 -0.93 7.64
C ILE B 225 30.43 -1.38 6.19
N VAL B 226 30.30 -2.68 5.97
CA VAL B 226 30.18 -3.25 4.63
C VAL B 226 28.72 -3.69 4.45
N PRO B 227 27.96 -3.01 3.61
CA PRO B 227 26.52 -3.32 3.51
C PRO B 227 26.23 -4.58 2.71
N GLY B 228 27.10 -4.91 1.76
CA GLY B 228 26.81 -5.99 0.84
C GLY B 228 25.82 -5.56 -0.23
N PHE B 229 25.35 -6.56 -0.97
CA PHE B 229 24.37 -6.31 -2.04
C PHE B 229 23.08 -5.77 -1.44
N GLU B 230 22.81 -4.49 -1.65
CA GLU B 230 21.67 -3.82 -1.04
C GLU B 230 20.98 -2.96 -2.08
N THR B 231 19.66 -3.12 -2.21
CA THR B 231 18.90 -2.40 -3.23
C THR B 231 17.83 -1.50 -2.64
N TYR B 232 17.86 -1.27 -1.33
CA TYR B 232 17.03 -0.27 -0.69
C TYR B 232 17.92 0.88 -0.23
N LEU B 233 17.66 2.08 -0.76
CA LEU B 233 18.42 3.25 -0.34
C LEU B 233 18.19 3.55 1.13
N GLY B 234 17.00 3.25 1.62
CA GLY B 234 16.68 3.46 3.02
C GLY B 234 17.59 2.69 3.96
N ASN B 235 18.12 1.56 3.52
CA ASN B 235 18.99 0.77 4.39
C ASN B 235 20.34 1.45 4.61
N PHE B 236 20.97 1.93 3.53
CA PHE B 236 22.16 2.75 3.68
C PHE B 236 21.89 3.94 4.56
N ARG B 237 20.79 4.65 4.29
CA ARG B 237 20.50 5.86 5.03
C ARG B 237 20.24 5.58 6.51
N VAL B 238 19.55 4.49 6.82
CA VAL B 238 19.21 4.19 8.20
C VAL B 238 20.46 3.76 8.97
N ILE B 239 21.34 2.99 8.35
CA ILE B 239 22.58 2.63 9.03
C ILE B 239 23.38 3.89 9.36
N LYS B 240 23.50 4.78 8.37
CA LYS B 240 24.24 6.02 8.61
C LYS B 240 23.58 6.87 9.69
N ARG B 241 22.25 6.94 9.68
CA ARG B 241 21.54 7.77 10.65
C ARG B 241 21.68 7.22 12.07
N MET B 242 21.54 5.90 12.23
CA MET B 242 21.68 5.30 13.56
C MET B 242 23.10 5.46 14.08
N LEU B 243 24.11 5.30 13.21
CA LEU B 243 25.48 5.47 13.68
C LEU B 243 25.77 6.93 14.05
N SER B 244 25.22 7.87 13.27
CA SER B 244 25.39 9.28 13.62
C SER B 244 24.69 9.63 14.93
N GLU B 245 23.52 9.04 15.17
CA GLU B 245 22.81 9.30 16.42
C GLU B 245 23.60 8.80 17.62
N MET B 246 24.29 7.67 17.47
CA MET B 246 25.14 7.14 18.53
C MET B 246 26.42 7.94 18.69
N GLY B 247 26.73 8.85 17.78
CA GLY B 247 28.03 9.50 17.80
C GLY B 247 29.17 8.58 17.43
N VAL B 248 28.89 7.51 16.69
CA VAL B 248 29.89 6.50 16.36
C VAL B 248 30.53 6.89 15.04
N GLY B 249 31.85 7.07 15.05
CA GLY B 249 32.60 7.25 13.82
C GLY B 249 32.52 6.01 12.96
N TYR B 250 32.18 6.18 11.69
CA TYR B 250 31.98 5.04 10.81
C TYR B 250 32.48 5.34 9.42
N SER B 251 32.75 4.29 8.66
CA SER B 251 33.11 4.37 7.25
C SER B 251 32.24 3.35 6.51
N LEU B 252 31.26 3.84 5.76
CA LEU B 252 30.40 2.97 4.96
C LEU B 252 31.12 2.68 3.65
N LEU B 253 31.70 1.49 3.55
CA LEU B 253 32.44 1.10 2.36
C LEU B 253 31.45 0.60 1.30
N SER B 254 31.59 1.08 0.08
CA SER B 254 30.63 0.84 -1.01
C SER B 254 29.24 1.41 -0.66
N ASP B 255 29.18 2.74 -0.68
CA ASP B 255 27.95 3.49 -0.44
C ASP B 255 27.39 4.04 -1.76
N PRO B 256 26.47 3.35 -2.42
CA PRO B 256 25.89 3.85 -3.68
C PRO B 256 24.63 4.68 -3.53
N GLU B 257 24.28 5.11 -2.32
CA GLU B 257 23.00 5.76 -2.08
C GLU B 257 22.87 7.05 -2.88
N GLU B 258 23.95 7.84 -2.97
CA GLU B 258 23.88 9.12 -3.65
C GLU B 258 23.72 8.96 -5.15
N VAL B 259 24.52 8.09 -5.76
CA VAL B 259 24.50 7.97 -7.22
C VAL B 259 23.22 7.29 -7.70
N LEU B 260 22.51 6.60 -6.83
CA LEU B 260 21.24 5.97 -7.17
C LEU B 260 20.05 6.85 -6.82
N ASP B 261 20.28 8.06 -6.33
CA ASP B 261 19.19 8.97 -5.95
C ASP B 261 19.51 10.40 -6.34
N THR B 262 20.07 10.62 -7.52
CA THR B 262 20.43 11.96 -7.93
C THR B 262 19.17 12.79 -8.19
N PRO B 263 19.19 14.07 -7.84
CA PRO B 263 18.02 14.92 -8.10
C PRO B 263 17.86 15.23 -9.58
N ALA B 264 16.62 15.53 -9.97
CA ALA B 264 16.32 15.97 -11.33
C ALA B 264 16.21 17.49 -11.29
N ASP B 265 17.32 18.15 -11.62
CA ASP B 265 17.41 19.60 -11.53
C ASP B 265 17.95 20.24 -12.81
N GLY B 266 17.98 19.51 -13.92
CA GLY B 266 18.43 20.05 -15.19
C GLY B 266 19.78 19.55 -15.66
N GLN B 267 20.49 18.78 -14.84
CA GLN B 267 21.78 18.23 -15.25
C GLN B 267 21.84 16.75 -14.86
N PHE B 268 22.58 15.99 -15.65
CA PHE B 268 22.81 14.57 -15.39
C PHE B 268 24.15 14.42 -14.70
N ARG B 269 24.13 13.82 -13.51
CA ARG B 269 25.35 13.52 -12.76
C ARG B 269 25.64 12.03 -12.90
N MET B 270 26.68 11.69 -13.66
CA MET B 270 27.06 10.29 -13.80
C MET B 270 27.58 9.73 -12.48
N TYR B 271 28.32 10.53 -11.72
CA TYR B 271 28.86 10.13 -10.43
C TYR B 271 28.28 11.02 -9.34
N ALA B 272 28.08 10.45 -8.16
CA ALA B 272 27.63 11.21 -7.00
C ALA B 272 27.95 10.42 -5.74
N GLY B 273 28.58 11.08 -4.77
CA GLY B 273 28.85 10.45 -3.49
C GLY B 273 29.80 9.28 -3.61
N GLY B 274 29.58 8.27 -2.78
CA GLY B 274 30.34 7.05 -2.83
C GLY B 274 31.52 7.04 -1.87
N THR B 275 31.99 5.83 -1.58
CA THR B 275 33.15 5.67 -0.70
C THR B 275 34.39 6.20 -1.40
N THR B 276 35.12 7.08 -0.71
CA THR B 276 36.31 7.65 -1.31
C THR B 276 37.46 6.65 -1.25
N GLN B 277 38.44 6.85 -2.13
CA GLN B 277 39.63 6.02 -2.10
C GLN B 277 40.39 6.18 -0.80
N GLU B 278 40.35 7.38 -0.21
CA GLU B 278 41.01 7.62 1.08
C GLU B 278 40.36 6.79 2.19
N GLU B 279 39.03 6.69 2.18
CA GLU B 279 38.34 5.87 3.17
C GLU B 279 38.76 4.40 3.05
N MET B 280 38.82 3.89 1.82
CA MET B 280 39.23 2.50 1.63
C MET B 280 40.68 2.28 2.05
N LYS B 281 41.55 3.24 1.77
CA LYS B 281 42.94 3.11 2.17
C LYS B 281 43.08 3.14 3.69
N ASP B 282 42.28 3.95 4.37
CA ASP B 282 42.33 4.07 5.82
C ASP B 282 41.53 2.99 6.54
N ALA B 283 40.74 2.20 5.82
CA ALA B 283 39.90 1.18 6.44
C ALA B 283 40.61 0.24 7.42
N PRO B 284 41.82 -0.25 7.16
CA PRO B 284 42.48 -1.12 8.17
C PRO B 284 42.74 -0.43 9.49
N ASN B 285 42.71 0.89 9.55
CA ASN B 285 42.92 1.62 10.79
C ASN B 285 41.67 1.68 11.67
N ALA B 286 40.55 1.13 11.21
CA ALA B 286 39.32 1.17 11.99
C ALA B 286 39.42 0.26 13.22
N LEU B 287 38.57 0.53 14.19
CA LEU B 287 38.48 -0.35 15.36
C LEU B 287 38.05 -1.74 14.95
N ASN B 288 37.10 -1.84 14.03
CA ASN B 288 36.56 -3.11 13.58
C ASN B 288 35.86 -2.89 12.24
N THR B 289 35.43 -4.00 11.65
CA THR B 289 34.60 -4.00 10.46
C THR B 289 33.35 -4.81 10.75
N VAL B 290 32.19 -4.24 10.45
CA VAL B 290 30.91 -4.91 10.64
C VAL B 290 30.35 -5.25 9.28
N LEU B 291 30.03 -6.52 9.07
CA LEU B 291 29.44 -7.01 7.84
C LEU B 291 27.93 -7.06 8.02
N LEU B 292 27.20 -6.23 7.28
CA LEU B 292 25.76 -6.14 7.45
C LEU B 292 25.05 -7.39 6.94
N GLN B 293 25.60 -8.04 5.91
CA GLN B 293 24.99 -9.23 5.31
C GLN B 293 26.05 -10.32 5.27
N PRO B 294 26.34 -10.95 6.41
CA PRO B 294 27.50 -11.85 6.49
C PRO B 294 27.41 -13.07 5.59
N TRP B 295 26.22 -13.54 5.24
CA TRP B 295 26.11 -14.79 4.50
C TRP B 295 26.53 -14.67 3.04
N HIS B 296 26.72 -13.47 2.51
CA HIS B 296 27.36 -13.34 1.20
C HIS B 296 28.55 -12.40 1.25
N LEU B 297 29.20 -12.30 2.41
CA LEU B 297 30.44 -11.55 2.57
C LEU B 297 31.52 -12.42 3.17
N GLU B 298 31.58 -13.69 2.74
CA GLU B 298 32.53 -14.64 3.32
C GLU B 298 33.95 -14.34 2.87
N LYS B 299 34.15 -14.09 1.56
CA LYS B 299 35.47 -13.73 1.07
C LYS B 299 35.94 -12.41 1.67
N THR B 300 35.04 -11.44 1.75
CA THR B 300 35.38 -10.17 2.39
C THR B 300 35.73 -10.39 3.86
N LYS B 301 35.00 -11.27 4.55
CA LYS B 301 35.32 -11.56 5.95
C LYS B 301 36.70 -12.19 6.07
N LYS B 302 37.04 -13.14 5.20
CA LYS B 302 38.35 -13.76 5.24
C LYS B 302 39.45 -12.73 5.04
N PHE B 303 39.26 -11.84 4.06
CA PHE B 303 40.28 -10.81 3.82
C PHE B 303 40.39 -9.86 5.00
N VAL B 304 39.27 -9.40 5.55
CA VAL B 304 39.29 -8.42 6.62
C VAL B 304 39.90 -9.01 7.88
N GLU B 305 39.59 -10.26 8.19
CA GLU B 305 40.13 -10.89 9.38
C GLU B 305 41.59 -11.30 9.21
N GLY B 306 41.99 -11.72 8.01
CA GLY B 306 43.33 -12.19 7.78
C GLY B 306 44.35 -11.12 7.43
N THR B 307 43.91 -10.04 6.79
CA THR B 307 44.82 -8.97 6.40
C THR B 307 44.69 -7.74 7.28
N TRP B 308 43.48 -7.20 7.45
CA TRP B 308 43.29 -6.04 8.31
C TRP B 308 43.40 -6.39 9.79
N LYS B 309 43.33 -7.67 10.16
CA LYS B 309 43.36 -8.13 11.55
C LYS B 309 42.19 -7.58 12.35
N HIS B 310 41.03 -7.43 11.72
CA HIS B 310 39.83 -6.99 12.41
C HIS B 310 39.06 -8.20 12.92
N GLU B 311 38.67 -8.16 14.19
CA GLU B 311 37.90 -9.24 14.79
C GLU B 311 36.42 -9.00 14.48
N VAL B 312 36.03 -9.41 13.27
CA VAL B 312 34.69 -9.16 12.75
C VAL B 312 33.68 -9.83 13.66
N PRO B 313 32.74 -9.08 14.23
CA PRO B 313 31.77 -9.68 15.14
C PRO B 313 30.80 -10.61 14.42
N LYS B 314 30.35 -11.63 15.16
CA LYS B 314 29.31 -12.53 14.67
C LYS B 314 27.97 -11.86 14.86
N LEU B 315 27.53 -11.13 13.84
CA LEU B 315 26.27 -10.41 13.88
C LEU B 315 25.39 -10.84 12.73
N ASN B 316 24.11 -11.04 13.01
CA ASN B 316 23.14 -11.23 11.95
C ASN B 316 22.85 -9.90 11.29
N ILE B 317 22.16 -9.97 10.15
CA ILE B 317 21.69 -8.74 9.51
C ILE B 317 20.81 -7.97 10.48
N PRO B 318 21.03 -6.68 10.68
CA PRO B 318 20.22 -5.94 11.66
C PRO B 318 18.79 -5.75 11.18
N MET B 319 18.03 -6.83 11.14
CA MET B 319 16.66 -6.84 10.68
C MET B 319 15.77 -7.27 11.83
N GLY B 320 14.73 -6.48 12.09
CA GLY B 320 13.83 -6.79 13.18
C GLY B 320 14.40 -6.39 14.53
N LEU B 321 13.60 -6.67 15.56
CA LEU B 321 13.85 -6.11 16.88
C LEU B 321 15.11 -6.70 17.52
N ASP B 322 15.17 -8.02 17.65
CA ASP B 322 16.28 -8.65 18.36
C ASP B 322 17.61 -8.38 17.66
N TRP B 323 17.64 -8.52 16.34
CA TRP B 323 18.90 -8.37 15.63
C TRP B 323 19.33 -6.90 15.52
N THR B 324 18.38 -5.96 15.44
CA THR B 324 18.76 -4.56 15.54
C THR B 324 19.32 -4.25 16.92
N ASP B 325 18.71 -4.81 17.97
CA ASP B 325 19.24 -4.63 19.32
C ASP B 325 20.66 -5.17 19.43
N GLU B 326 20.89 -6.36 18.89
CA GLU B 326 22.22 -6.96 18.95
C GLU B 326 23.24 -6.14 18.18
N PHE B 327 22.84 -5.63 17.01
CA PHE B 327 23.73 -4.78 16.23
C PHE B 327 24.10 -3.52 17.00
N LEU B 328 23.11 -2.87 17.61
CA LEU B 328 23.37 -1.63 18.33
C LEU B 328 24.24 -1.88 19.56
N MET B 329 24.00 -2.98 20.27
CA MET B 329 24.82 -3.31 21.44
C MET B 329 26.25 -3.63 21.03
N LYS B 330 26.44 -4.35 19.92
CA LYS B 330 27.78 -4.64 19.44
C LYS B 330 28.51 -3.36 19.04
N VAL B 331 27.82 -2.46 18.33
CA VAL B 331 28.43 -1.20 17.93
C VAL B 331 28.80 -0.38 19.16
N SER B 332 27.93 -0.38 20.17
CA SER B 332 28.21 0.32 21.41
C SER B 332 29.44 -0.26 22.10
N GLU B 333 29.56 -1.59 22.12
CA GLU B 333 30.72 -2.22 22.73
C GLU B 333 32.00 -1.89 21.97
N ILE B 334 31.95 -1.91 20.64
CA ILE B 334 33.15 -1.68 19.85
C ILE B 334 33.60 -0.23 19.96
N SER B 335 32.66 0.70 19.86
CA SER B 335 33.00 2.12 19.83
C SER B 335 33.11 2.75 21.21
N GLY B 336 32.54 2.14 22.24
CA GLY B 336 32.47 2.75 23.55
C GLY B 336 31.38 3.78 23.70
N GLN B 337 30.53 3.96 22.70
CA GLN B 337 29.45 4.94 22.72
C GLN B 337 28.18 4.30 23.26
N PRO B 338 27.54 4.88 24.27
CA PRO B 338 26.26 4.34 24.74
C PRO B 338 25.16 4.52 23.70
N ILE B 339 24.18 3.63 23.76
CA ILE B 339 23.02 3.73 22.88
C ILE B 339 22.16 4.89 23.35
N PRO B 340 21.90 5.89 22.50
CA PRO B 340 21.27 7.12 22.97
C PRO B 340 19.78 6.94 23.22
N ALA B 341 19.20 7.98 23.86
CA ALA B 341 17.79 7.95 24.21
C ALA B 341 16.89 7.92 22.98
N SER B 342 17.30 8.56 21.89
CA SER B 342 16.48 8.57 20.68
C SER B 342 16.31 7.16 20.11
N LEU B 343 17.39 6.38 20.11
CA LEU B 343 17.30 5.01 19.61
C LEU B 343 16.44 4.14 20.53
N THR B 344 16.54 4.36 21.85
CA THR B 344 15.68 3.65 22.78
C THR B 344 14.21 3.99 22.54
N LYS B 345 13.92 5.28 22.31
CA LYS B 345 12.56 5.69 21.99
C LYS B 345 12.07 5.06 20.69
N GLU B 346 12.93 5.00 19.68
CA GLU B 346 12.56 4.39 18.41
C GLU B 346 12.24 2.92 18.58
N ARG B 347 13.07 2.20 19.35
CA ARG B 347 12.79 0.80 19.64
C ARG B 347 11.46 0.65 20.37
N GLY B 348 11.20 1.50 21.35
CA GLY B 348 9.94 1.45 22.06
C GLY B 348 8.75 1.72 21.17
N ARG B 349 8.91 2.61 20.18
CA ARG B 349 7.82 2.88 19.24
C ARG B 349 7.57 1.68 18.33
N LEU B 350 8.65 1.00 17.91
CA LEU B 350 8.48 -0.25 17.17
C LEU B 350 7.71 -1.28 18.01
N VAL B 351 8.04 -1.39 19.29
CA VAL B 351 7.32 -2.33 20.16
C VAL B 351 5.86 -1.92 20.30
N ASP B 352 5.60 -0.60 20.38
CA ASP B 352 4.22 -0.13 20.45
C ASP B 352 3.44 -0.53 19.19
N MET B 353 4.05 -0.38 18.02
CA MET B 353 3.37 -0.79 16.80
C MET B 353 3.13 -2.30 16.78
N MET B 354 4.10 -3.07 17.27
CA MET B 354 3.93 -4.53 17.34
C MET B 354 2.73 -4.89 18.21
N THR B 355 2.61 -4.25 19.38
CA THR B 355 1.47 -4.52 20.24
C THR B 355 0.17 -4.04 19.61
N ASP B 356 0.22 -2.91 18.89
CA ASP B 356 -0.97 -2.39 18.23
C ASP B 356 -1.49 -3.34 17.16
N SER B 357 -0.59 -4.05 16.46
CA SER B 357 -0.99 -4.84 15.30
C SER B 357 -0.92 -6.35 15.49
N HIS B 358 -0.55 -6.82 16.69
CA HIS B 358 -0.33 -8.26 16.87
C HIS B 358 -1.58 -9.10 16.62
N THR B 359 -2.77 -8.59 16.93
CA THR B 359 -3.97 -9.40 16.74
C THR B 359 -4.20 -9.71 15.26
N TRP B 360 -3.93 -8.74 14.38
CA TRP B 360 -4.06 -9.00 12.96
C TRP B 360 -2.88 -9.79 12.42
N LEU B 361 -1.69 -9.64 13.00
CA LEU B 361 -0.53 -10.35 12.48
C LEU B 361 -0.45 -11.79 12.95
N HIS B 362 -1.09 -12.13 14.06
CA HIS B 362 -0.85 -13.43 14.70
C HIS B 362 -1.35 -14.58 13.84
N GLY B 363 -0.48 -15.57 13.64
CA GLY B 363 -0.84 -16.79 12.96
C GLY B 363 -0.88 -16.73 11.44
N LYS B 364 -0.54 -15.59 10.84
CA LYS B 364 -0.61 -15.48 9.40
C LYS B 364 0.53 -16.25 8.73
N ARG B 365 0.22 -16.92 7.63
CA ARG B 365 1.15 -17.83 6.98
C ARG B 365 1.75 -17.16 5.75
N PHE B 366 3.08 -17.22 5.65
CA PHE B 366 3.81 -16.52 4.61
C PHE B 366 4.76 -17.48 3.89
N ALA B 367 4.66 -17.50 2.58
CA ALA B 367 5.76 -17.95 1.75
C ALA B 367 6.65 -16.73 1.48
N LEU B 368 7.94 -16.96 1.32
CA LEU B 368 8.83 -15.83 1.09
C LEU B 368 10.09 -16.28 0.38
N TRP B 369 10.72 -15.34 -0.31
CA TRP B 369 12.00 -15.65 -0.96
C TRP B 369 12.83 -14.39 -1.09
N GLY B 370 14.09 -14.58 -1.44
CA GLY B 370 15.04 -13.51 -1.62
C GLY B 370 16.45 -14.00 -1.35
N ASP B 371 17.35 -13.05 -1.13
CA ASP B 371 18.74 -13.35 -0.82
C ASP B 371 18.85 -13.89 0.61
N PRO B 372 19.94 -14.63 0.91
CA PRO B 372 20.01 -15.33 2.21
C PRO B 372 19.87 -14.44 3.42
N ASP B 373 20.68 -13.39 3.53
CA ASP B 373 20.63 -12.52 4.71
C ASP B 373 19.27 -11.85 4.83
N PHE B 374 18.76 -11.32 3.72
CA PHE B 374 17.44 -10.70 3.72
C PHE B 374 16.37 -11.70 4.16
N VAL B 375 16.43 -12.92 3.64
CA VAL B 375 15.40 -13.91 3.93
C VAL B 375 15.44 -14.30 5.40
N MET B 376 16.64 -14.50 5.96
CA MET B 376 16.68 -14.89 7.37
C MET B 376 16.28 -13.73 8.27
N GLY B 377 16.61 -12.49 7.90
CA GLY B 377 16.12 -11.36 8.67
C GLY B 377 14.61 -11.27 8.64
N LEU B 378 14.02 -11.48 7.46
CA LEU B 378 12.56 -11.47 7.35
C LEU B 378 11.92 -12.59 8.17
N VAL B 379 12.54 -13.77 8.14
CA VAL B 379 12.02 -14.89 8.92
C VAL B 379 12.07 -14.58 10.41
N LYS B 380 13.19 -14.02 10.86
CA LYS B 380 13.33 -13.64 12.27
C LYS B 380 12.26 -12.62 12.68
N PHE B 381 12.08 -11.59 11.86
CA PHE B 381 11.09 -10.57 12.19
C PHE B 381 9.68 -11.15 12.18
N LEU B 382 9.38 -12.02 11.22
CA LEU B 382 8.06 -12.65 11.17
C LEU B 382 7.80 -13.47 12.42
N LEU B 383 8.82 -14.21 12.89
CA LEU B 383 8.67 -14.96 14.12
C LEU B 383 8.46 -14.01 15.31
N GLU B 384 9.12 -12.86 15.30
CA GLU B 384 8.92 -11.89 16.36
C GLU B 384 7.51 -11.34 16.37
N LEU B 385 6.84 -11.31 15.22
CA LEU B 385 5.50 -10.78 15.09
C LEU B 385 4.41 -11.83 15.32
N GLY B 386 4.78 -13.05 15.68
CA GLY B 386 3.78 -14.09 15.82
C GLY B 386 3.26 -14.64 14.51
N CYS B 387 3.93 -14.36 13.40
CA CYS B 387 3.56 -14.88 12.10
C CYS B 387 4.22 -16.23 11.85
N GLU B 388 3.66 -16.99 10.92
CA GLU B 388 4.19 -18.30 10.58
C GLU B 388 4.82 -18.27 9.19
N PRO B 389 6.14 -18.25 9.07
CA PRO B 389 6.76 -18.55 7.78
C PRO B 389 6.62 -20.05 7.51
N VAL B 390 6.03 -20.39 6.37
CA VAL B 390 5.77 -21.77 6.03
C VAL B 390 6.68 -22.25 4.92
N HIS B 391 6.85 -21.46 3.86
CA HIS B 391 7.73 -21.79 2.75
C HIS B 391 8.82 -20.73 2.68
N ILE B 392 10.03 -21.11 3.08
CA ILE B 392 11.18 -20.22 3.03
C ILE B 392 12.06 -20.69 1.89
N LEU B 393 12.17 -19.87 0.85
CA LEU B 393 12.91 -20.23 -0.36
C LEU B 393 14.08 -19.28 -0.53
N CYS B 394 15.25 -19.84 -0.80
CA CYS B 394 16.44 -19.06 -1.14
C CYS B 394 17.16 -19.82 -2.23
N HIS B 395 17.01 -19.36 -3.47
CA HIS B 395 17.64 -20.03 -4.59
C HIS B 395 19.16 -20.06 -4.46
N ASN B 396 19.76 -18.98 -3.94
CA ASN B 396 21.19 -18.88 -3.81
C ASN B 396 21.68 -19.18 -2.39
N GLY B 397 20.88 -19.87 -1.59
CA GLY B 397 21.32 -20.29 -0.26
C GLY B 397 22.13 -21.57 -0.29
N ASN B 398 22.74 -21.88 0.84
CA ASN B 398 23.59 -23.06 0.97
C ASN B 398 23.19 -23.86 2.20
N LYS B 399 23.86 -25.00 2.39
CA LYS B 399 23.51 -25.90 3.48
C LYS B 399 23.72 -25.26 4.84
N ARG B 400 24.82 -24.52 5.01
CA ARG B 400 25.11 -23.88 6.29
C ARG B 400 24.09 -22.80 6.62
N TRP B 401 23.71 -21.99 5.63
CA TRP B 401 22.67 -20.99 5.85
C TRP B 401 21.34 -21.66 6.18
N LYS B 402 21.04 -22.77 5.50
CA LYS B 402 19.82 -23.51 5.82
C LYS B 402 19.85 -24.03 7.25
N LYS B 403 21.01 -24.50 7.70
CA LYS B 403 21.14 -24.95 9.09
C LYS B 403 20.90 -23.80 10.06
N ALA B 404 21.46 -22.62 9.77
CA ALA B 404 21.25 -21.47 10.64
C ALA B 404 19.78 -21.06 10.68
N VAL B 405 19.11 -21.06 9.52
CA VAL B 405 17.71 -20.66 9.48
C VAL B 405 16.84 -21.69 10.19
N ASP B 406 17.18 -22.98 10.06
CA ASP B 406 16.45 -24.01 10.78
C ASP B 406 16.65 -23.85 12.29
N ALA B 407 17.84 -23.46 12.72
CA ALA B 407 18.07 -23.18 14.13
C ALA B 407 17.24 -21.99 14.60
N ILE B 408 17.11 -20.96 13.76
CA ILE B 408 16.28 -19.82 14.09
C ILE B 408 14.82 -20.25 14.23
N LEU B 409 14.33 -21.07 13.30
CA LEU B 409 12.96 -21.54 13.35
C LEU B 409 12.71 -22.42 14.57
N ALA B 410 13.68 -23.25 14.93
CA ALA B 410 13.52 -24.15 16.07
C ALA B 410 13.37 -23.39 17.37
N ALA B 411 13.99 -22.22 17.49
CA ALA B 411 13.92 -21.43 18.72
C ALA B 411 12.55 -20.81 18.95
N SER B 412 11.64 -20.88 17.98
CA SER B 412 10.34 -20.25 18.10
C SER B 412 9.24 -21.27 17.86
N PRO B 413 8.16 -21.24 18.66
CA PRO B 413 6.99 -22.09 18.35
C PRO B 413 6.29 -21.71 17.06
N TYR B 414 6.51 -20.50 16.55
CA TYR B 414 5.91 -20.07 15.30
C TYR B 414 6.66 -20.57 14.07
N GLY B 415 7.79 -21.25 14.26
CA GLY B 415 8.51 -21.89 13.19
C GLY B 415 8.27 -23.37 13.04
N LYS B 416 7.27 -23.93 13.72
CA LYS B 416 7.03 -25.36 13.67
C LYS B 416 6.66 -25.85 12.27
N ASN B 417 5.76 -25.14 11.58
CA ASN B 417 5.35 -25.52 10.24
C ASN B 417 6.15 -24.79 9.16
N ALA B 418 7.47 -24.74 9.31
CA ALA B 418 8.33 -23.99 8.41
C ALA B 418 9.31 -24.94 7.74
N THR B 419 9.44 -24.81 6.43
CA THR B 419 10.43 -25.55 5.68
C THR B 419 11.29 -24.58 4.90
N VAL B 420 12.60 -24.81 4.92
CA VAL B 420 13.56 -23.99 4.20
C VAL B 420 14.01 -24.74 2.96
N TYR B 421 13.95 -24.07 1.82
CA TYR B 421 14.32 -24.65 0.54
C TYR B 421 15.51 -23.87 -0.01
N ILE B 422 16.56 -24.59 -0.41
CA ILE B 422 17.70 -23.99 -1.07
C ILE B 422 17.89 -24.66 -2.42
N GLY B 423 18.26 -23.89 -3.42
CA GLY B 423 18.38 -24.41 -4.77
C GLY B 423 17.07 -24.58 -5.50
N LYS B 424 15.95 -24.18 -4.90
CA LYS B 424 14.65 -24.24 -5.53
C LYS B 424 14.30 -22.87 -6.11
N ASP B 425 13.57 -22.90 -7.22
CA ASP B 425 13.18 -21.70 -7.94
C ASP B 425 11.71 -21.39 -7.68
N LEU B 426 11.19 -20.42 -8.42
CA LEU B 426 9.82 -19.94 -8.18
C LEU B 426 8.75 -20.87 -8.74
N TRP B 427 9.10 -21.78 -9.65
CA TRP B 427 8.16 -22.83 -10.02
C TRP B 427 7.91 -23.80 -8.86
N HIS B 428 8.99 -24.15 -8.14
CA HIS B 428 8.84 -24.92 -6.91
C HIS B 428 7.94 -24.20 -5.91
N LEU B 429 8.15 -22.88 -5.75
CA LEU B 429 7.34 -22.12 -4.82
C LEU B 429 5.89 -22.04 -5.28
N ARG B 430 5.66 -21.95 -6.59
CA ARG B 430 4.31 -22.03 -7.11
C ARG B 430 3.63 -23.32 -6.67
N SER B 431 4.33 -24.44 -6.82
CA SER B 431 3.78 -25.71 -6.35
C SER B 431 3.50 -25.66 -4.85
N LEU B 432 4.42 -25.09 -4.07
CA LEU B 432 4.25 -25.07 -2.62
C LEU B 432 3.04 -24.24 -2.20
N VAL B 433 2.84 -23.07 -2.82
CA VAL B 433 1.70 -22.24 -2.45
C VAL B 433 0.40 -22.83 -2.96
N PHE B 434 0.45 -23.67 -4.01
CA PHE B 434 -0.77 -24.36 -4.40
C PHE B 434 -1.12 -25.50 -3.44
N THR B 435 -0.11 -26.26 -3.00
CA THR B 435 -0.38 -27.48 -2.22
C THR B 435 -0.49 -27.20 -0.73
N ASP B 436 0.27 -26.24 -0.21
CA ASP B 436 0.19 -25.84 1.20
C ASP B 436 0.04 -24.33 1.20
N LYS B 437 -1.20 -23.87 1.05
CA LYS B 437 -1.46 -22.47 0.74
C LYS B 437 -1.16 -21.57 1.94
N PRO B 438 -0.29 -20.58 1.79
CA PRO B 438 -0.11 -19.57 2.84
C PRO B 438 -1.12 -18.44 2.67
N ASP B 439 -1.10 -17.53 3.63
CA ASP B 439 -1.93 -16.33 3.49
C ASP B 439 -1.32 -15.34 2.51
N PHE B 440 0.01 -15.20 2.51
CA PHE B 440 0.64 -14.21 1.64
C PHE B 440 2.00 -14.72 1.18
N MET B 441 2.45 -14.15 0.06
CA MET B 441 3.84 -14.27 -0.36
C MET B 441 4.56 -12.97 -0.05
N ILE B 442 5.85 -13.08 0.26
CA ILE B 442 6.73 -11.92 0.38
C ILE B 442 7.92 -12.16 -0.55
N GLY B 443 8.03 -11.32 -1.58
CA GLY B 443 9.11 -11.50 -2.53
C GLY B 443 9.12 -10.38 -3.54
N ASN B 444 9.92 -10.58 -4.58
CA ASN B 444 10.09 -9.56 -5.61
C ASN B 444 8.93 -9.61 -6.59
N SER B 445 9.05 -8.89 -7.70
CA SER B 445 7.95 -8.72 -8.63
C SER B 445 7.58 -10.00 -9.35
N TYR B 446 8.52 -10.94 -9.48
CA TYR B 446 8.25 -12.19 -10.17
C TYR B 446 7.11 -12.95 -9.52
N GLY B 447 6.97 -12.83 -8.21
CA GLY B 447 5.88 -13.46 -7.50
C GLY B 447 4.51 -13.08 -8.00
N LYS B 448 4.39 -11.92 -8.66
CA LYS B 448 3.10 -11.53 -9.21
C LYS B 448 2.53 -12.63 -10.10
N PHE B 449 3.40 -13.29 -10.88
CA PHE B 449 2.92 -14.34 -11.75
C PHE B 449 2.33 -15.48 -10.95
N ILE B 450 2.99 -15.88 -9.86
CA ILE B 450 2.42 -16.88 -8.98
C ILE B 450 1.04 -16.45 -8.51
N GLN B 451 0.92 -15.18 -8.10
CA GLN B 451 -0.38 -14.70 -7.66
C GLN B 451 -1.42 -14.91 -8.75
N ARG B 452 -1.08 -14.52 -9.98
CA ARG B 452 -2.01 -14.73 -11.09
C ARG B 452 -2.41 -16.19 -11.16
N ASP B 453 -1.42 -17.08 -11.12
CA ASP B 453 -1.70 -18.51 -11.19
C ASP B 453 -2.68 -18.92 -10.10
N THR B 454 -2.43 -18.49 -8.87
CA THR B 454 -3.30 -18.90 -7.78
C THR B 454 -4.70 -18.38 -7.99
N LEU B 455 -4.82 -17.13 -8.47
CA LEU B 455 -6.14 -16.58 -8.72
C LEU B 455 -6.87 -17.37 -9.79
N HIS B 456 -6.12 -17.96 -10.74
CA HIS B 456 -6.76 -18.75 -11.77
C HIS B 456 -7.38 -20.01 -11.18
N LYS B 457 -6.81 -20.57 -10.12
CA LYS B 457 -7.46 -21.70 -9.45
C LYS B 457 -8.77 -21.26 -8.82
N GLY B 458 -8.80 -20.06 -8.24
CA GLY B 458 -9.99 -19.53 -7.62
C GLY B 458 -9.65 -18.35 -6.73
N LYS B 459 -10.64 -17.51 -6.43
CA LYS B 459 -10.40 -16.37 -5.56
C LYS B 459 -10.01 -16.82 -4.16
N GLU B 460 -10.65 -17.87 -3.66
CA GLU B 460 -10.32 -18.40 -2.34
C GLU B 460 -8.93 -19.04 -2.30
N PHE B 461 -8.37 -19.38 -3.45
CA PHE B 461 -7.03 -19.95 -3.51
C PHE B 461 -5.94 -18.91 -3.77
N GLU B 462 -6.32 -17.67 -4.01
CA GLU B 462 -5.36 -16.65 -4.41
C GLU B 462 -4.43 -16.28 -3.25
N VAL B 463 -3.13 -16.28 -3.51
CA VAL B 463 -2.14 -15.84 -2.54
C VAL B 463 -1.61 -14.48 -2.97
N PRO B 464 -2.00 -13.40 -2.29
CA PRO B 464 -1.50 -12.08 -2.67
C PRO B 464 -0.01 -11.93 -2.39
N LEU B 465 0.64 -11.16 -3.25
CA LEU B 465 2.06 -10.88 -3.15
C LEU B 465 2.29 -9.58 -2.41
N ILE B 466 3.30 -9.58 -1.54
CA ILE B 466 3.82 -8.40 -0.88
C ILE B 466 5.23 -8.19 -1.38
N ARG B 467 5.47 -7.02 -2.00
CA ARG B 467 6.71 -6.75 -2.72
C ARG B 467 7.74 -6.20 -1.76
N ILE B 468 8.56 -7.09 -1.22
CA ILE B 468 9.75 -6.71 -0.46
C ILE B 468 10.90 -7.53 -1.01
N GLY B 469 11.95 -6.84 -1.46
CA GLY B 469 13.11 -7.52 -2.02
C GLY B 469 13.60 -6.91 -3.31
N PHE B 470 14.23 -7.72 -4.15
CA PHE B 470 14.84 -7.25 -5.38
C PHE B 470 14.67 -8.32 -6.46
N PRO B 471 14.28 -7.93 -7.68
CA PRO B 471 13.94 -6.58 -8.10
C PRO B 471 12.45 -6.29 -7.97
N ILE B 472 12.08 -5.02 -7.86
CA ILE B 472 10.68 -4.62 -7.89
C ILE B 472 10.49 -3.75 -9.11
N PHE B 473 9.72 -4.24 -10.08
CA PHE B 473 9.58 -3.59 -11.37
C PHE B 473 8.21 -3.00 -11.62
N ASP B 474 7.16 -3.52 -10.99
CA ASP B 474 5.80 -3.12 -11.29
C ASP B 474 5.22 -2.14 -10.27
N ARG B 475 6.04 -1.67 -9.33
CA ARG B 475 5.67 -0.58 -8.45
C ARG B 475 6.76 0.48 -8.51
N HIS B 476 6.39 1.72 -8.18
CA HIS B 476 7.30 2.84 -8.28
C HIS B 476 7.81 3.24 -6.90
N HIS B 477 9.11 3.52 -6.83
CA HIS B 477 9.78 4.16 -5.70
C HIS B 477 9.80 3.30 -4.44
N LEU B 478 9.52 2.01 -4.54
CA LEU B 478 9.65 1.15 -3.37
C LEU B 478 11.12 0.90 -3.03
N HIS B 479 12.04 1.17 -3.96
CA HIS B 479 13.46 1.08 -3.67
C HIS B 479 13.91 2.13 -2.65
N ARG B 480 13.07 3.12 -2.37
CA ARG B 480 13.36 4.11 -1.34
C ARG B 480 13.04 3.62 0.07
N SER B 481 12.44 2.43 0.19
CA SER B 481 12.03 1.91 1.49
C SER B 481 13.24 1.51 2.32
N THR B 482 12.97 1.20 3.58
CA THR B 482 13.96 0.69 4.51
C THR B 482 13.50 -0.68 5.00
N THR B 483 14.45 -1.61 5.09
CA THR B 483 14.18 -2.90 5.70
C THR B 483 15.05 -3.18 6.92
N LEU B 484 16.06 -2.36 7.18
CA LEU B 484 16.98 -2.57 8.30
C LEU B 484 16.58 -1.71 9.48
N GLY B 485 17.00 -2.13 10.66
CA GLY B 485 16.81 -1.35 11.86
C GLY B 485 15.36 -1.30 12.31
N TYR B 486 15.14 -0.44 13.31
CA TYR B 486 13.79 -0.23 13.82
C TYR B 486 12.92 0.45 12.77
N GLU B 487 13.48 1.38 12.00
CA GLU B 487 12.71 2.05 10.96
C GLU B 487 12.27 1.06 9.88
N GLY B 488 13.19 0.21 9.44
CA GLY B 488 12.83 -0.81 8.47
C GLY B 488 11.82 -1.80 9.02
N ALA B 489 11.97 -2.16 10.31
CA ALA B 489 11.01 -3.05 10.93
C ALA B 489 9.63 -2.42 10.98
N MET B 490 9.55 -1.12 11.28
CA MET B 490 8.27 -0.43 11.28
C MET B 490 7.65 -0.41 9.89
N GLN B 491 8.47 -0.13 8.87
CA GLN B 491 7.95 -0.14 7.50
C GLN B 491 7.43 -1.51 7.11
N ILE B 492 8.18 -2.56 7.44
CA ILE B 492 7.76 -3.93 7.11
C ILE B 492 6.50 -4.29 7.87
N LEU B 493 6.43 -3.94 9.15
CA LEU B 493 5.24 -4.21 9.95
C LEU B 493 4.01 -3.54 9.36
N THR B 494 4.14 -2.26 9.01
CA THR B 494 3.02 -1.53 8.43
C THR B 494 2.58 -2.18 7.12
N THR B 495 3.56 -2.53 6.27
CA THR B 495 3.24 -3.19 5.01
C THR B 495 2.47 -4.48 5.25
N LEU B 496 2.95 -5.31 6.17
CA LEU B 496 2.32 -6.61 6.41
C LEU B 496 0.90 -6.45 6.96
N VAL B 497 0.75 -5.63 8.00
CA VAL B 497 -0.56 -5.53 8.65
C VAL B 497 -1.57 -4.88 7.70
N ASN B 498 -1.14 -3.89 6.93
CA ASN B 498 -2.08 -3.23 6.03
C ASN B 498 -2.36 -4.08 4.79
N SER B 499 -1.43 -4.95 4.39
CA SER B 499 -1.73 -5.93 3.37
C SER B 499 -2.80 -6.90 3.86
N ILE B 500 -2.68 -7.36 5.11
CA ILE B 500 -3.69 -8.22 5.70
C ILE B 500 -5.04 -7.52 5.72
N LEU B 501 -5.06 -6.26 6.17
CA LEU B 501 -6.31 -5.54 6.29
C LEU B 501 -6.93 -5.21 4.94
N GLU B 502 -6.10 -4.92 3.94
CA GLU B 502 -6.60 -4.71 2.58
C GLU B 502 -7.21 -5.98 2.01
N ARG B 503 -6.57 -7.13 2.24
CA ARG B 503 -7.15 -8.39 1.82
C ARG B 503 -8.49 -8.64 2.50
N LEU B 504 -8.56 -8.38 3.80
CA LEU B 504 -9.81 -8.58 4.53
C LEU B 504 -10.91 -7.65 4.00
N ASP B 505 -10.56 -6.39 3.73
CA ASP B 505 -11.54 -5.46 3.17
C ASP B 505 -12.03 -5.92 1.81
N GLU B 506 -11.11 -6.42 0.97
CA GLU B 506 -11.53 -6.95 -0.32
C GLU B 506 -12.48 -8.14 -0.14
N GLU B 507 -12.17 -9.03 0.80
CA GLU B 507 -13.00 -10.22 0.98
C GLU B 507 -14.33 -9.91 1.64
N THR B 508 -14.46 -8.78 2.35
CA THR B 508 -15.70 -8.43 3.02
C THR B 508 -16.45 -7.29 2.34
N ARG B 509 -16.12 -6.98 1.09
CA ARG B 509 -16.75 -5.87 0.39
C ARG B 509 -18.04 -6.27 -0.31
N GLY B 510 -18.39 -7.55 -0.34
CA GLY B 510 -19.59 -8.00 -1.02
C GLY B 510 -20.84 -7.57 -0.27
N MET B 511 -21.63 -6.70 -0.87
CA MET B 511 -22.81 -6.17 -0.20
C MET B 511 -23.85 -7.26 0.05
N GLN B 512 -24.35 -7.32 1.28
CA GLN B 512 -25.34 -8.29 1.73
C GLN B 512 -24.85 -9.74 1.63
N ALA B 513 -23.56 -9.95 1.38
CA ALA B 513 -22.97 -11.28 1.39
C ALA B 513 -21.88 -11.43 2.43
N THR B 514 -20.87 -10.56 2.40
CA THR B 514 -19.78 -10.60 3.36
C THR B 514 -19.54 -9.25 4.02
N ASP B 515 -20.38 -8.25 3.74
CA ASP B 515 -20.15 -6.91 4.25
C ASP B 515 -20.59 -6.74 5.70
N TYR B 516 -21.15 -7.78 6.32
CA TYR B 516 -21.39 -7.71 7.75
C TYR B 516 -20.08 -7.55 8.51
N ASN B 517 -18.97 -8.00 7.94
CA ASN B 517 -17.65 -7.87 8.53
C ASN B 517 -16.82 -6.77 7.87
N HIS B 518 -17.45 -5.87 7.11
CA HIS B 518 -16.75 -4.75 6.50
C HIS B 518 -16.67 -3.60 7.50
N ASP B 519 -15.86 -3.82 8.54
CA ASP B 519 -15.83 -2.92 9.69
C ASP B 519 -15.11 -1.62 9.36
N LEU B 520 -15.65 -0.50 9.88
CA LEU B 520 -14.96 0.76 9.79
C LEU B 520 -13.67 0.75 10.60
N VAL B 521 -13.71 0.17 11.80
CA VAL B 521 -12.59 0.19 12.73
C VAL B 521 -11.96 -1.20 12.75
N ARG B 522 -10.66 -1.24 12.54
CA ARG B 522 -9.91 -2.49 12.54
C ARG B 522 -8.70 -2.38 13.47
N MET C 4 -3.15 -11.73 46.55
CA MET C 4 -3.41 -10.73 47.59
C MET C 4 -4.61 -11.14 48.44
N SER C 5 -4.46 -10.97 49.76
CA SER C 5 -5.54 -11.25 50.69
C SER C 5 -6.50 -10.07 50.76
N ARG C 6 -7.60 -10.24 51.51
CA ARG C 6 -8.58 -9.18 51.64
C ARG C 6 -7.98 -7.92 52.26
N GLU C 7 -7.15 -8.09 53.30
CA GLU C 7 -6.56 -6.94 53.98
C GLU C 7 -5.68 -6.13 53.04
N GLU C 8 -4.89 -6.82 52.21
CA GLU C 8 -4.05 -6.12 51.25
C GLU C 8 -4.87 -5.36 50.21
N VAL C 9 -6.01 -5.92 49.79
CA VAL C 9 -6.86 -5.21 48.83
C VAL C 9 -7.47 -3.96 49.46
N GLU C 10 -7.94 -4.07 50.71
CA GLU C 10 -8.47 -2.88 51.39
C GLU C 10 -7.39 -1.82 51.56
N SER C 11 -6.18 -2.24 51.93
CA SER C 11 -5.08 -1.29 52.06
C SER C 11 -4.76 -0.64 50.72
N LEU C 12 -4.77 -1.42 49.63
CA LEU C 12 -4.52 -0.86 48.31
C LEU C 12 -5.58 0.17 47.95
N ILE C 13 -6.85 -0.13 48.25
CA ILE C 13 -7.93 0.81 47.99
C ILE C 13 -7.66 2.12 48.73
N GLN C 14 -7.27 2.03 50.00
CA GLN C 14 -7.05 3.25 50.78
C GLN C 14 -5.86 4.06 50.24
N GLU C 15 -4.75 3.38 49.91
CA GLU C 15 -3.61 4.10 49.37
C GLU C 15 -3.95 4.78 48.04
N VAL C 16 -4.70 4.10 47.19
CA VAL C 16 -5.12 4.73 45.93
C VAL C 16 -6.00 5.93 46.20
N LEU C 17 -6.92 5.82 47.15
CA LEU C 17 -7.84 6.92 47.46
C LEU C 17 -7.14 8.11 48.09
N GLU C 18 -5.95 7.90 48.66
CA GLU C 18 -5.27 8.96 49.40
C GLU C 18 -5.13 10.26 48.60
N VAL C 19 -4.85 10.17 47.29
CA VAL C 19 -4.56 11.37 46.51
C VAL C 19 -5.78 12.21 46.18
N TYR C 20 -6.99 11.66 46.33
CA TYR C 20 -8.18 12.42 45.99
C TYR C 20 -8.42 13.54 47.00
N PRO C 21 -9.06 14.63 46.56
CA PRO C 21 -9.60 15.59 47.53
C PRO C 21 -10.68 14.94 48.37
N GLU C 22 -11.03 15.60 49.48
CA GLU C 22 -11.85 14.98 50.50
C GLU C 22 -13.21 14.53 49.96
N LYS C 23 -13.89 15.40 49.22
CA LYS C 23 -15.21 15.05 48.70
C LYS C 23 -15.13 13.91 47.70
N ALA C 24 -14.18 13.99 46.76
CA ALA C 24 -13.98 12.92 45.81
C ALA C 24 -13.57 11.63 46.50
N ARG C 25 -12.72 11.72 47.53
CA ARG C 25 -12.30 10.53 48.25
C ARG C 25 -13.49 9.86 48.93
N LYS C 26 -14.33 10.66 49.59
CA LYS C 26 -15.50 10.14 50.28
C LYS C 26 -16.46 9.48 49.29
N ASP C 27 -16.66 10.09 48.12
CA ASP C 27 -17.53 9.48 47.12
C ASP C 27 -16.92 8.19 46.58
N ARG C 28 -15.65 8.23 46.18
CA ARG C 28 -15.02 7.11 45.50
C ARG C 28 -14.85 5.91 46.43
N ASN C 29 -14.76 6.14 47.74
CA ASN C 29 -14.67 5.03 48.67
C ASN C 29 -15.90 4.13 48.62
N LYS C 30 -17.06 4.68 48.26
CA LYS C 30 -18.27 3.89 48.19
C LYS C 30 -18.32 2.98 46.97
N HIS C 31 -17.49 3.24 45.96
CA HIS C 31 -17.54 2.56 44.69
C HIS C 31 -16.44 1.52 44.52
N LEU C 32 -15.67 1.26 45.56
CA LEU C 32 -14.63 0.25 45.51
C LEU C 32 -14.81 -0.72 46.67
N ALA C 33 -14.66 -2.01 46.41
CA ALA C 33 -14.91 -2.99 47.44
C ALA C 33 -14.07 -4.24 47.19
N VAL C 34 -13.94 -5.05 48.23
CA VAL C 34 -13.31 -6.35 48.15
C VAL C 34 -14.42 -7.38 48.25
N ASN C 35 -14.50 -8.26 47.26
CA ASN C 35 -15.64 -9.16 47.16
C ASN C 35 -15.64 -10.16 48.31
N ASP C 36 -16.83 -10.38 48.88
CA ASP C 36 -17.05 -11.44 49.86
C ASP C 36 -18.27 -12.23 49.42
N PRO C 37 -18.08 -13.35 48.72
CA PRO C 37 -19.23 -14.15 48.28
C PRO C 37 -19.99 -14.80 49.42
N ALA C 38 -19.52 -14.69 50.66
CA ALA C 38 -20.30 -15.10 51.82
C ALA C 38 -21.49 -14.21 52.08
N VAL C 39 -21.52 -13.00 51.50
CA VAL C 39 -22.66 -12.10 51.60
C VAL C 39 -23.26 -11.93 50.21
N THR C 40 -24.43 -11.31 50.15
CA THR C 40 -25.17 -11.21 48.90
C THR C 40 -25.56 -9.78 48.55
N GLN C 41 -25.78 -8.94 49.55
CA GLN C 41 -26.33 -7.61 49.33
C GLN C 41 -25.26 -6.65 48.80
N SER C 42 -25.66 -5.83 47.82
CA SER C 42 -24.83 -4.72 47.37
C SER C 42 -25.14 -3.42 48.11
N LYS C 43 -26.19 -3.39 48.93
CA LYS C 43 -26.37 -2.28 49.85
C LYS C 43 -25.35 -2.31 50.98
N LYS C 44 -24.45 -3.28 50.97
CA LYS C 44 -23.43 -3.47 51.99
C LYS C 44 -22.04 -3.02 51.55
N CYS C 45 -21.67 -3.29 50.29
CA CYS C 45 -20.31 -3.02 49.83
C CYS C 45 -20.23 -1.92 48.77
N ILE C 46 -20.89 -2.08 47.63
CA ILE C 46 -20.70 -1.19 46.49
C ILE C 46 -21.95 -0.36 46.25
N ILE C 47 -21.76 0.95 46.15
CA ILE C 47 -22.78 1.89 45.70
C ILE C 47 -22.53 2.16 44.22
N SER C 48 -23.57 2.05 43.41
CA SER C 48 -23.44 2.21 41.98
C SER C 48 -24.55 3.11 41.45
N ASN C 49 -24.51 3.36 40.14
CA ASN C 49 -25.51 4.16 39.44
C ASN C 49 -25.61 5.57 40.03
N LYS C 50 -24.46 6.12 40.42
CA LYS C 50 -24.36 7.49 40.88
C LYS C 50 -23.64 8.33 39.84
N LYS C 51 -23.70 9.65 40.01
CA LYS C 51 -23.02 10.53 39.08
C LYS C 51 -21.52 10.41 39.24
N SER C 52 -20.81 10.60 38.14
CA SER C 52 -19.36 10.58 38.16
C SER C 52 -18.81 11.83 38.83
N GLN C 53 -17.68 11.67 39.50
CA GLN C 53 -16.98 12.82 40.08
C GLN C 53 -16.35 13.65 38.96
N PRO C 54 -16.51 14.98 38.98
CA PRO C 54 -15.98 15.80 37.89
C PRO C 54 -14.46 15.73 37.80
N GLY C 55 -13.96 15.66 36.57
CA GLY C 55 -12.54 15.77 36.32
C GLY C 55 -11.70 14.59 36.74
N LEU C 56 -12.28 13.39 36.79
CA LEU C 56 -11.55 12.21 37.23
C LEU C 56 -11.38 11.18 36.12
N MET C 57 -11.61 11.56 34.87
CA MET C 57 -11.50 10.66 33.72
C MET C 57 -12.36 9.41 33.89
N THR C 58 -13.67 9.63 33.96
CA THR C 58 -14.60 8.50 33.89
C THR C 58 -14.58 7.90 32.49
N ILE C 59 -14.80 6.59 32.42
CA ILE C 59 -14.92 5.90 31.14
C ILE C 59 -16.35 5.90 30.64
N ARG C 60 -17.31 6.39 31.44
CA ARG C 60 -18.72 6.35 31.10
C ARG C 60 -19.02 7.19 29.87
N GLY C 61 -20.02 6.74 29.11
CA GLY C 61 -20.64 7.53 28.07
C GLY C 61 -21.87 8.25 28.57
N CYS C 62 -22.78 8.55 27.66
CA CYS C 62 -23.97 9.34 27.93
C CYS C 62 -25.22 8.54 27.58
N ALA C 63 -26.38 9.17 27.81
CA ALA C 63 -27.66 8.52 27.50
C ALA C 63 -27.87 8.37 26.00
N TYR C 64 -27.35 9.30 25.20
CA TYR C 64 -27.44 9.15 23.75
C TYR C 64 -26.69 7.90 23.28
N ALA C 65 -25.51 7.65 23.85
CA ALA C 65 -24.78 6.43 23.54
C ALA C 65 -25.58 5.20 23.96
N GLY C 66 -26.25 5.27 25.11
CA GLY C 66 -27.02 4.14 25.59
C GLY C 66 -28.27 3.87 24.78
N SER C 67 -28.82 4.91 24.13
CA SER C 67 -30.04 4.74 23.36
C SER C 67 -29.76 4.61 21.86
N LYS C 68 -29.11 5.61 21.26
CA LYS C 68 -28.80 5.55 19.84
C LYS C 68 -27.73 4.49 19.56
N GLY C 69 -26.64 4.51 20.32
CA GLY C 69 -25.52 3.63 20.02
C GLY C 69 -25.76 2.18 20.39
N VAL C 70 -26.65 1.92 21.35
CA VAL C 70 -26.79 0.59 21.93
C VAL C 70 -28.10 -0.06 21.50
N VAL C 71 -29.23 0.57 21.79
CA VAL C 71 -30.52 -0.08 21.61
C VAL C 71 -31.10 0.15 20.22
N TRP C 72 -31.15 1.40 19.77
CA TRP C 72 -31.87 1.71 18.54
C TRP C 72 -31.01 1.52 17.30
N GLY C 73 -29.73 1.90 17.37
CA GLY C 73 -28.82 1.83 16.25
C GLY C 73 -28.77 0.49 15.53
N PRO C 74 -28.68 -0.62 16.27
CA PRO C 74 -28.63 -1.93 15.60
C PRO C 74 -29.86 -2.27 14.77
N ILE C 75 -31.01 -1.64 15.03
CA ILE C 75 -32.22 -1.97 14.28
C ILE C 75 -32.01 -1.56 12.82
N LYS C 76 -31.99 -2.56 11.93
CA LYS C 76 -31.35 -2.38 10.64
C LYS C 76 -32.23 -1.66 9.62
N ASP C 77 -33.53 -1.94 9.58
CA ASP C 77 -34.38 -1.34 8.56
C ASP C 77 -34.94 0.01 8.95
N MET C 78 -34.55 0.53 10.11
CA MET C 78 -34.96 1.85 10.56
C MET C 78 -33.85 2.85 10.30
N ILE C 79 -34.23 4.09 10.11
CA ILE C 79 -33.28 5.19 9.97
C ILE C 79 -33.28 5.98 11.28
N HIS C 80 -32.11 6.14 11.86
CA HIS C 80 -31.96 6.77 13.17
C HIS C 80 -31.30 8.13 12.97
N ILE C 81 -32.04 9.19 13.28
CA ILE C 81 -31.58 10.56 13.12
C ILE C 81 -30.90 10.99 14.41
N SER C 82 -29.62 11.34 14.33
CA SER C 82 -28.95 12.00 15.44
C SER C 82 -29.36 13.46 15.41
N HIS C 83 -30.37 13.81 16.22
CA HIS C 83 -30.95 15.15 16.19
C HIS C 83 -30.11 16.10 17.04
N GLY C 84 -29.48 17.07 16.39
CA GLY C 84 -28.61 18.01 17.05
C GLY C 84 -27.36 18.26 16.24
N PRO C 85 -26.30 18.74 16.89
CA PRO C 85 -25.04 19.01 16.17
C PRO C 85 -24.40 17.73 15.66
N VAL C 86 -23.40 17.93 14.80
CA VAL C 86 -22.83 16.84 14.00
C VAL C 86 -22.01 15.84 14.83
N GLY C 87 -21.48 16.27 15.97
CA GLY C 87 -20.46 15.49 16.65
C GLY C 87 -20.96 14.14 17.12
N CYS C 88 -22.09 14.11 17.83
CA CYS C 88 -22.53 12.87 18.47
C CYS C 88 -22.74 11.76 17.46
N GLY C 89 -23.41 12.09 16.35
CA GLY C 89 -23.61 11.11 15.30
C GLY C 89 -22.31 10.71 14.63
N GLN C 90 -21.39 11.66 14.43
CA GLN C 90 -20.15 11.31 13.75
C GLN C 90 -19.28 10.37 14.58
N TYR C 91 -19.17 10.63 15.89
CA TYR C 91 -18.28 9.81 16.72
C TYR C 91 -18.83 8.41 16.94
N SER C 92 -20.14 8.23 16.84
CA SER C 92 -20.75 6.93 17.05
C SER C 92 -21.04 6.18 15.76
N ARG C 93 -20.63 6.71 14.61
CA ARG C 93 -20.91 6.04 13.34
C ARG C 93 -20.04 4.80 13.21
N ALA C 94 -20.67 3.64 13.16
CA ALA C 94 -20.02 2.35 12.92
C ALA C 94 -18.94 2.03 13.95
N GLY C 95 -19.00 2.66 15.13
CA GLY C 95 -18.05 2.35 16.18
C GLY C 95 -18.35 1.10 16.95
N ARG C 96 -19.59 0.61 16.86
CA ARG C 96 -20.04 -0.57 17.57
C ARG C 96 -20.37 -1.65 16.55
N ARG C 97 -19.86 -2.86 16.77
CA ARG C 97 -19.97 -3.93 15.78
C ARG C 97 -21.26 -4.72 15.94
N ASN C 98 -22.39 -4.02 15.88
CA ASN C 98 -23.70 -4.68 15.91
C ASN C 98 -23.99 -5.18 14.50
N TYR C 99 -23.65 -6.43 14.25
CA TYR C 99 -23.65 -6.96 12.89
C TYR C 99 -25.07 -7.18 12.37
N TYR C 100 -25.21 -7.08 11.05
CA TYR C 100 -26.51 -7.19 10.42
C TYR C 100 -26.34 -7.67 8.98
N ILE C 101 -27.43 -8.15 8.41
CA ILE C 101 -27.50 -8.50 6.99
C ILE C 101 -28.45 -7.52 6.31
N GLY C 102 -27.98 -6.90 5.24
CA GLY C 102 -28.83 -5.99 4.48
C GLY C 102 -28.01 -5.24 3.48
N THR C 103 -28.74 -4.48 2.64
CA THR C 103 -28.12 -3.64 1.62
C THR C 103 -28.08 -2.23 2.19
N THR C 104 -26.88 -1.79 2.60
CA THR C 104 -26.73 -0.53 3.29
C THR C 104 -27.07 0.63 2.35
N GLY C 105 -27.87 1.57 2.85
CA GLY C 105 -28.34 2.69 2.06
C GLY C 105 -29.60 2.43 1.29
N VAL C 106 -30.07 1.18 1.23
CA VAL C 106 -31.26 0.82 0.48
C VAL C 106 -32.33 0.32 1.43
N ASN C 107 -32.08 -0.78 2.11
CA ASN C 107 -33.01 -1.32 3.08
C ASN C 107 -32.44 -1.46 4.48
N ALA C 108 -31.14 -1.21 4.66
CA ALA C 108 -30.51 -1.23 5.97
C ALA C 108 -29.65 0.01 6.11
N PHE C 109 -29.57 0.56 7.32
CA PHE C 109 -28.94 1.87 7.50
C PHE C 109 -28.10 1.93 8.77
N VAL C 110 -27.60 0.79 9.24
CA VAL C 110 -26.97 0.73 10.56
C VAL C 110 -25.70 1.57 10.60
N THR C 111 -24.83 1.39 9.62
CA THR C 111 -23.52 2.05 9.64
C THR C 111 -23.56 3.46 9.08
N MET C 112 -24.73 3.96 8.74
CA MET C 112 -24.86 5.31 8.21
C MET C 112 -25.07 6.31 9.34
N ASN C 113 -24.67 7.55 9.09
CA ASN C 113 -24.84 8.64 10.06
C ASN C 113 -25.87 9.62 9.49
N PHE C 114 -27.09 9.56 10.01
CA PHE C 114 -28.13 10.52 9.69
C PHE C 114 -28.19 11.55 10.80
N THR C 115 -28.09 12.83 10.45
CA THR C 115 -28.06 13.87 11.46
C THR C 115 -28.76 15.11 10.94
N SER C 116 -29.29 15.90 11.88
CA SER C 116 -29.84 17.21 11.55
C SER C 116 -28.77 18.30 11.49
N ASP C 117 -27.55 18.01 11.93
CA ASP C 117 -26.39 18.92 11.81
C ASP C 117 -26.76 20.35 12.23
N PHE C 118 -27.09 20.49 13.51
CA PHE C 118 -27.56 21.78 14.01
C PHE C 118 -26.52 22.86 13.83
N GLN C 119 -26.96 24.01 13.36
CA GLN C 119 -26.16 25.22 13.31
C GLN C 119 -26.66 26.19 14.36
N GLU C 120 -26.09 27.41 14.36
CA GLU C 120 -26.48 28.40 15.36
C GLU C 120 -27.95 28.77 15.24
N LYS C 121 -28.46 28.93 14.02
CA LYS C 121 -29.85 29.32 13.85
C LYS C 121 -30.80 28.24 14.36
N ASP C 122 -30.42 26.97 14.23
CA ASP C 122 -31.24 25.90 14.79
C ASP C 122 -31.26 25.95 16.31
N ILE C 123 -30.15 26.37 16.93
CA ILE C 123 -30.12 26.52 18.38
C ILE C 123 -31.00 27.69 18.81
N VAL C 124 -30.93 28.80 18.09
CA VAL C 124 -31.63 30.02 18.52
C VAL C 124 -33.12 29.92 18.26
N PHE C 125 -33.50 29.46 17.07
CA PHE C 125 -34.90 29.49 16.64
C PHE C 125 -35.56 28.11 16.68
N GLY C 126 -34.88 27.09 17.18
CA GLY C 126 -35.44 25.76 17.27
C GLY C 126 -35.20 24.94 16.01
N GLY C 127 -35.45 23.64 16.13
CA GLY C 127 -35.19 22.72 15.05
C GLY C 127 -36.36 21.84 14.67
N ASP C 128 -37.56 22.19 15.10
CA ASP C 128 -38.73 21.36 14.79
C ASP C 128 -39.06 21.39 13.30
N LYS C 129 -39.06 22.59 12.69
CA LYS C 129 -39.30 22.67 11.25
C LYS C 129 -38.19 22.00 10.47
N LYS C 130 -36.95 22.16 10.93
CA LYS C 130 -35.85 21.44 10.30
C LYS C 130 -36.04 19.94 10.43
N LEU C 131 -36.56 19.49 11.58
CA LEU C 131 -36.81 18.05 11.75
C LEU C 131 -37.89 17.56 10.79
N ALA C 132 -38.96 18.34 10.60
CA ALA C 132 -40.01 17.93 9.66
C ALA C 132 -39.48 17.88 8.23
N LYS C 133 -38.72 18.90 7.82
CA LYS C 133 -38.09 18.89 6.51
C LYS C 133 -37.13 17.71 6.36
N LEU C 134 -36.38 17.40 7.42
CA LEU C 134 -35.47 16.26 7.40
C LEU C 134 -36.22 14.96 7.19
N ILE C 135 -37.36 14.79 7.86
CA ILE C 135 -38.14 13.57 7.70
C ILE C 135 -38.66 13.47 6.27
N ASP C 136 -39.11 14.58 5.70
CA ASP C 136 -39.51 14.57 4.29
C ASP C 136 -38.36 14.14 3.39
N GLU C 137 -37.16 14.69 3.62
CA GLU C 137 -36.01 14.34 2.80
C GLU C 137 -35.64 12.86 2.97
N VAL C 138 -35.74 12.35 4.19
CA VAL C 138 -35.48 10.93 4.43
C VAL C 138 -36.45 10.08 3.64
N GLU C 139 -37.73 10.45 3.65
CA GLU C 139 -38.72 9.70 2.87
C GLU C 139 -38.41 9.75 1.38
N THR C 140 -37.95 10.90 0.89
CA THR C 140 -37.64 11.03 -0.52
C THR C 140 -36.47 10.15 -0.91
N LEU C 141 -35.40 10.17 -0.12
CA LEU C 141 -34.14 9.57 -0.55
C LEU C 141 -33.94 8.13 -0.08
N PHE C 142 -34.70 7.65 0.89
CA PHE C 142 -34.58 6.29 1.39
C PHE C 142 -35.97 5.68 1.52
N PRO C 143 -36.63 5.41 0.39
CA PRO C 143 -38.04 4.98 0.43
C PRO C 143 -38.28 3.62 1.06
N LEU C 144 -37.25 2.78 1.20
CA LEU C 144 -37.44 1.44 1.74
C LEU C 144 -37.25 1.38 3.25
N ASN C 145 -36.97 2.50 3.91
CA ASN C 145 -36.89 2.48 5.36
C ASN C 145 -38.26 2.13 5.94
N LYS C 146 -38.26 1.32 6.98
CA LYS C 146 -39.49 0.83 7.59
C LYS C 146 -39.86 1.59 8.85
N GLY C 147 -39.16 2.66 9.14
CA GLY C 147 -39.43 3.50 10.29
C GLY C 147 -38.29 4.47 10.52
N ILE C 148 -38.56 5.48 11.34
CA ILE C 148 -37.59 6.52 11.66
C ILE C 148 -37.58 6.70 13.16
N SER C 149 -36.40 6.78 13.75
CA SER C 149 -36.24 7.20 15.13
C SER C 149 -35.46 8.51 15.18
N VAL C 150 -35.76 9.31 16.19
CA VAL C 150 -35.15 10.63 16.36
C VAL C 150 -34.47 10.62 17.72
N GLN C 151 -33.17 10.40 17.74
CA GLN C 151 -32.38 10.33 18.97
C GLN C 151 -31.91 11.73 19.34
N SER C 152 -32.40 12.26 20.45
CA SER C 152 -32.08 13.62 20.85
C SER C 152 -30.66 13.70 21.39
N GLU C 153 -29.89 14.66 20.89
CA GLU C 153 -28.62 15.01 21.47
C GLU C 153 -28.84 16.11 22.50
N CYS C 154 -27.76 16.52 23.18
CA CYS C 154 -27.87 17.43 24.32
C CYS C 154 -28.69 18.69 24.06
N PRO C 155 -28.47 19.45 22.97
CA PRO C 155 -29.19 20.73 22.84
C PRO C 155 -30.69 20.60 22.68
N ILE C 156 -31.20 19.44 22.27
CA ILE C 156 -32.62 19.32 21.94
C ILE C 156 -33.49 19.59 23.16
N GLY C 157 -33.11 19.02 24.31
CA GLY C 157 -33.86 19.23 25.53
C GLY C 157 -33.62 20.55 26.21
N LEU C 158 -32.58 21.29 25.81
CA LEU C 158 -32.28 22.57 26.43
C LEU C 158 -32.88 23.76 25.70
N ILE C 159 -33.21 23.62 24.42
CA ILE C 159 -33.78 24.72 23.65
C ILE C 159 -35.29 24.63 23.53
N GLY C 160 -35.92 23.68 24.21
CA GLY C 160 -37.37 23.56 24.19
C GLY C 160 -37.96 22.98 22.92
N ASP C 161 -37.19 22.20 22.17
CA ASP C 161 -37.73 21.57 20.98
C ASP C 161 -38.74 20.49 21.36
N ASP C 162 -39.81 20.39 20.57
CA ASP C 162 -40.88 19.41 20.79
C ASP C 162 -40.83 18.39 19.65
N ILE C 163 -39.98 17.38 19.82
CA ILE C 163 -39.85 16.36 18.78
C ILE C 163 -41.00 15.37 18.79
N GLU C 164 -41.73 15.26 19.90
CA GLU C 164 -42.87 14.34 19.95
C GLU C 164 -44.00 14.82 19.05
N SER C 165 -44.28 16.13 19.03
CA SER C 165 -45.32 16.65 18.16
C SER C 165 -44.96 16.46 16.70
N VAL C 166 -43.71 16.77 16.34
CA VAL C 166 -43.26 16.54 14.97
C VAL C 166 -43.36 15.06 14.62
N SER C 167 -42.97 14.19 15.53
CA SER C 167 -43.05 12.76 15.28
C SER C 167 -44.48 12.33 15.01
N LYS C 168 -45.41 12.77 15.86
CA LYS C 168 -46.81 12.40 15.69
C LYS C 168 -47.37 12.92 14.37
N VAL C 169 -47.12 14.18 14.06
CA VAL C 169 -47.68 14.79 12.85
C VAL C 169 -47.11 14.13 11.61
N LYS C 170 -45.78 13.97 11.56
CA LYS C 170 -45.15 13.38 10.38
C LYS C 170 -45.50 11.91 10.23
N GLY C 171 -45.60 11.18 11.34
CA GLY C 171 -45.99 9.79 11.27
C GLY C 171 -47.42 9.61 10.79
N ALA C 172 -48.33 10.47 11.25
CA ALA C 172 -49.70 10.42 10.75
C ALA C 172 -49.75 10.77 9.27
N GLU C 173 -48.97 11.76 8.84
CA GLU C 173 -49.02 12.21 7.45
C GLU C 173 -48.42 11.18 6.51
N LEU C 174 -47.34 10.51 6.93
CA LEU C 174 -46.63 9.57 6.08
C LEU C 174 -46.97 8.12 6.37
N SER C 175 -47.89 7.85 7.29
CA SER C 175 -48.24 6.48 7.68
C SER C 175 -46.98 5.71 8.11
N LYS C 176 -46.10 6.39 8.84
CA LYS C 176 -44.80 5.86 9.18
C LYS C 176 -44.60 5.88 10.68
N THR C 177 -43.98 4.84 11.21
CA THR C 177 -43.59 4.84 12.62
C THR C 177 -42.41 5.79 12.81
N ILE C 178 -42.64 6.87 13.54
CA ILE C 178 -41.61 7.85 13.87
C ILE C 178 -41.51 7.92 15.39
N VAL C 179 -40.37 7.52 15.92
CA VAL C 179 -40.18 7.30 17.36
C VAL C 179 -39.30 8.44 17.88
N PRO C 180 -39.84 9.35 18.69
CA PRO C 180 -38.99 10.35 19.35
C PRO C 180 -38.36 9.77 20.60
N VAL C 181 -37.04 9.88 20.70
CA VAL C 181 -36.28 9.36 21.85
C VAL C 181 -35.61 10.55 22.53
N ARG C 182 -35.98 10.79 23.78
CA ARG C 182 -35.42 11.89 24.58
C ARG C 182 -34.19 11.39 25.33
N CYS C 183 -33.17 11.06 24.55
CA CYS C 183 -31.93 10.50 25.07
C CYS C 183 -30.82 11.53 25.15
N GLU C 184 -31.15 12.77 25.50
CA GLU C 184 -30.15 13.83 25.61
C GLU C 184 -29.04 13.41 26.56
N GLY C 185 -27.80 13.71 26.17
CA GLY C 185 -26.65 13.18 26.90
C GLY C 185 -26.56 13.66 28.33
N PHE C 186 -27.18 14.79 28.66
CA PHE C 186 -27.13 15.28 30.02
C PHE C 186 -28.10 14.57 30.94
N ARG C 187 -28.98 13.73 30.41
CA ARG C 187 -29.91 12.97 31.25
C ARG C 187 -29.19 11.78 31.87
N GLY C 188 -29.54 11.48 33.11
CA GLY C 188 -28.90 10.37 33.79
C GLY C 188 -27.45 10.65 34.10
N VAL C 189 -26.69 9.57 34.27
CA VAL C 189 -25.29 9.64 34.64
C VAL C 189 -24.40 8.79 33.74
N SER C 190 -24.97 8.07 32.78
CA SER C 190 -24.22 7.10 31.97
C SER C 190 -25.12 6.64 30.83
N GLN C 191 -24.69 5.58 30.15
CA GLN C 191 -25.49 4.95 29.11
C GLN C 191 -26.74 4.27 29.64
N SER C 192 -26.80 3.98 30.95
CA SER C 192 -27.90 3.18 31.50
C SER C 192 -29.24 3.89 31.35
N LEU C 193 -29.30 5.18 31.65
CA LEU C 193 -30.56 5.89 31.45
C LEU C 193 -30.91 5.95 29.98
N GLY C 194 -29.91 5.95 29.10
CA GLY C 194 -30.17 5.79 27.69
C GLY C 194 -30.87 4.48 27.38
N HIS C 195 -30.42 3.39 28.01
CA HIS C 195 -31.13 2.11 27.87
C HIS C 195 -32.58 2.25 28.29
N HIS C 196 -32.82 2.86 29.46
CA HIS C 196 -34.19 2.96 29.97
C HIS C 196 -35.07 3.81 29.05
N ILE C 197 -34.53 4.93 28.57
CA ILE C 197 -35.30 5.82 27.70
C ILE C 197 -35.60 5.13 26.37
N ALA C 198 -34.62 4.43 25.80
CA ALA C 198 -34.85 3.70 24.56
C ALA C 198 -35.89 2.60 24.74
N ASN C 199 -35.84 1.89 25.87
CA ASN C 199 -36.84 0.87 26.16
C ASN C 199 -38.24 1.45 26.26
N ASP C 200 -38.36 2.59 26.95
CA ASP C 200 -39.66 3.25 27.03
C ASP C 200 -40.15 3.70 25.66
N ALA C 201 -39.24 4.18 24.82
CA ALA C 201 -39.62 4.59 23.46
C ALA C 201 -40.12 3.40 22.65
N VAL C 202 -39.44 2.25 22.76
CA VAL C 202 -39.90 1.04 22.11
C VAL C 202 -41.29 0.68 22.60
N ARG C 203 -41.50 0.72 23.91
CA ARG C 203 -42.78 0.33 24.49
C ARG C 203 -43.90 1.25 24.02
N ASP C 204 -43.61 2.56 23.91
CA ASP C 204 -44.65 3.53 23.63
C ASP C 204 -44.95 3.69 22.15
N TRP C 205 -44.00 3.38 21.27
CA TRP C 205 -44.18 3.70 19.86
C TRP C 205 -44.13 2.52 18.90
N VAL C 206 -43.56 1.38 19.30
CA VAL C 206 -43.33 0.26 18.40
C VAL C 206 -44.00 -1.02 18.90
N LEU C 207 -43.87 -1.32 20.19
CA LEU C 207 -44.16 -2.66 20.68
C LEU C 207 -45.62 -3.04 20.47
N GLY C 208 -46.54 -2.10 20.68
CA GLY C 208 -47.95 -2.41 20.62
C GLY C 208 -48.60 -2.26 19.25
N LYS C 209 -47.77 -2.20 18.20
CA LYS C 209 -48.30 -1.97 16.86
C LYS C 209 -49.27 -3.08 16.43
N ARG C 210 -48.94 -4.32 16.75
CA ARG C 210 -49.74 -5.46 16.32
C ARG C 210 -50.52 -6.08 17.49
N ASP C 211 -50.97 -5.25 18.43
CA ASP C 211 -51.74 -5.76 19.56
C ASP C 211 -53.05 -6.38 19.11
N GLU C 212 -53.75 -5.71 18.19
CA GLU C 212 -55.01 -6.21 17.65
C GLU C 212 -54.81 -7.16 16.48
N ASP C 213 -53.60 -7.24 15.93
CA ASP C 213 -53.29 -8.15 14.84
C ASP C 213 -53.14 -9.56 15.37
N THR C 214 -53.76 -10.52 14.67
CA THR C 214 -53.71 -11.93 15.06
C THR C 214 -53.38 -12.84 13.87
N THR C 215 -52.77 -12.30 12.83
CA THR C 215 -52.46 -13.07 11.63
C THR C 215 -51.10 -13.74 11.68
N PHE C 216 -50.40 -13.68 12.81
CA PHE C 216 -49.12 -14.35 12.94
C PHE C 216 -49.34 -15.77 13.43
N ALA C 217 -48.84 -16.75 12.68
CA ALA C 217 -48.94 -18.15 13.08
C ALA C 217 -47.89 -18.42 14.15
N SER C 218 -48.35 -18.62 15.38
CA SER C 218 -47.46 -18.82 16.51
C SER C 218 -47.39 -20.28 16.90
N THR C 219 -46.21 -20.72 17.31
CA THR C 219 -45.97 -22.07 17.78
C THR C 219 -45.61 -22.03 19.27
N PRO C 220 -45.81 -23.14 20.00
CA PRO C 220 -45.44 -23.16 21.42
C PRO C 220 -43.94 -23.06 21.67
N TYR C 221 -43.10 -23.08 20.64
CA TYR C 221 -41.66 -22.95 20.77
C TYR C 221 -41.16 -21.56 20.37
N ASP C 222 -42.01 -20.54 20.50
CA ASP C 222 -41.66 -19.20 20.08
C ASP C 222 -40.90 -18.47 21.18
N VAL C 223 -39.71 -17.96 20.85
CA VAL C 223 -38.87 -17.24 21.77
C VAL C 223 -38.37 -15.98 21.10
N ALA C 224 -37.96 -15.03 21.92
CA ALA C 224 -37.32 -13.81 21.43
C ALA C 224 -36.02 -13.60 22.18
N ILE C 225 -34.94 -13.35 21.43
CA ILE C 225 -33.66 -13.01 22.04
C ILE C 225 -33.66 -11.52 22.32
N ILE C 226 -33.62 -11.15 23.61
CA ILE C 226 -33.70 -9.77 24.06
C ILE C 226 -32.34 -9.39 24.64
N GLY C 227 -31.82 -8.25 24.21
CA GLY C 227 -30.56 -7.78 24.75
C GLY C 227 -29.34 -8.49 24.23
N ASP C 228 -29.37 -8.95 22.98
CA ASP C 228 -28.18 -9.44 22.29
C ASP C 228 -28.02 -8.59 21.04
N TYR C 229 -26.93 -7.82 20.99
CA TYR C 229 -26.74 -6.83 19.96
C TYR C 229 -25.81 -7.32 18.86
N ASN C 230 -25.63 -8.64 18.75
CA ASN C 230 -24.95 -9.26 17.62
C ASN C 230 -23.56 -8.69 17.42
N ILE C 231 -22.83 -8.48 18.52
CA ILE C 231 -21.48 -7.93 18.43
C ILE C 231 -20.59 -8.97 17.79
N GLY C 232 -20.02 -8.62 16.64
CA GLY C 232 -19.24 -9.56 15.86
C GLY C 232 -19.99 -10.80 15.44
N GLY C 233 -21.32 -10.76 15.44
CA GLY C 233 -22.12 -11.93 15.14
C GLY C 233 -22.59 -12.72 16.34
N ASP C 234 -22.41 -12.19 17.56
CA ASP C 234 -22.72 -12.95 18.78
C ASP C 234 -24.14 -13.52 18.74
N ALA C 235 -25.12 -12.68 18.43
CA ALA C 235 -26.51 -13.13 18.43
C ALA C 235 -26.70 -14.29 17.46
N TRP C 236 -26.10 -14.22 16.27
CA TRP C 236 -26.21 -15.32 15.32
C TRP C 236 -25.65 -16.60 15.93
N SER C 237 -24.48 -16.50 16.56
CA SER C 237 -23.88 -17.68 17.19
C SER C 237 -24.74 -18.20 18.33
N SER C 238 -25.56 -17.33 18.92
CA SER C 238 -26.54 -17.81 19.90
C SER C 238 -27.73 -18.43 19.18
N ARG C 239 -28.24 -17.72 18.18
CA ARG C 239 -29.50 -18.11 17.56
C ARG C 239 -29.45 -19.52 17.02
N ILE C 240 -28.34 -19.87 16.37
CA ILE C 240 -28.21 -21.20 15.77
C ILE C 240 -28.45 -22.28 16.83
N LEU C 241 -27.85 -22.12 18.02
CA LEU C 241 -28.04 -23.12 19.06
C LEU C 241 -29.51 -23.21 19.44
N LEU C 242 -30.16 -22.06 19.62
CA LEU C 242 -31.57 -22.07 19.98
C LEU C 242 -32.42 -22.73 18.90
N GLU C 243 -32.00 -22.62 17.64
CA GLU C 243 -32.75 -23.26 16.57
C GLU C 243 -32.37 -24.73 16.40
N GLU C 244 -31.19 -25.14 16.89
CA GLU C 244 -30.87 -26.55 16.96
C GLU C 244 -31.61 -27.25 18.08
N MET C 245 -32.05 -26.51 19.09
CA MET C 245 -32.80 -27.05 20.21
C MET C 245 -34.29 -27.20 19.90
N GLY C 246 -34.72 -26.81 18.70
CA GLY C 246 -36.10 -26.91 18.30
C GLY C 246 -36.93 -25.67 18.55
N LEU C 247 -36.32 -24.58 19.00
CA LEU C 247 -37.04 -23.34 19.24
C LEU C 247 -37.08 -22.49 17.98
N ARG C 248 -38.10 -21.65 17.87
CA ARG C 248 -38.22 -20.68 16.80
C ARG C 248 -37.95 -19.29 17.37
N CYS C 249 -36.80 -18.72 17.00
CA CYS C 249 -36.45 -17.38 17.45
C CYS C 249 -37.19 -16.37 16.57
N VAL C 250 -38.20 -15.73 17.14
CA VAL C 250 -39.03 -14.82 16.37
C VAL C 250 -38.39 -13.44 16.27
N ALA C 251 -37.72 -12.99 17.32
CA ALA C 251 -37.16 -11.65 17.37
C ALA C 251 -35.74 -11.66 17.92
N GLN C 252 -34.95 -10.70 17.46
CA GLN C 252 -33.63 -10.42 18.01
C GLN C 252 -33.58 -8.94 18.40
N TRP C 253 -33.30 -8.67 19.67
CA TRP C 253 -33.32 -7.31 20.20
C TRP C 253 -31.91 -6.94 20.63
N SER C 254 -31.24 -6.10 19.85
CA SER C 254 -31.71 -5.53 18.60
C SER C 254 -30.66 -5.74 17.50
N GLY C 255 -29.62 -6.51 17.82
CA GLY C 255 -28.60 -6.84 16.85
C GLY C 255 -29.16 -7.61 15.67
N ASP C 256 -28.89 -7.12 14.46
CA ASP C 256 -29.51 -7.64 13.23
C ASP C 256 -31.03 -7.64 13.35
N GLY C 257 -31.57 -6.72 14.15
CA GLY C 257 -32.98 -6.68 14.42
C GLY C 257 -33.73 -5.81 13.41
N SER C 258 -34.91 -6.27 13.03
CA SER C 258 -35.81 -5.52 12.18
C SER C 258 -36.96 -4.98 13.04
N ILE C 259 -37.64 -3.97 12.51
CA ILE C 259 -38.78 -3.41 13.25
C ILE C 259 -39.93 -4.40 13.31
N SER C 260 -40.13 -5.18 12.23
CA SER C 260 -41.24 -6.13 12.21
C SER C 260 -41.07 -7.19 13.30
N GLU C 261 -39.85 -7.69 13.49
CA GLU C 261 -39.65 -8.72 14.50
C GLU C 261 -39.74 -8.16 15.90
N ILE C 262 -39.44 -6.87 16.09
CA ILE C 262 -39.76 -6.22 17.36
C ILE C 262 -41.27 -6.18 17.57
N GLU C 263 -42.02 -5.85 16.53
CA GLU C 263 -43.48 -5.82 16.64
C GLU C 263 -44.06 -7.21 16.87
N LEU C 264 -43.37 -8.26 16.45
CA LEU C 264 -43.84 -9.62 16.62
C LEU C 264 -43.45 -10.22 17.96
N THR C 265 -42.61 -9.54 18.74
CA THR C 265 -42.17 -10.08 20.03
C THR C 265 -43.31 -10.39 20.99
N PRO C 266 -44.38 -9.56 21.12
CA PRO C 266 -45.45 -9.92 22.06
C PRO C 266 -46.19 -11.21 21.72
N LYS C 267 -45.85 -11.85 20.61
CA LYS C 267 -46.46 -13.11 20.21
C LYS C 267 -45.66 -14.33 20.63
N VAL C 268 -44.49 -14.15 21.25
CA VAL C 268 -43.63 -15.28 21.58
C VAL C 268 -44.04 -15.88 22.91
N LYS C 269 -43.61 -17.11 23.14
CA LYS C 269 -43.87 -17.81 24.40
C LYS C 269 -42.84 -17.48 25.46
N LEU C 270 -41.59 -17.23 25.07
CA LEU C 270 -40.54 -16.99 26.05
C LEU C 270 -39.64 -15.84 25.59
N ASN C 271 -39.23 -15.02 26.54
CA ASN C 271 -38.26 -13.94 26.27
C ASN C 271 -36.94 -14.32 26.92
N LEU C 272 -35.94 -14.63 26.11
CA LEU C 272 -34.62 -14.99 26.60
C LEU C 272 -33.77 -13.72 26.66
N VAL C 273 -33.47 -13.27 27.86
CA VAL C 273 -32.79 -11.99 28.08
C VAL C 273 -31.32 -12.27 28.30
N HIS C 274 -30.47 -11.77 27.40
CA HIS C 274 -29.04 -11.88 27.60
C HIS C 274 -28.49 -10.71 28.40
N CYS C 275 -28.73 -9.48 27.94
CA CYS C 275 -28.27 -8.30 28.66
C CYS C 275 -29.40 -7.82 29.54
N TYR C 276 -29.34 -8.18 30.82
CA TYR C 276 -30.35 -7.73 31.77
C TYR C 276 -30.36 -6.21 31.88
N ARG C 277 -29.17 -5.60 31.91
CA ARG C 277 -29.05 -4.17 32.19
C ARG C 277 -29.83 -3.34 31.19
N SER C 278 -29.72 -3.64 29.90
CA SER C 278 -30.28 -2.77 28.89
C SER C 278 -31.73 -3.08 28.55
N MET C 279 -32.23 -4.28 28.88
CA MET C 279 -33.53 -4.71 28.38
C MET C 279 -34.46 -5.27 29.43
N ASN C 280 -34.08 -5.25 30.72
CA ASN C 280 -35.00 -5.72 31.75
C ASN C 280 -36.27 -4.88 31.80
N TYR C 281 -36.19 -3.60 31.40
CA TYR C 281 -37.37 -2.75 31.42
C TYR C 281 -38.44 -3.28 30.47
N ILE C 282 -38.07 -3.52 29.21
CA ILE C 282 -39.02 -4.03 28.24
C ILE C 282 -39.41 -5.47 28.55
N SER C 283 -38.50 -6.25 29.16
CA SER C 283 -38.86 -7.61 29.53
C SER C 283 -39.95 -7.62 30.61
N ARG C 284 -39.79 -6.78 31.63
CA ARG C 284 -40.80 -6.67 32.66
C ARG C 284 -42.11 -6.13 32.11
N HIS C 285 -42.02 -5.16 31.19
CA HIS C 285 -43.23 -4.63 30.56
C HIS C 285 -43.98 -5.72 29.80
N MET C 286 -43.25 -6.52 29.02
CA MET C 286 -43.92 -7.56 28.24
C MET C 286 -44.50 -8.63 29.16
N GLU C 287 -43.82 -8.92 30.27
CA GLU C 287 -44.37 -9.84 31.25
C GLU C 287 -45.67 -9.28 31.85
N GLU C 288 -45.70 -7.99 32.15
CA GLU C 288 -46.89 -7.40 32.77
C GLU C 288 -48.04 -7.32 31.79
N LYS C 289 -47.78 -6.91 30.55
CA LYS C 289 -48.84 -6.64 29.59
C LYS C 289 -49.30 -7.89 28.85
N TYR C 290 -48.37 -8.65 28.28
CA TYR C 290 -48.71 -9.82 27.49
C TYR C 290 -48.57 -11.13 28.24
N GLY C 291 -48.13 -11.09 29.50
CA GLY C 291 -47.96 -12.31 30.25
C GLY C 291 -46.85 -13.21 29.75
N ILE C 292 -45.86 -12.65 29.07
CA ILE C 292 -44.74 -13.43 28.53
C ILE C 292 -43.67 -13.53 29.60
N PRO C 293 -43.33 -14.73 30.07
CA PRO C 293 -42.21 -14.85 31.01
C PRO C 293 -40.89 -14.57 30.32
N TRP C 294 -39.94 -14.07 31.11
CA TRP C 294 -38.60 -13.84 30.63
C TRP C 294 -37.60 -14.47 31.59
N MET C 295 -36.49 -14.94 31.06
CA MET C 295 -35.43 -15.52 31.86
C MET C 295 -34.08 -15.04 31.36
N GLU C 296 -33.15 -14.83 32.29
CA GLU C 296 -31.79 -14.48 31.94
C GLU C 296 -31.01 -15.72 31.53
N TYR C 297 -30.09 -15.54 30.59
CA TYR C 297 -29.25 -16.64 30.15
C TYR C 297 -27.85 -16.12 29.82
N ASN C 298 -26.90 -17.04 29.77
CA ASN C 298 -25.50 -16.71 29.56
C ASN C 298 -24.91 -17.69 28.56
N PHE C 299 -24.48 -17.19 27.40
CA PHE C 299 -23.89 -18.02 26.36
C PHE C 299 -22.39 -17.77 26.22
N PHE C 300 -21.73 -17.35 27.30
CA PHE C 300 -20.29 -17.14 27.32
C PHE C 300 -19.63 -18.39 27.86
N GLY C 301 -18.96 -19.15 26.99
CA GLY C 301 -18.25 -20.34 27.39
C GLY C 301 -19.13 -21.56 27.44
N PRO C 302 -18.52 -22.75 27.39
CA PRO C 302 -19.33 -23.97 27.32
C PRO C 302 -20.12 -24.27 28.57
N THR C 303 -19.56 -24.05 29.75
CA THR C 303 -20.29 -24.37 30.99
C THR C 303 -21.56 -23.55 31.10
N LYS C 304 -21.43 -22.22 30.95
CA LYS C 304 -22.58 -21.34 31.01
C LYS C 304 -23.56 -21.63 29.87
N THR C 305 -23.04 -21.92 28.67
CA THR C 305 -23.93 -22.20 27.54
C THR C 305 -24.74 -23.46 27.77
N ILE C 306 -24.11 -24.52 28.29
CA ILE C 306 -24.81 -25.76 28.55
C ILE C 306 -25.86 -25.55 29.64
N GLU C 307 -25.49 -24.84 30.72
CA GLU C 307 -26.44 -24.55 31.77
C GLU C 307 -27.63 -23.75 31.24
N SER C 308 -27.35 -22.72 30.42
CA SER C 308 -28.42 -21.90 29.86
C SER C 308 -29.31 -22.70 28.93
N LEU C 309 -28.73 -23.55 28.09
CA LEU C 309 -29.52 -24.36 27.17
C LEU C 309 -30.44 -25.31 27.93
N ARG C 310 -29.92 -25.94 28.98
CA ARG C 310 -30.76 -26.83 29.78
C ARG C 310 -31.86 -26.06 30.49
N ALA C 311 -31.54 -24.89 31.04
CA ALA C 311 -32.55 -24.09 31.73
C ALA C 311 -33.64 -23.62 30.78
N ILE C 312 -33.25 -23.25 29.55
CA ILE C 312 -34.23 -22.83 28.56
C ILE C 312 -35.10 -24.00 28.12
N ALA C 313 -34.49 -25.16 27.86
CA ALA C 313 -35.25 -26.32 27.46
C ALA C 313 -36.21 -26.78 28.55
N ALA C 314 -35.86 -26.55 29.81
CA ALA C 314 -36.75 -26.93 30.91
C ALA C 314 -38.05 -26.14 30.92
N LYS C 315 -38.14 -25.04 30.16
CA LYS C 315 -39.38 -24.30 30.05
C LYS C 315 -40.34 -24.88 29.03
N PHE C 316 -39.93 -25.89 28.29
CA PHE C 316 -40.72 -26.46 27.21
C PHE C 316 -40.96 -27.95 27.49
N ASP C 317 -41.49 -28.65 26.49
CA ASP C 317 -41.86 -30.04 26.65
C ASP C 317 -40.62 -30.94 26.55
N GLU C 318 -40.83 -32.26 26.56
CA GLU C 318 -39.73 -33.20 26.59
C GLU C 318 -38.98 -33.25 25.26
N SER C 319 -39.64 -32.92 24.15
CA SER C 319 -38.96 -32.92 22.85
C SER C 319 -37.86 -31.88 22.81
N ILE C 320 -38.12 -30.70 23.36
CA ILE C 320 -37.10 -29.65 23.43
C ILE C 320 -35.94 -30.09 24.32
N GLN C 321 -36.23 -30.77 25.43
CA GLN C 321 -35.17 -31.25 26.31
C GLN C 321 -34.31 -32.30 25.62
N LYS C 322 -34.94 -33.20 24.86
CA LYS C 322 -34.18 -34.19 24.09
C LYS C 322 -33.31 -33.51 23.04
N LYS C 323 -33.85 -32.49 22.37
CA LYS C 323 -33.05 -31.76 21.39
C LYS C 323 -31.91 -31.00 22.07
N CYS C 324 -32.13 -30.50 23.28
CA CYS C 324 -31.08 -29.83 24.03
C CYS C 324 -29.94 -30.79 24.34
N GLU C 325 -30.27 -31.99 24.79
CA GLU C 325 -29.24 -32.99 25.04
C GLU C 325 -28.51 -33.35 23.74
N GLU C 326 -29.24 -33.41 22.63
CA GLU C 326 -28.59 -33.69 21.34
C GLU C 326 -27.61 -32.58 20.96
N VAL C 327 -28.00 -31.33 21.15
CA VAL C 327 -27.11 -30.21 20.83
C VAL C 327 -25.87 -30.25 21.70
N ILE C 328 -26.05 -30.51 23.00
CA ILE C 328 -24.92 -30.57 23.92
C ILE C 328 -23.97 -31.69 23.52
N ALA C 329 -24.52 -32.85 23.17
CA ALA C 329 -23.68 -33.97 22.74
C ALA C 329 -22.95 -33.63 21.45
N LYS C 330 -23.62 -32.97 20.52
CA LYS C 330 -23.00 -32.60 19.26
C LYS C 330 -21.81 -31.66 19.48
N TYR C 331 -21.96 -30.70 20.38
CA TYR C 331 -20.93 -29.69 20.54
C TYR C 331 -19.88 -30.04 21.58
N LYS C 332 -20.09 -31.09 22.37
CA LYS C 332 -19.10 -31.48 23.38
C LYS C 332 -17.69 -31.69 22.84
N PRO C 333 -17.47 -32.48 21.77
CA PRO C 333 -16.09 -32.65 21.29
C PRO C 333 -15.44 -31.36 20.84
N GLU C 334 -16.20 -30.42 20.24
CA GLU C 334 -15.61 -29.20 19.72
C GLU C 334 -15.03 -28.34 20.84
N TRP C 335 -15.84 -28.04 21.86
CA TRP C 335 -15.34 -27.18 22.93
C TRP C 335 -14.37 -27.95 23.83
N GLU C 336 -14.52 -29.28 23.91
CA GLU C 336 -13.51 -30.05 24.63
C GLU C 336 -12.16 -29.98 23.94
N ALA C 337 -12.14 -30.02 22.60
CA ALA C 337 -10.89 -29.84 21.87
C ALA C 337 -10.33 -28.44 22.07
N VAL C 338 -11.21 -27.43 22.08
CA VAL C 338 -10.76 -26.06 22.34
C VAL C 338 -10.09 -25.98 23.71
N VAL C 339 -10.73 -26.56 24.72
CA VAL C 339 -10.17 -26.54 26.07
C VAL C 339 -8.83 -27.27 26.12
N ALA C 340 -8.78 -28.47 25.53
CA ALA C 340 -7.54 -29.24 25.52
C ALA C 340 -6.42 -28.49 24.83
N LYS C 341 -6.74 -27.66 23.83
CA LYS C 341 -5.70 -26.95 23.12
C LYS C 341 -5.24 -25.71 23.87
N TYR C 342 -6.17 -24.97 24.50
CA TYR C 342 -5.84 -23.64 24.99
C TYR C 342 -5.73 -23.52 26.50
N ARG C 343 -6.45 -24.34 27.28
CA ARG C 343 -6.33 -24.26 28.73
C ARG C 343 -4.90 -24.47 29.23
N PRO C 344 -4.10 -25.42 28.71
CA PRO C 344 -2.72 -25.54 29.21
C PRO C 344 -1.90 -24.28 29.05
N ARG C 345 -2.19 -23.45 28.04
CA ARG C 345 -1.47 -22.20 27.85
C ARG C 345 -2.09 -21.03 28.60
N LEU C 346 -3.24 -21.21 29.23
CA LEU C 346 -3.90 -20.15 29.97
C LEU C 346 -4.18 -20.48 31.42
N GLU C 347 -3.80 -21.67 31.89
CA GLU C 347 -4.06 -22.07 33.26
C GLU C 347 -3.38 -21.12 34.25
N GLY C 348 -4.15 -20.67 35.24
CA GLY C 348 -3.63 -19.85 36.30
C GLY C 348 -3.42 -18.39 35.96
N LYS C 349 -3.73 -17.96 34.75
CA LYS C 349 -3.56 -16.56 34.37
C LYS C 349 -4.63 -15.71 35.02
N ARG C 350 -4.24 -14.51 35.46
CA ARG C 350 -5.11 -13.63 36.22
C ARG C 350 -5.57 -12.46 35.35
N VAL C 351 -6.87 -12.19 35.40
CA VAL C 351 -7.52 -11.22 34.52
C VAL C 351 -8.20 -10.15 35.35
N MET C 352 -8.13 -8.92 34.89
CA MET C 352 -8.93 -7.83 35.43
C MET C 352 -9.83 -7.31 34.32
N LEU C 353 -11.10 -7.13 34.63
CA LEU C 353 -12.09 -6.70 33.66
C LEU C 353 -12.70 -5.37 34.06
N TYR C 354 -12.94 -4.51 33.08
CA TYR C 354 -13.73 -3.30 33.29
C TYR C 354 -14.53 -3.05 32.02
N ILE C 355 -15.83 -3.34 32.08
CA ILE C 355 -16.72 -3.24 30.93
C ILE C 355 -17.98 -2.53 31.41
N GLY C 356 -19.05 -2.59 30.64
CA GLY C 356 -20.21 -1.73 30.83
C GLY C 356 -21.19 -2.26 31.85
N GLY C 357 -22.31 -2.84 31.42
CA GLY C 357 -23.31 -3.25 32.37
C GLY C 357 -23.54 -4.75 32.55
N LEU C 358 -23.08 -5.57 31.61
CA LEU C 358 -23.35 -7.00 31.67
C LEU C 358 -22.10 -7.86 31.67
N ARG C 359 -21.20 -7.63 30.73
CA ARG C 359 -20.04 -8.48 30.47
C ARG C 359 -19.04 -8.63 31.61
N PRO C 360 -18.88 -7.67 32.53
CA PRO C 360 -17.92 -7.88 33.63
C PRO C 360 -18.21 -9.11 34.48
N ARG C 361 -19.45 -9.57 34.55
CA ARG C 361 -19.76 -10.83 35.21
C ARG C 361 -20.09 -11.95 34.25
N HIS C 362 -20.59 -11.64 33.05
CA HIS C 362 -21.06 -12.68 32.14
C HIS C 362 -19.92 -13.51 31.57
N VAL C 363 -18.77 -12.89 31.29
CA VAL C 363 -17.66 -13.59 30.64
C VAL C 363 -16.78 -14.33 31.64
N ILE C 364 -17.11 -14.28 32.93
CA ILE C 364 -16.27 -14.93 33.94
C ILE C 364 -16.24 -16.43 33.74
N GLY C 365 -17.39 -17.02 33.37
CA GLY C 365 -17.45 -18.45 33.19
C GLY C 365 -16.56 -18.95 32.07
N ALA C 366 -16.46 -18.20 30.98
CA ALA C 366 -15.57 -18.60 29.89
C ALA C 366 -14.10 -18.58 30.33
N TYR C 367 -13.71 -17.54 31.07
CA TYR C 367 -12.35 -17.47 31.59
C TYR C 367 -12.05 -18.65 32.51
N GLU C 368 -13.00 -18.99 33.40
CA GLU C 368 -12.79 -20.14 34.26
C GLU C 368 -12.83 -21.45 33.48
N ASP C 369 -13.55 -21.49 32.36
CA ASP C 369 -13.51 -22.66 31.50
C ASP C 369 -12.13 -22.82 30.86
N LEU C 370 -11.42 -21.72 30.68
CA LEU C 370 -10.05 -21.79 30.20
C LEU C 370 -9.02 -21.89 31.32
N GLY C 371 -9.46 -22.13 32.55
CA GLY C 371 -8.54 -22.19 33.67
C GLY C 371 -8.05 -20.85 34.17
N MET C 372 -8.69 -19.76 33.77
CA MET C 372 -8.22 -18.42 34.04
C MET C 372 -9.02 -17.85 35.21
N GLU C 373 -8.35 -17.01 36.01
CA GLU C 373 -8.95 -16.48 37.23
C GLU C 373 -9.17 -14.98 37.10
N VAL C 374 -10.39 -14.52 37.36
CA VAL C 374 -10.70 -13.10 37.34
C VAL C 374 -10.48 -12.55 38.75
N VAL C 375 -9.43 -11.76 38.92
CA VAL C 375 -9.10 -11.21 40.23
C VAL C 375 -9.69 -9.83 40.45
N GLY C 376 -10.08 -9.13 39.38
CA GLY C 376 -10.72 -7.84 39.52
C GLY C 376 -11.77 -7.62 38.45
N THR C 377 -12.90 -7.07 38.84
CA THR C 377 -13.94 -6.77 37.87
C THR C 377 -14.68 -5.51 38.32
N GLY C 378 -15.39 -4.91 37.38
CA GLY C 378 -16.11 -3.69 37.68
C GLY C 378 -16.92 -3.24 36.48
N TYR C 379 -17.79 -2.30 36.74
CA TYR C 379 -18.74 -1.83 35.74
C TYR C 379 -18.67 -0.33 35.56
N GLU C 380 -18.91 0.12 34.33
CA GLU C 380 -19.09 1.54 34.07
C GLU C 380 -20.38 2.05 34.69
N PHE C 381 -21.50 1.37 34.43
CA PHE C 381 -22.82 1.93 34.71
C PHE C 381 -23.81 0.93 35.28
N ALA C 382 -23.35 -0.15 35.88
CA ALA C 382 -24.29 -1.14 36.41
C ALA C 382 -25.01 -0.59 37.63
N HIS C 383 -26.14 -1.22 37.94
CA HIS C 383 -26.92 -0.90 39.13
C HIS C 383 -26.61 -1.91 40.22
N ASN C 384 -27.29 -1.75 41.37
CA ASN C 384 -27.03 -2.62 42.50
C ASN C 384 -27.42 -4.07 42.21
N ASP C 385 -28.44 -4.29 41.38
CA ASP C 385 -28.83 -5.66 41.05
C ASP C 385 -27.73 -6.37 40.26
N ASP C 386 -27.03 -5.64 39.39
CA ASP C 386 -25.91 -6.24 38.67
C ASP C 386 -24.80 -6.66 39.62
N TYR C 387 -24.53 -5.85 40.64
CA TYR C 387 -23.51 -6.24 41.61
C TYR C 387 -23.97 -7.39 42.49
N ASP C 388 -25.28 -7.46 42.78
CA ASP C 388 -25.82 -8.63 43.44
C ASP C 388 -25.56 -9.89 42.64
N ARG C 389 -25.79 -9.82 41.32
CA ARG C 389 -25.49 -10.97 40.47
C ARG C 389 -23.99 -11.25 40.40
N THR C 390 -23.17 -10.19 40.46
CA THR C 390 -21.73 -10.33 40.28
C THR C 390 -21.08 -10.96 41.50
N MET C 391 -21.60 -10.70 42.69
CA MET C 391 -20.94 -11.16 43.91
C MET C 391 -20.78 -12.67 43.94
N LYS C 392 -21.81 -13.41 43.51
CA LYS C 392 -21.71 -14.86 43.47
C LYS C 392 -20.88 -15.38 42.31
N GLU C 393 -20.76 -14.60 41.23
CA GLU C 393 -19.95 -15.02 40.09
C GLU C 393 -18.47 -14.75 40.30
N MET C 394 -18.09 -13.98 41.31
CA MET C 394 -16.73 -13.52 41.51
C MET C 394 -16.12 -14.25 42.70
N GLY C 395 -14.80 -14.46 42.63
CA GLY C 395 -14.11 -15.17 43.68
C GLY C 395 -13.95 -14.33 44.94
N ASP C 396 -13.57 -15.02 46.01
CA ASP C 396 -13.38 -14.35 47.29
C ASP C 396 -12.16 -13.43 47.26
N SER C 397 -12.27 -12.33 47.98
CA SER C 397 -11.21 -11.32 48.10
C SER C 397 -10.80 -10.74 46.76
N THR C 398 -11.69 -10.75 45.78
CA THR C 398 -11.43 -10.14 44.49
C THR C 398 -11.92 -8.70 44.49
N LEU C 399 -11.30 -7.87 43.65
CA LEU C 399 -11.56 -6.44 43.64
C LEU C 399 -12.78 -6.12 42.79
N LEU C 400 -13.66 -5.26 43.32
CA LEU C 400 -14.84 -4.79 42.62
C LEU C 400 -14.78 -3.27 42.52
N TYR C 401 -14.95 -2.76 41.31
CA TYR C 401 -14.89 -1.31 41.10
C TYR C 401 -16.05 -0.83 40.23
N ASP C 402 -16.67 0.26 40.65
CA ASP C 402 -17.77 0.89 39.93
C ASP C 402 -17.33 2.26 39.46
N ASP C 403 -17.59 2.55 38.18
CA ASP C 403 -17.22 3.83 37.57
C ASP C 403 -15.76 4.18 37.88
N VAL C 404 -14.87 3.21 37.66
CA VAL C 404 -13.48 3.38 38.03
C VAL C 404 -12.88 4.55 37.27
N THR C 405 -12.11 5.37 37.96
CA THR C 405 -11.37 6.42 37.29
C THR C 405 -10.13 5.83 36.63
N GLY C 406 -9.59 6.57 35.66
CA GLY C 406 -8.39 6.12 34.99
C GLY C 406 -7.22 5.95 35.94
N TYR C 407 -7.05 6.92 36.83
CA TYR C 407 -6.00 6.81 37.85
C TYR C 407 -6.21 5.59 38.73
N GLU C 408 -7.44 5.37 39.18
CA GLU C 408 -7.76 4.22 40.02
C GLU C 408 -7.42 2.92 39.32
N PHE C 409 -7.88 2.77 38.08
CA PHE C 409 -7.66 1.52 37.35
C PHE C 409 -6.17 1.28 37.11
N GLU C 410 -5.44 2.33 36.74
CA GLU C 410 -4.01 2.16 36.50
C GLU C 410 -3.28 1.78 37.79
N GLU C 411 -3.64 2.40 38.92
CA GLU C 411 -2.99 2.04 40.18
C GLU C 411 -3.33 0.62 40.61
N PHE C 412 -4.60 0.22 40.45
CA PHE C 412 -5.00 -1.14 40.77
C PHE C 412 -4.23 -2.15 39.95
N VAL C 413 -4.06 -1.87 38.65
CA VAL C 413 -3.34 -2.78 37.78
C VAL C 413 -1.86 -2.80 38.15
N LYS C 414 -1.31 -1.65 38.52
CA LYS C 414 0.09 -1.59 38.93
C LYS C 414 0.35 -2.46 40.14
N ARG C 415 -0.59 -2.49 41.09
CA ARG C 415 -0.38 -3.28 42.29
C ARG C 415 -0.74 -4.75 42.08
N ILE C 416 -1.90 -5.01 41.50
CA ILE C 416 -2.39 -6.38 41.34
C ILE C 416 -1.55 -7.14 40.32
N LYS C 417 -1.12 -6.47 39.26
CA LYS C 417 -0.30 -7.04 38.19
C LYS C 417 -0.99 -8.22 37.52
N PRO C 418 -2.15 -8.01 36.88
CA PRO C 418 -2.82 -9.13 36.22
C PRO C 418 -2.07 -9.56 34.97
N ASP C 419 -2.30 -10.81 34.58
CA ASP C 419 -1.72 -11.31 33.35
C ASP C 419 -2.43 -10.78 32.12
N LEU C 420 -3.67 -10.31 32.27
CA LEU C 420 -4.47 -9.85 31.15
C LEU C 420 -5.50 -8.86 31.67
N ILE C 421 -5.81 -7.84 30.87
CA ILE C 421 -6.86 -6.88 31.19
C ILE C 421 -7.87 -6.89 30.04
N GLY C 422 -9.14 -7.04 30.38
CA GLY C 422 -10.19 -6.94 29.39
C GLY C 422 -11.03 -5.69 29.59
N SER C 423 -10.97 -4.76 28.64
CA SER C 423 -11.67 -3.49 28.83
C SER C 423 -11.89 -2.83 27.47
N GLY C 424 -12.17 -1.52 27.49
CA GLY C 424 -12.51 -0.79 26.29
C GLY C 424 -11.33 -0.13 25.61
N ILE C 425 -11.64 0.58 24.51
CA ILE C 425 -10.63 1.18 23.66
C ILE C 425 -9.86 2.29 24.38
N LYS C 426 -10.47 2.93 25.37
CA LYS C 426 -9.83 4.03 26.07
C LYS C 426 -8.81 3.58 27.11
N GLU C 427 -8.76 2.29 27.43
CA GLU C 427 -7.77 1.73 28.34
C GLU C 427 -6.74 0.86 27.62
N LYS C 428 -7.03 0.47 26.38
CA LYS C 428 -6.25 -0.55 25.69
C LYS C 428 -4.79 -0.14 25.58
N PHE C 429 -4.54 1.05 25.03
CA PHE C 429 -3.17 1.46 24.75
C PHE C 429 -2.42 1.86 26.01
N ILE C 430 -3.14 2.38 27.01
CA ILE C 430 -2.52 2.63 28.31
C ILE C 430 -1.93 1.34 28.86
N PHE C 431 -2.72 0.27 28.87
CA PHE C 431 -2.22 -0.95 29.49
C PHE C 431 -1.30 -1.74 28.58
N GLN C 432 -1.40 -1.56 27.26
CA GLN C 432 -0.42 -2.14 26.36
C GLN C 432 0.95 -1.50 26.56
N LYS C 433 0.98 -0.20 26.85
CA LYS C 433 2.26 0.47 27.08
C LYS C 433 2.90 0.04 28.39
N MET C 434 2.14 -0.46 29.35
CA MET C 434 2.68 -1.00 30.58
C MET C 434 3.13 -2.45 30.43
N GLY C 435 3.02 -3.02 29.23
CA GLY C 435 3.45 -4.38 29.02
C GLY C 435 2.49 -5.44 29.48
N ILE C 436 1.21 -5.10 29.64
CA ILE C 436 0.20 -6.03 30.09
C ILE C 436 -0.71 -6.36 28.91
N PRO C 437 -0.83 -7.63 28.52
CA PRO C 437 -1.72 -7.97 27.41
C PRO C 437 -3.13 -7.46 27.66
N PHE C 438 -3.73 -6.90 26.61
CA PHE C 438 -5.04 -6.28 26.68
C PHE C 438 -5.96 -6.90 25.64
N ARG C 439 -7.20 -7.12 26.03
CA ARG C 439 -8.24 -7.56 25.12
C ARG C 439 -9.41 -6.58 25.21
N GLU C 440 -9.89 -6.14 24.06
CA GLU C 440 -11.08 -5.31 24.00
C GLU C 440 -12.31 -6.16 24.26
N MET C 441 -12.98 -5.93 25.38
CA MET C 441 -14.17 -6.69 25.74
C MET C 441 -15.47 -6.01 25.37
N HIS C 442 -15.41 -4.89 24.65
CA HIS C 442 -16.59 -4.34 24.01
C HIS C 442 -16.71 -4.83 22.57
N SER C 443 -15.71 -4.53 21.75
CA SER C 443 -15.71 -4.84 20.33
C SER C 443 -15.09 -6.20 20.02
N TRP C 444 -14.68 -6.96 21.03
CA TRP C 444 -13.97 -8.22 20.86
C TRP C 444 -12.67 -8.04 20.08
N ASP C 445 -12.10 -6.83 20.12
CA ASP C 445 -10.91 -6.50 19.33
C ASP C 445 -11.12 -6.83 17.86
N TYR C 446 -12.30 -6.49 17.34
CA TYR C 446 -12.64 -6.66 15.93
C TYR C 446 -12.58 -8.13 15.52
N SER C 447 -12.74 -9.01 16.49
CA SER C 447 -12.78 -10.45 16.34
C SER C 447 -14.16 -10.93 16.82
N GLY C 448 -14.27 -12.24 17.03
CA GLY C 448 -15.49 -12.80 17.51
C GLY C 448 -16.28 -13.50 16.42
N PRO C 449 -17.49 -13.96 16.75
CA PRO C 449 -18.22 -13.79 18.01
C PRO C 449 -17.64 -14.58 19.18
N TYR C 450 -18.07 -14.29 20.40
CA TYR C 450 -17.66 -15.04 21.57
C TYR C 450 -18.79 -15.85 22.20
N HIS C 451 -20.03 -15.62 21.79
CA HIS C 451 -21.18 -16.35 22.31
C HIS C 451 -21.23 -17.76 21.74
N GLY C 452 -21.74 -18.68 22.55
CA GLY C 452 -21.92 -20.05 22.10
C GLY C 452 -20.61 -20.81 22.02
N PHE C 453 -20.71 -22.03 21.48
CA PHE C 453 -19.52 -22.87 21.33
C PHE C 453 -18.62 -22.37 20.21
N ASP C 454 -19.21 -22.00 19.08
CA ASP C 454 -18.43 -21.43 17.99
C ASP C 454 -17.73 -20.16 18.44
N GLY C 455 -18.40 -19.36 19.27
CA GLY C 455 -17.75 -18.19 19.83
C GLY C 455 -16.70 -18.52 20.87
N PHE C 456 -16.88 -19.63 21.59
CA PHE C 456 -15.91 -20.02 22.60
C PHE C 456 -14.58 -20.37 21.96
N ALA C 457 -14.62 -21.04 20.81
CA ALA C 457 -13.37 -21.34 20.10
C ALA C 457 -12.60 -20.06 19.79
N ILE C 458 -13.28 -19.04 19.27
CA ILE C 458 -12.64 -17.78 18.92
C ILE C 458 -12.15 -17.08 20.19
N PHE C 459 -12.94 -17.12 21.25
CA PHE C 459 -12.57 -16.48 22.50
C PHE C 459 -11.28 -17.07 23.06
N ALA C 460 -11.18 -18.40 23.07
CA ALA C 460 -9.96 -19.05 23.54
C ALA C 460 -8.77 -18.71 22.66
N ARG C 461 -8.97 -18.74 21.33
CA ARG C 461 -7.89 -18.37 20.42
C ARG C 461 -7.41 -16.95 20.67
N ASP C 462 -8.33 -16.01 20.85
CA ASP C 462 -7.95 -14.60 21.04
C ASP C 462 -7.23 -14.39 22.36
N MET C 463 -7.77 -14.96 23.44
CA MET C 463 -7.10 -14.84 24.74
C MET C 463 -5.69 -15.42 24.69
N ASP C 464 -5.53 -16.58 24.07
CA ASP C 464 -4.20 -17.18 23.99
C ASP C 464 -3.26 -16.35 23.11
N MET C 465 -3.74 -15.87 21.96
CA MET C 465 -2.87 -15.14 21.06
C MET C 465 -2.41 -13.82 21.66
N THR C 466 -3.25 -13.19 22.49
CA THR C 466 -2.81 -11.93 23.09
C THR C 466 -1.98 -12.16 24.33
N LEU C 467 -2.38 -13.10 25.19
CA LEU C 467 -1.66 -13.30 26.45
C LEU C 467 -0.26 -13.86 26.20
N ASN C 468 -0.13 -14.78 25.25
CA ASN C 468 1.13 -15.46 25.00
C ASN C 468 1.87 -14.91 23.78
N ASN C 469 1.58 -13.66 23.40
CA ASN C 469 2.27 -13.06 22.27
C ASN C 469 3.73 -12.80 22.62
N PRO C 470 4.65 -12.97 21.67
CA PRO C 470 6.07 -12.69 21.97
C PRO C 470 6.36 -11.24 22.26
N CYS C 471 5.55 -10.31 21.75
CA CYS C 471 5.85 -8.88 21.90
C CYS C 471 5.95 -8.49 23.36
N TRP C 472 5.14 -9.09 24.24
CA TRP C 472 5.14 -8.74 25.65
C TRP C 472 6.46 -9.05 26.34
N LYS C 473 7.31 -9.87 25.74
CA LYS C 473 8.61 -10.15 26.32
C LYS C 473 9.69 -9.21 25.81
N LYS C 474 9.33 -8.21 25.00
CA LYS C 474 10.31 -7.38 24.32
C LYS C 474 10.20 -5.90 24.66
N LEU C 475 9.48 -5.54 25.72
CA LEU C 475 9.28 -4.12 26.01
C LEU C 475 10.53 -3.48 26.60
N GLN C 476 11.34 -4.24 27.32
CA GLN C 476 12.54 -3.70 27.93
C GLN C 476 13.73 -3.89 26.98
N ALA C 477 14.41 -2.80 26.68
CA ALA C 477 15.57 -2.87 25.81
C ALA C 477 16.68 -3.69 26.49
N PRO C 478 17.40 -4.52 25.73
CA PRO C 478 18.43 -5.36 26.35
C PRO C 478 19.58 -4.58 26.99
N TRP C 479 19.76 -3.31 26.65
CA TRP C 479 20.82 -2.50 27.26
C TRP C 479 20.34 -1.72 28.47
N GLU C 480 19.10 -1.92 28.90
CA GLU C 480 18.62 -1.34 30.14
C GLU C 480 18.44 -2.41 31.20
N SER D 1 -20.31 -24.78 13.81
CA SER D 1 -19.23 -25.70 14.08
C SER D 1 -17.87 -25.04 13.90
N GLN D 2 -16.88 -25.52 14.65
CA GLN D 2 -15.52 -25.01 14.54
C GLN D 2 -14.55 -26.18 14.53
N GLN D 3 -13.58 -26.12 13.62
CA GLN D 3 -12.43 -27.01 13.67
C GLN D 3 -11.37 -26.35 14.55
N VAL D 4 -10.90 -27.10 15.56
CA VAL D 4 -9.99 -26.52 16.55
C VAL D 4 -8.69 -26.07 15.91
N ASP D 5 -8.26 -26.74 14.83
CA ASP D 5 -7.01 -26.40 14.18
C ASP D 5 -7.15 -25.27 13.16
N LYS D 6 -8.37 -24.94 12.75
CA LYS D 6 -8.62 -23.81 11.86
C LYS D 6 -9.92 -23.14 12.31
N ILE D 7 -9.79 -22.19 13.23
CA ILE D 7 -10.94 -21.52 13.82
C ILE D 7 -11.31 -20.32 12.97
N LYS D 8 -12.59 -20.20 12.64
CA LYS D 8 -13.08 -19.10 11.82
C LYS D 8 -13.71 -18.02 12.71
N ALA D 9 -13.30 -16.77 12.49
CA ALA D 9 -13.99 -15.63 13.06
C ALA D 9 -15.28 -15.39 12.26
N SER D 10 -16.00 -14.30 12.56
CA SER D 10 -17.31 -14.05 11.96
C SER D 10 -17.26 -14.20 10.45
N TYR D 11 -16.27 -13.60 9.81
CA TYR D 11 -15.91 -13.95 8.45
C TYR D 11 -14.75 -14.93 8.48
N PRO D 12 -14.88 -16.11 7.88
CA PRO D 12 -16.00 -16.61 7.08
C PRO D 12 -16.89 -17.61 7.82
N LEU D 13 -16.99 -17.54 9.15
CA LEU D 13 -17.79 -18.51 9.88
C LEU D 13 -19.26 -18.44 9.47
N PHE D 14 -19.79 -17.24 9.26
CA PHE D 14 -21.20 -17.11 8.94
C PHE D 14 -21.51 -17.39 7.48
N LEU D 15 -20.50 -17.70 6.67
CA LEU D 15 -20.73 -18.19 5.32
C LEU D 15 -20.97 -19.70 5.27
N ASP D 16 -20.87 -20.38 6.41
CA ASP D 16 -21.14 -21.80 6.48
C ASP D 16 -22.60 -22.07 6.17
N GLN D 17 -22.88 -23.30 5.72
CA GLN D 17 -24.21 -23.64 5.25
C GLN D 17 -25.27 -23.49 6.34
N ASP D 18 -24.97 -23.96 7.56
CA ASP D 18 -25.96 -23.89 8.62
C ASP D 18 -26.29 -22.45 8.98
N TYR D 19 -25.28 -21.59 9.05
CA TYR D 19 -25.53 -20.17 9.33
C TYR D 19 -26.30 -19.51 8.19
N LYS D 20 -25.98 -19.87 6.94
CA LYS D 20 -26.72 -19.33 5.81
C LYS D 20 -28.18 -19.73 5.87
N ASP D 21 -28.46 -21.00 6.17
CA ASP D 21 -29.83 -21.47 6.27
C ASP D 21 -30.56 -20.77 7.40
N MET D 22 -29.91 -20.61 8.55
CA MET D 22 -30.54 -19.94 9.68
C MET D 22 -30.86 -18.49 9.35
N LEU D 23 -29.93 -17.79 8.69
CA LEU D 23 -30.16 -16.40 8.33
C LEU D 23 -31.28 -16.28 7.31
N ALA D 24 -31.34 -17.19 6.35
CA ALA D 24 -32.44 -17.18 5.38
C ALA D 24 -33.78 -17.43 6.07
N LYS D 25 -33.82 -18.36 7.03
CA LYS D 25 -35.05 -18.60 7.78
C LYS D 25 -35.47 -17.36 8.56
N LYS D 26 -34.51 -16.69 9.22
CA LYS D 26 -34.81 -15.45 9.93
C LYS D 26 -35.42 -14.42 8.98
N ARG D 27 -34.76 -14.20 7.84
CA ARG D 27 -35.22 -13.20 6.89
C ARG D 27 -36.60 -13.52 6.35
N ASP D 28 -36.85 -14.78 6.00
CA ASP D 28 -38.12 -15.15 5.38
C ASP D 28 -39.25 -15.23 6.39
N GLY D 29 -38.94 -15.49 7.65
CA GLY D 29 -39.99 -15.65 8.63
C GLY D 29 -40.38 -14.37 9.32
N PHE D 30 -39.42 -13.54 9.71
CA PHE D 30 -39.70 -12.48 10.66
C PHE D 30 -39.24 -11.09 10.25
N GLU D 31 -38.30 -10.97 9.32
CA GLU D 31 -37.79 -9.64 8.96
C GLU D 31 -38.76 -8.86 8.09
N GLU D 32 -39.68 -9.53 7.39
CA GLU D 32 -40.59 -8.87 6.45
C GLU D 32 -39.80 -7.99 5.48
N LYS D 33 -38.71 -8.55 4.97
CA LYS D 33 -37.80 -7.82 4.10
C LYS D 33 -38.46 -7.52 2.77
N TYR D 34 -38.12 -6.37 2.20
CA TYR D 34 -38.53 -6.06 0.84
C TYR D 34 -37.95 -7.11 -0.11
N PRO D 35 -38.68 -7.46 -1.16
CA PRO D 35 -38.16 -8.45 -2.11
C PRO D 35 -36.87 -7.96 -2.74
N GLN D 36 -35.99 -8.91 -3.06
CA GLN D 36 -34.65 -8.56 -3.52
C GLN D 36 -34.68 -7.77 -4.82
N ASP D 37 -35.66 -8.03 -5.69
CA ASP D 37 -35.74 -7.25 -6.93
C ASP D 37 -36.05 -5.79 -6.63
N LYS D 38 -36.91 -5.52 -5.65
CA LYS D 38 -37.18 -4.14 -5.26
C LYS D 38 -35.93 -3.47 -4.68
N ILE D 39 -35.17 -4.22 -3.87
CA ILE D 39 -33.94 -3.68 -3.31
C ILE D 39 -32.96 -3.33 -4.42
N ASP D 40 -32.81 -4.22 -5.40
CA ASP D 40 -31.92 -3.96 -6.53
C ASP D 40 -32.40 -2.74 -7.32
N GLU D 41 -33.71 -2.64 -7.55
CA GLU D 41 -34.24 -1.52 -8.30
C GLU D 41 -33.99 -0.20 -7.58
N VAL D 42 -34.17 -0.18 -6.26
CA VAL D 42 -33.93 1.04 -5.50
C VAL D 42 -32.44 1.39 -5.49
N PHE D 43 -31.56 0.39 -5.39
CA PHE D 43 -30.13 0.66 -5.47
C PHE D 43 -29.75 1.28 -6.80
N GLN D 44 -30.21 0.67 -7.90
CA GLN D 44 -29.95 1.21 -9.22
C GLN D 44 -30.48 2.64 -9.34
N TRP D 45 -31.64 2.89 -8.75
CA TRP D 45 -32.19 4.24 -8.74
C TRP D 45 -31.25 5.21 -8.01
N THR D 46 -30.73 4.79 -6.86
CA THR D 46 -29.81 5.64 -6.10
C THR D 46 -28.51 5.89 -6.84
N THR D 47 -28.17 5.06 -7.83
CA THR D 47 -26.97 5.34 -8.60
C THR D 47 -27.17 6.37 -9.72
N THR D 48 -28.39 6.87 -9.95
CA THR D 48 -28.69 7.62 -11.16
C THR D 48 -28.59 9.13 -10.94
N LYS D 49 -28.72 9.87 -12.05
CA LYS D 49 -28.68 11.32 -12.04
C LYS D 49 -29.94 11.93 -11.43
N GLU D 50 -31.10 11.29 -11.62
CA GLU D 50 -32.31 11.78 -10.98
C GLU D 50 -32.21 11.69 -9.46
N TYR D 51 -31.68 10.59 -8.95
CA TYR D 51 -31.44 10.49 -7.52
C TYR D 51 -30.42 11.53 -7.07
N GLN D 52 -29.39 11.80 -7.88
CA GLN D 52 -28.42 12.81 -7.51
C GLN D 52 -29.07 14.20 -7.43
N GLU D 53 -29.99 14.49 -8.35
CA GLU D 53 -30.70 15.76 -8.32
C GLU D 53 -31.54 15.88 -7.06
N LEU D 54 -32.24 14.80 -6.68
CA LEU D 54 -32.96 14.82 -5.41
C LEU D 54 -32.02 14.94 -4.22
N ASN D 55 -30.86 14.28 -4.31
CA ASN D 55 -29.89 14.24 -3.21
C ASN D 55 -29.30 15.62 -2.95
N PHE D 56 -28.99 16.36 -4.00
CA PHE D 56 -28.40 17.68 -3.85
C PHE D 56 -29.43 18.77 -3.55
N GLN D 57 -30.71 18.40 -3.49
CA GLN D 57 -31.77 19.30 -3.05
C GLN D 57 -31.95 19.29 -1.54
N ARG D 58 -31.18 18.50 -0.80
CA ARG D 58 -31.34 18.41 0.64
C ARG D 58 -31.07 19.75 1.30
N GLU D 59 -31.90 20.08 2.28
CA GLU D 59 -31.78 21.31 3.04
C GLU D 59 -31.67 21.09 4.54
N ALA D 60 -32.28 20.02 5.06
CA ALA D 60 -32.31 19.76 6.49
C ALA D 60 -31.60 18.48 6.89
N LEU D 61 -31.52 17.49 6.01
CA LEU D 61 -30.95 16.19 6.33
C LEU D 61 -29.49 16.14 5.90
N THR D 62 -28.63 15.68 6.79
CA THR D 62 -27.23 15.41 6.50
C THR D 62 -26.99 13.91 6.64
N VAL D 63 -26.32 13.32 5.66
CA VAL D 63 -26.07 11.89 5.64
C VAL D 63 -24.57 11.66 5.47
N ASN D 64 -23.98 10.97 6.45
CA ASN D 64 -22.55 10.66 6.47
C ASN D 64 -21.71 11.92 6.31
N PRO D 65 -21.71 12.81 7.29
CA PRO D 65 -20.90 14.02 7.19
C PRO D 65 -19.41 13.71 7.22
N ALA D 66 -18.63 14.63 6.65
CA ALA D 66 -17.18 14.57 6.77
C ALA D 66 -16.73 15.80 7.55
N LYS D 67 -16.90 15.73 8.87
CA LYS D 67 -16.49 16.76 9.83
C LYS D 67 -16.92 16.29 11.21
N ALA D 68 -16.28 16.86 12.23
CA ALA D 68 -16.62 16.63 13.63
C ALA D 68 -17.00 17.95 14.26
N CYS D 69 -17.18 17.95 15.58
CA CYS D 69 -17.53 19.18 16.28
C CYS D 69 -16.30 19.82 16.90
N GLN D 70 -16.45 21.09 17.26
CA GLN D 70 -15.34 21.91 17.77
C GLN D 70 -14.54 21.30 18.92
N PRO D 71 -15.17 20.77 19.98
CA PRO D 71 -14.35 20.34 21.13
C PRO D 71 -13.33 19.27 20.80
N LEU D 72 -13.56 18.46 19.77
CA LEU D 72 -12.53 17.51 19.34
C LEU D 72 -11.26 18.23 18.94
N GLY D 73 -11.39 19.28 18.11
CA GLY D 73 -10.23 20.06 17.74
C GLY D 73 -9.62 20.80 18.92
N ALA D 74 -10.47 21.29 19.83
CA ALA D 74 -9.95 21.93 21.03
C ALA D 74 -9.11 20.96 21.86
N VAL D 75 -9.58 19.71 21.99
CA VAL D 75 -8.83 18.70 22.74
C VAL D 75 -7.50 18.40 22.05
N LEU D 76 -7.52 18.25 20.73
CA LEU D 76 -6.28 17.95 20.02
C LEU D 76 -5.29 19.10 20.17
N CYS D 77 -5.76 20.34 20.10
CA CYS D 77 -4.89 21.49 20.31
C CYS D 77 -4.32 21.50 21.72
N ALA D 78 -5.16 21.24 22.72
CA ALA D 78 -4.69 21.23 24.11
C ALA D 78 -3.65 20.14 24.34
N LEU D 79 -3.78 19.02 23.63
CA LEU D 79 -2.84 17.91 23.79
C LEU D 79 -1.43 18.25 23.37
N GLY D 80 -1.23 19.35 22.63
CA GLY D 80 0.07 19.75 22.14
C GLY D 80 0.87 20.65 23.06
N PHE D 81 0.45 20.80 24.32
CA PHE D 81 1.16 21.65 25.27
C PHE D 81 1.66 20.80 26.43
N GLU D 82 2.80 21.19 26.98
CA GLU D 82 3.50 20.37 27.96
C GLU D 82 2.66 20.14 29.20
N LYS D 83 2.49 18.87 29.57
CA LYS D 83 1.81 18.46 30.80
C LYS D 83 0.45 19.16 30.93
N THR D 84 -0.29 19.18 29.83
CA THR D 84 -1.55 19.90 29.77
C THR D 84 -2.69 18.90 29.68
N MET D 85 -3.70 19.09 30.52
CA MET D 85 -4.88 18.26 30.50
C MET D 85 -5.97 18.95 29.71
N PRO D 86 -6.46 18.34 28.63
CA PRO D 86 -7.70 18.83 28.02
C PRO D 86 -8.88 18.58 28.95
N TYR D 87 -9.68 19.62 29.14
CA TYR D 87 -10.77 19.64 30.10
C TYR D 87 -11.98 20.19 29.38
N VAL D 88 -12.97 19.35 29.12
CA VAL D 88 -14.16 19.77 28.39
C VAL D 88 -15.27 19.96 29.42
N HIS D 89 -15.54 21.22 29.73
CA HIS D 89 -16.65 21.59 30.60
C HIS D 89 -17.97 21.25 29.91
N GLY D 90 -18.72 20.33 30.51
CA GLY D 90 -19.98 19.92 29.95
C GLY D 90 -20.25 18.45 30.24
N SER D 91 -20.79 17.77 29.24
CA SER D 91 -21.28 16.41 29.40
C SER D 91 -20.18 15.39 29.11
N GLN D 92 -20.17 14.30 29.90
CA GLN D 92 -19.09 13.34 29.83
C GLN D 92 -19.14 12.48 28.57
N GLY D 93 -20.33 12.29 27.99
CA GLY D 93 -20.43 11.48 26.78
C GLY D 93 -19.59 12.05 25.65
N CYS D 94 -19.52 13.38 25.56
CA CYS D 94 -18.67 14.01 24.57
C CYS D 94 -17.22 13.61 24.74
N VAL D 95 -16.73 13.61 25.98
CA VAL D 95 -15.33 13.28 26.22
C VAL D 95 -15.07 11.81 25.92
N ALA D 96 -16.01 10.93 26.31
CA ALA D 96 -15.87 9.52 25.95
C ALA D 96 -15.72 9.36 24.45
N TYR D 97 -16.57 10.05 23.67
CA TYR D 97 -16.50 9.94 22.22
C TYR D 97 -15.21 10.53 21.66
N PHE D 98 -14.78 11.70 22.16
CA PHE D 98 -13.54 12.31 21.67
C PHE D 98 -12.37 11.37 21.89
N ARG D 99 -12.27 10.81 23.10
CA ARG D 99 -11.17 9.91 23.41
C ARG D 99 -11.22 8.67 22.54
N SER D 100 -12.40 8.06 22.37
CA SER D 100 -12.49 6.88 21.52
C SER D 100 -12.10 7.18 20.08
N TYR D 101 -12.55 8.32 19.55
CA TYR D 101 -12.23 8.70 18.18
C TYR D 101 -10.72 8.85 17.99
N PHE D 102 -10.08 9.60 18.88
CA PHE D 102 -8.64 9.79 18.76
C PHE D 102 -7.86 8.50 19.05
N ASN D 103 -8.37 7.66 19.95
CA ASN D 103 -7.73 6.37 20.21
C ASN D 103 -7.74 5.50 18.96
N ARG D 104 -8.88 5.46 18.26
CA ARG D 104 -8.97 4.62 17.08
C ARG D 104 -8.11 5.17 15.94
N HIS D 105 -7.99 6.49 15.84
CA HIS D 105 -7.11 7.01 14.78
C HIS D 105 -5.64 6.82 15.10
N PHE D 106 -5.21 7.20 16.30
CA PHE D 106 -3.79 7.20 16.64
C PHE D 106 -3.30 5.89 17.23
N ARG D 107 -4.21 5.02 17.69
CA ARG D 107 -3.86 3.79 18.41
C ARG D 107 -2.93 4.08 19.58
N GLU D 108 -3.27 5.13 20.32
CA GLU D 108 -2.49 5.61 21.45
C GLU D 108 -3.45 6.09 22.52
N PRO D 109 -3.00 6.16 23.77
CA PRO D 109 -3.84 6.75 24.82
C PRO D 109 -4.09 8.23 24.53
N VAL D 110 -5.31 8.68 24.84
CA VAL D 110 -5.68 10.08 24.73
C VAL D 110 -6.31 10.49 26.05
N SER D 111 -5.66 11.41 26.75
CA SER D 111 -6.08 11.84 28.07
C SER D 111 -6.91 13.10 27.95
N CYS D 112 -8.11 13.07 28.52
CA CYS D 112 -9.03 14.20 28.51
C CYS D 112 -10.06 13.97 29.59
N VAL D 113 -10.45 15.04 30.27
CA VAL D 113 -11.40 14.91 31.37
C VAL D 113 -12.63 15.76 31.09
N SER D 114 -13.71 15.42 31.77
CA SER D 114 -14.97 16.13 31.74
C SER D 114 -15.32 16.50 33.18
N ASP D 115 -16.15 17.53 33.34
CA ASP D 115 -16.69 17.82 34.66
C ASP D 115 -18.09 17.25 34.84
N SER D 116 -18.54 16.42 33.91
CA SER D 116 -19.72 15.58 34.07
C SER D 116 -20.94 16.39 34.49
N MET D 117 -21.31 17.34 33.62
CA MET D 117 -22.49 18.15 33.87
C MET D 117 -23.74 17.33 33.58
N THR D 118 -24.63 17.25 34.57
CA THR D 118 -25.84 16.46 34.50
C THR D 118 -27.06 17.37 34.40
N GLU D 119 -28.24 16.76 34.52
CA GLU D 119 -29.48 17.49 34.29
C GLU D 119 -29.66 18.67 35.24
N ASP D 120 -29.20 18.54 36.49
CA ASP D 120 -29.34 19.64 37.43
C ASP D 120 -28.51 20.84 36.99
N ALA D 121 -27.29 20.60 36.50
CA ALA D 121 -26.47 21.68 35.98
C ALA D 121 -27.13 22.37 34.78
N ALA D 122 -28.03 21.68 34.09
CA ALA D 122 -28.76 22.29 32.98
C ALA D 122 -29.73 23.36 33.43
N VAL D 123 -29.99 23.47 34.72
CA VAL D 123 -30.90 24.48 35.24
C VAL D 123 -30.15 25.67 35.83
N PHE D 124 -29.10 25.41 36.61
CA PHE D 124 -28.38 26.48 37.30
C PHE D 124 -26.90 26.52 36.95
N GLY D 125 -26.50 25.96 35.80
CA GLY D 125 -25.14 26.07 35.35
C GLY D 125 -24.22 25.05 35.97
N GLY D 126 -22.99 25.01 35.45
CA GLY D 126 -22.00 24.06 35.91
C GLY D 126 -20.84 24.68 36.65
N GLN D 127 -21.12 25.71 37.45
CA GLN D 127 -20.07 26.35 38.25
C GLN D 127 -19.48 25.37 39.27
N GLN D 128 -20.35 24.67 39.99
CA GLN D 128 -19.86 23.69 40.95
C GLN D 128 -19.11 22.56 40.25
N ASN D 129 -19.60 22.14 39.09
CA ASN D 129 -18.87 21.18 38.28
C ASN D 129 -17.48 21.69 37.95
N MET D 130 -17.37 22.95 37.54
CA MET D 130 -16.05 23.50 37.21
C MET D 130 -15.13 23.51 38.42
N LYS D 131 -15.62 23.97 39.57
CA LYS D 131 -14.77 24.04 40.76
C LYS D 131 -14.26 22.66 41.15
N ASP D 132 -15.19 21.71 41.32
CA ASP D 132 -14.80 20.37 41.74
C ASP D 132 -13.95 19.69 40.68
N GLY D 133 -14.28 19.88 39.40
CA GLY D 133 -13.52 19.23 38.35
C GLY D 133 -12.10 19.74 38.25
N LEU D 134 -11.90 21.05 38.32
CA LEU D 134 -10.56 21.60 38.30
C LEU D 134 -9.75 21.09 39.49
N GLN D 135 -10.34 21.12 40.68
CA GLN D 135 -9.62 20.65 41.86
C GLN D 135 -9.27 19.17 41.73
N ASN D 136 -10.24 18.35 41.32
CA ASN D 136 -10.02 16.91 41.23
C ASN D 136 -8.98 16.56 40.17
N CYS D 137 -9.08 17.21 39.00
CA CYS D 137 -8.13 16.94 37.92
C CYS D 137 -6.72 17.32 38.32
N LYS D 138 -6.55 18.52 38.90
CA LYS D 138 -5.23 18.94 39.31
C LYS D 138 -4.66 18.02 40.39
N ALA D 139 -5.50 17.61 41.35
CA ALA D 139 -5.01 16.73 42.41
C ALA D 139 -4.63 15.35 41.87
N THR D 140 -5.43 14.81 40.95
CA THR D 140 -5.30 13.42 40.55
C THR D 140 -4.26 13.22 39.45
N TYR D 141 -4.37 13.98 38.36
CA TYR D 141 -3.48 13.77 37.23
C TYR D 141 -2.33 14.75 37.17
N LYS D 142 -2.29 15.71 38.09
CA LYS D 142 -1.17 16.64 38.25
C LYS D 142 -0.66 17.24 36.94
N PRO D 143 -1.54 17.91 36.18
CA PRO D 143 -1.05 18.66 35.02
C PRO D 143 -0.42 19.97 35.44
N ASP D 144 0.45 20.48 34.56
CA ASP D 144 0.96 21.83 34.76
C ASP D 144 -0.01 22.88 34.24
N MET D 145 -0.98 22.46 33.43
CA MET D 145 -1.94 23.36 32.81
C MET D 145 -3.22 22.57 32.52
N ILE D 146 -4.35 23.24 32.65
CA ILE D 146 -5.64 22.67 32.29
C ILE D 146 -6.27 23.57 31.25
N ALA D 147 -6.50 23.03 30.05
CA ALA D 147 -7.04 23.80 28.94
C ALA D 147 -8.51 23.43 28.77
N VAL D 148 -9.39 24.42 28.92
CA VAL D 148 -10.82 24.20 29.06
C VAL D 148 -11.54 24.56 27.76
N SER D 149 -12.30 23.61 27.24
CA SER D 149 -13.25 23.82 26.15
C SER D 149 -14.65 23.52 26.67
N THR D 150 -15.63 23.53 25.77
CA THR D 150 -17.03 23.33 26.15
C THR D 150 -17.70 22.31 25.26
N THR D 151 -18.66 21.59 25.82
CA THR D 151 -19.61 20.82 25.04
C THR D 151 -20.81 21.70 24.71
N CYS D 152 -21.65 21.21 23.79
CA CYS D 152 -22.78 22.02 23.33
C CYS D 152 -23.76 22.31 24.46
N MET D 153 -23.89 21.42 25.44
CA MET D 153 -24.79 21.66 26.55
C MET D 153 -24.37 22.91 27.32
N ALA D 154 -23.08 23.05 27.61
CA ALA D 154 -22.59 24.21 28.32
C ALA D 154 -22.74 25.49 27.49
N GLU D 155 -22.59 25.37 26.17
CA GLU D 155 -22.77 26.52 25.30
C GLU D 155 -24.22 26.97 25.25
N VAL D 156 -25.15 26.02 25.22
CA VAL D 156 -26.57 26.36 25.09
C VAL D 156 -27.07 27.07 26.35
N ILE D 157 -26.73 26.53 27.52
CA ILE D 157 -27.16 27.16 28.77
C ILE D 157 -26.33 28.39 29.12
N GLY D 158 -25.31 28.71 28.32
CA GLY D 158 -24.54 29.92 28.51
C GLY D 158 -23.65 29.96 29.73
N ASP D 159 -22.92 28.87 29.98
CA ASP D 159 -21.94 28.88 31.06
C ASP D 159 -20.80 29.83 30.73
N ASP D 160 -20.50 30.74 31.67
CA ASP D 160 -19.42 31.71 31.50
C ASP D 160 -18.14 31.07 32.03
N LEU D 161 -17.29 30.59 31.11
CA LEU D 161 -16.07 29.90 31.52
C LEU D 161 -15.15 30.80 32.31
N ASN D 162 -14.98 32.05 31.85
CA ASN D 162 -14.07 32.97 32.53
C ASN D 162 -14.50 33.20 33.98
N ALA D 163 -15.79 33.46 34.19
CA ALA D 163 -16.28 33.68 35.54
C ALA D 163 -16.15 32.41 36.39
N PHE D 164 -16.45 31.25 35.81
CA PHE D 164 -16.36 30.00 36.56
C PHE D 164 -14.93 29.73 37.01
N ILE D 165 -13.96 29.91 36.12
CA ILE D 165 -12.56 29.68 36.46
C ILE D 165 -12.07 30.70 37.48
N ASN D 166 -12.49 31.96 37.32
CA ASN D 166 -12.10 32.98 38.30
C ASN D 166 -12.68 32.68 39.67
N ASN D 167 -13.92 32.20 39.72
CA ASN D 167 -14.51 31.82 41.01
C ASN D 167 -13.82 30.60 41.60
N SER D 168 -13.40 29.66 40.74
CA SER D 168 -12.65 28.51 41.21
C SER D 168 -11.34 28.92 41.86
N LYS D 169 -10.64 29.88 41.25
CA LYS D 169 -9.40 30.37 41.84
C LYS D 169 -9.65 31.23 43.06
N LYS D 170 -10.78 31.95 43.09
CA LYS D 170 -11.07 32.84 44.22
C LYS D 170 -11.39 32.06 45.49
N GLU D 171 -11.97 30.87 45.35
CA GLU D 171 -12.40 30.08 46.50
C GLU D 171 -11.43 28.96 46.84
N GLY D 172 -10.23 28.97 46.27
CA GLY D 172 -9.20 28.04 46.67
C GLY D 172 -9.27 26.65 46.05
N PHE D 173 -10.16 26.43 45.08
CA PHE D 173 -10.22 25.12 44.45
C PHE D 173 -8.95 24.84 43.63
N ILE D 174 -8.41 25.86 42.98
CA ILE D 174 -7.14 25.76 42.30
C ILE D 174 -6.30 26.98 42.65
N PRO D 175 -4.97 26.89 42.63
CA PRO D 175 -4.15 28.07 42.93
C PRO D 175 -4.38 29.18 41.92
N ASP D 176 -4.24 30.43 42.40
CA ASP D 176 -4.48 31.57 41.54
C ASP D 176 -3.49 31.64 40.39
N GLU D 177 -2.28 31.10 40.59
CA GLU D 177 -1.24 31.13 39.56
C GLU D 177 -1.30 29.95 38.61
N PHE D 178 -2.17 28.97 38.86
CA PHE D 178 -2.24 27.80 37.99
C PHE D 178 -2.84 28.19 36.64
N PRO D 179 -2.22 27.82 35.53
CA PRO D 179 -2.73 28.24 34.21
C PRO D 179 -3.97 27.45 33.82
N VAL D 180 -5.07 28.17 33.62
CA VAL D 180 -6.31 27.56 33.14
C VAL D 180 -6.82 28.33 31.93
N PRO D 181 -6.17 28.24 30.77
CA PRO D 181 -6.73 28.85 29.56
C PRO D 181 -8.03 28.17 29.17
N PHE D 182 -8.89 28.92 28.52
CA PHE D 182 -10.20 28.42 28.16
C PHE D 182 -10.59 28.93 26.78
N ALA D 183 -11.54 28.24 26.16
CA ALA D 183 -12.14 28.68 24.92
C ALA D 183 -13.57 28.18 24.85
N HIS D 184 -14.45 28.99 24.29
CA HIS D 184 -15.79 28.54 23.96
C HIS D 184 -15.74 27.82 22.62
N THR D 185 -16.19 26.57 22.59
CA THR D 185 -16.13 25.73 21.39
C THR D 185 -17.50 25.15 21.10
N PRO D 186 -18.43 25.97 20.62
CA PRO D 186 -19.80 25.48 20.36
C PRO D 186 -19.81 24.52 19.17
N SER D 187 -20.40 23.34 19.39
CA SER D 187 -20.39 22.32 18.35
C SER D 187 -21.30 22.66 17.19
N PHE D 188 -22.24 23.59 17.36
CA PHE D 188 -23.13 24.01 16.30
C PHE D 188 -22.56 25.16 15.48
N VAL D 189 -21.30 25.53 15.70
CA VAL D 189 -20.59 26.50 14.88
C VAL D 189 -19.35 25.81 14.30
N GLY D 190 -19.17 25.90 12.99
CA GLY D 190 -17.94 25.42 12.38
C GLY D 190 -17.80 23.91 12.52
N SER D 191 -16.59 23.47 12.82
CA SER D 191 -16.27 22.05 12.91
C SER D 191 -15.14 21.88 13.92
N HIS D 192 -14.51 20.70 13.89
CA HIS D 192 -13.40 20.43 14.79
C HIS D 192 -12.23 21.38 14.57
N VAL D 193 -11.96 21.75 13.32
CA VAL D 193 -10.85 22.66 13.05
C VAL D 193 -11.11 24.04 13.67
N THR D 194 -12.38 24.46 13.68
CA THR D 194 -12.74 25.70 14.35
C THR D 194 -12.49 25.59 15.85
N GLY D 195 -12.74 24.42 16.42
CA GLY D 195 -12.43 24.22 17.83
C GLY D 195 -10.94 24.30 18.11
N TRP D 196 -10.13 23.72 17.21
CA TRP D 196 -8.69 23.87 17.33
C TRP D 196 -8.28 25.34 17.33
N ASP D 197 -8.83 26.10 16.39
CA ASP D 197 -8.50 27.52 16.28
C ASP D 197 -8.91 28.28 17.54
N ASN D 198 -10.12 28.03 18.04
CA ASN D 198 -10.59 28.69 19.25
C ASN D 198 -9.72 28.34 20.45
N MET D 199 -9.37 27.06 20.61
CA MET D 199 -8.57 26.66 21.75
C MET D 199 -7.18 27.27 21.70
N PHE D 200 -6.56 27.27 20.52
CA PHE D 200 -5.24 27.87 20.41
C PHE D 200 -5.29 29.36 20.70
N GLU D 201 -6.30 30.06 20.17
CA GLU D 201 -6.43 31.48 20.45
C GLU D 201 -6.62 31.72 21.94
N GLY D 202 -7.42 30.89 22.60
CA GLY D 202 -7.59 31.04 24.04
C GLY D 202 -6.30 30.86 24.81
N ILE D 203 -5.51 29.87 24.44
CA ILE D 203 -4.24 29.63 25.14
C ILE D 203 -3.26 30.78 24.89
N ALA D 204 -3.14 31.21 23.64
CA ALA D 204 -2.22 32.30 23.31
C ALA D 204 -2.62 33.59 24.01
N ARG D 205 -3.92 33.89 24.03
CA ARG D 205 -4.42 35.04 24.76
C ARG D 205 -4.14 34.92 26.25
N TYR D 206 -4.36 33.73 26.81
CA TYR D 206 -4.12 33.53 28.23
C TYR D 206 -2.67 33.84 28.59
N PHE D 207 -1.74 33.44 27.74
CA PHE D 207 -0.34 33.57 28.10
C PHE D 207 0.30 34.87 27.63
N THR D 208 -0.31 35.63 26.72
CA THR D 208 0.38 36.79 26.17
C THR D 208 -0.38 38.10 26.25
N LEU D 209 -1.71 38.09 26.44
CA LEU D 209 -2.48 39.31 26.28
C LEU D 209 -2.11 40.38 27.29
N LYS D 210 -1.88 39.98 28.54
CA LYS D 210 -1.65 40.94 29.62
C LYS D 210 -0.18 41.28 29.84
N SER D 211 0.72 40.78 29.00
CA SER D 211 2.15 40.97 29.21
C SER D 211 2.84 41.44 27.94
N MET D 212 2.17 42.28 27.15
CA MET D 212 2.70 42.71 25.87
C MET D 212 3.62 43.91 25.97
N ASP D 213 3.73 44.54 27.14
CA ASP D 213 4.48 45.80 27.25
C ASP D 213 5.96 45.60 27.01
N ASP D 214 6.53 44.52 27.54
CA ASP D 214 7.96 44.26 27.41
C ASP D 214 8.30 43.43 26.18
N LYS D 215 7.32 43.09 25.35
CA LYS D 215 7.58 42.30 24.16
C LYS D 215 8.13 43.17 23.04
N VAL D 216 9.12 42.64 22.34
CA VAL D 216 9.71 43.29 21.17
C VAL D 216 9.69 42.27 20.03
N VAL D 217 9.07 42.66 18.91
CA VAL D 217 8.93 41.73 17.78
C VAL D 217 10.32 41.41 17.24
N GLY D 218 10.60 40.12 17.11
CA GLY D 218 11.88 39.68 16.61
C GLY D 218 13.00 39.63 17.63
N SER D 219 12.70 39.80 18.91
CA SER D 219 13.75 39.87 19.91
C SER D 219 14.40 38.52 20.17
N ASN D 220 13.70 37.41 19.94
CA ASN D 220 14.25 36.09 20.22
C ASN D 220 14.76 35.37 18.98
N LYS D 221 14.76 36.00 17.80
CA LYS D 221 15.32 35.42 16.58
C LYS D 221 14.65 34.11 16.18
N LYS D 222 13.39 33.93 16.51
CA LYS D 222 12.70 32.69 16.18
C LYS D 222 11.48 32.98 15.32
N ILE D 223 10.95 31.92 14.70
CA ILE D 223 9.71 31.98 13.94
C ILE D 223 8.70 31.08 14.64
N ASN D 224 7.51 31.61 14.89
CA ASN D 224 6.44 30.80 15.45
C ASN D 224 5.79 29.97 14.34
N ILE D 225 5.52 28.70 14.65
CA ILE D 225 4.83 27.81 13.74
C ILE D 225 3.57 27.30 14.43
N VAL D 226 2.42 27.62 13.86
CA VAL D 226 1.13 27.12 14.34
C VAL D 226 0.65 26.08 13.34
N PRO D 227 0.62 24.80 13.71
CA PRO D 227 0.28 23.76 12.74
C PRO D 227 -1.21 23.67 12.46
N GLY D 228 -2.03 24.01 13.44
CA GLY D 228 -3.45 23.79 13.32
C GLY D 228 -3.82 22.34 13.57
N PHE D 229 -5.07 22.01 13.27
CA PHE D 229 -5.56 20.64 13.41
C PHE D 229 -4.80 19.71 12.49
N GLU D 230 -3.95 18.86 13.07
CA GLU D 230 -3.06 17.99 12.32
C GLU D 230 -3.07 16.62 12.94
N THR D 231 -3.32 15.59 12.13
CA THR D 231 -3.40 14.22 12.63
C THR D 231 -2.35 13.30 12.01
N TYR D 232 -1.34 13.86 11.36
CA TYR D 232 -0.18 13.10 10.91
C TYR D 232 1.03 13.55 11.71
N LEU D 233 1.62 12.62 12.47
CA LEU D 233 2.82 12.94 13.23
C LEU D 233 3.97 13.34 12.31
N GLY D 234 3.99 12.77 11.11
CA GLY D 234 5.02 13.10 10.14
C GLY D 234 5.03 14.57 9.76
N ASN D 235 3.88 15.24 9.83
CA ASN D 235 3.83 16.65 9.46
C ASN D 235 4.54 17.53 10.48
N PHE D 236 4.27 17.31 11.77
CA PHE D 236 5.03 18.00 12.80
C PHE D 236 6.52 17.71 12.64
N ARG D 237 6.86 16.44 12.47
CA ARG D 237 8.26 16.05 12.41
C ARG D 237 8.95 16.66 11.19
N VAL D 238 8.26 16.71 10.05
CA VAL D 238 8.90 17.24 8.84
C VAL D 238 9.07 18.74 8.92
N ILE D 239 8.10 19.44 9.52
CA ILE D 239 8.27 20.90 9.69
C ILE D 239 9.48 21.17 10.57
N LYS D 240 9.59 20.45 11.69
CA LYS D 240 10.74 20.64 12.58
C LYS D 240 12.04 20.28 11.88
N ARG D 241 12.05 19.19 11.11
CA ARG D 241 13.26 18.77 10.42
C ARG D 241 13.71 19.79 9.38
N MET D 242 12.78 20.29 8.58
CA MET D 242 13.15 21.26 7.56
C MET D 242 13.64 22.56 8.18
N LEU D 243 13.00 23.00 9.28
CA LEU D 243 13.45 24.22 9.92
C LEU D 243 14.82 24.05 10.57
N SER D 244 15.09 22.88 11.15
CA SER D 244 16.41 22.61 11.70
C SER D 244 17.46 22.52 10.61
N GLU D 245 17.10 21.99 9.43
CA GLU D 245 18.03 21.92 8.32
C GLU D 245 18.47 23.31 7.88
N MET D 246 17.53 24.26 7.83
CA MET D 246 17.86 25.63 7.47
C MET D 246 18.60 26.38 8.57
N GLY D 247 18.69 25.82 9.78
CA GLY D 247 19.23 26.56 10.90
C GLY D 247 18.30 27.63 11.41
N VAL D 248 17.02 27.54 11.10
CA VAL D 248 16.04 28.54 11.48
C VAL D 248 15.57 28.25 12.90
N GLY D 249 15.74 29.22 13.80
CA GLY D 249 15.13 29.11 15.11
C GLY D 249 13.63 29.17 15.01
N TYR D 250 12.96 28.23 15.67
CA TYR D 250 11.51 28.12 15.54
C TYR D 250 10.90 27.73 16.88
N SER D 251 9.60 27.99 16.99
CA SER D 251 8.80 27.57 18.15
C SER D 251 7.51 26.96 17.60
N LEU D 252 7.41 25.64 17.68
CA LEU D 252 6.21 24.93 17.24
C LEU D 252 5.19 24.99 18.36
N LEU D 253 4.24 25.89 18.24
CA LEU D 253 3.19 26.05 19.23
C LEU D 253 2.12 24.99 19.03
N SER D 254 1.73 24.32 20.12
CA SER D 254 0.84 23.16 20.07
C SER D 254 1.47 22.01 19.28
N ASP D 255 2.49 21.40 19.90
CA ASP D 255 3.19 20.24 19.36
C ASP D 255 2.79 18.95 20.09
N PRO D 256 1.81 18.20 19.58
CA PRO D 256 1.40 16.95 20.23
C PRO D 256 2.10 15.70 19.74
N GLU D 257 3.19 15.84 18.97
CA GLU D 257 3.81 14.68 18.33
C GLU D 257 4.33 13.68 19.35
N GLU D 258 4.91 14.16 20.45
CA GLU D 258 5.50 13.27 21.43
C GLU D 258 4.44 12.50 22.20
N VAL D 259 3.39 13.18 22.67
CA VAL D 259 2.39 12.53 23.49
C VAL D 259 1.52 11.58 22.68
N LEU D 260 1.51 11.71 21.36
CA LEU D 260 0.78 10.78 20.50
C LEU D 260 1.67 9.67 19.95
N ASP D 261 2.93 9.60 20.38
CA ASP D 261 3.85 8.58 19.91
C ASP D 261 4.74 8.08 21.04
N THR D 262 4.16 7.85 22.22
CA THR D 262 4.96 7.38 23.34
C THR D 262 5.43 5.94 23.11
N PRO D 263 6.65 5.61 23.50
CA PRO D 263 7.12 4.24 23.35
C PRO D 263 6.44 3.27 24.31
N ALA D 264 6.38 2.01 23.91
CA ALA D 264 5.87 0.94 24.76
C ALA D 264 7.09 0.28 25.41
N ASP D 265 7.45 0.75 26.60
CA ASP D 265 8.64 0.30 27.29
C ASP D 265 8.36 -0.17 28.71
N GLY D 266 7.10 -0.37 29.08
CA GLY D 266 6.74 -0.86 30.39
C GLY D 266 6.08 0.16 31.29
N GLN D 267 6.00 1.42 30.89
CA GLN D 267 5.33 2.44 31.68
C GLN D 267 4.42 3.28 30.80
N PHE D 268 3.36 3.79 31.40
CA PHE D 268 2.40 4.66 30.74
C PHE D 268 2.79 6.11 31.03
N ARG D 269 3.00 6.88 29.97
CA ARG D 269 3.30 8.31 30.07
C ARG D 269 2.06 9.09 29.68
N MET D 270 1.36 9.66 30.66
CA MET D 270 0.18 10.45 30.37
C MET D 270 0.56 11.71 29.59
N TYR D 271 1.68 12.33 29.92
CA TYR D 271 2.17 13.52 29.25
C TYR D 271 3.54 13.23 28.64
N ALA D 272 3.82 13.88 27.51
CA ALA D 272 5.13 13.78 26.87
C ALA D 272 5.30 14.94 25.91
N GLY D 273 6.44 15.64 26.03
CA GLY D 273 6.76 16.71 25.10
C GLY D 273 5.78 17.86 25.20
N GLY D 274 5.54 18.50 24.07
CA GLY D 274 4.56 19.56 23.98
C GLY D 274 5.18 20.94 24.10
N THR D 275 4.43 21.94 23.64
CA THR D 275 4.86 23.33 23.76
C THR D 275 4.88 23.74 25.23
N THR D 276 6.01 24.27 25.69
CA THR D 276 6.11 24.71 27.06
C THR D 276 5.41 26.05 27.25
N GLN D 277 5.03 26.32 28.50
CA GLN D 277 4.43 27.62 28.82
C GLN D 277 5.41 28.75 28.56
N GLU D 278 6.70 28.50 28.73
CA GLU D 278 7.71 29.52 28.45
C GLU D 278 7.74 29.87 26.97
N GLU D 279 7.62 28.88 26.10
CA GLU D 279 7.58 29.14 24.66
C GLU D 279 6.37 30.00 24.30
N MET D 280 5.21 29.70 24.86
CA MET D 280 4.02 30.48 24.55
C MET D 280 4.13 31.90 25.10
N LYS D 281 4.73 32.04 26.29
CA LYS D 281 4.91 33.38 26.84
C LYS D 281 5.88 34.20 26.00
N ASP D 282 6.92 33.57 25.46
CA ASP D 282 7.92 34.26 24.64
C ASP D 282 7.51 34.39 23.18
N ALA D 283 6.42 33.76 22.77
CA ALA D 283 6.00 33.80 21.37
C ALA D 283 5.89 35.19 20.76
N PRO D 284 5.36 36.22 21.44
CA PRO D 284 5.32 37.56 20.80
C PRO D 284 6.68 38.11 20.47
N ASN D 285 7.75 37.59 21.05
CA ASN D 285 9.10 38.05 20.76
C ASN D 285 9.66 37.47 19.47
N ALA D 286 8.92 36.60 18.79
CA ALA D 286 9.40 35.98 17.57
C ALA D 286 9.47 37.00 16.44
N LEU D 287 10.28 36.67 15.42
CA LEU D 287 10.33 37.48 14.22
C LEU D 287 8.97 37.54 13.55
N ASN D 288 8.28 36.41 13.48
CA ASN D 288 6.99 36.31 12.82
C ASN D 288 6.30 35.05 13.32
N THR D 289 5.05 34.88 12.88
CA THR D 289 4.29 33.66 13.11
C THR D 289 3.80 33.15 11.77
N VAL D 290 4.04 31.87 11.51
CA VAL D 290 3.59 31.22 10.28
C VAL D 290 2.45 30.27 10.63
N LEU D 291 1.33 30.42 9.94
CA LEU D 291 0.17 29.55 10.12
C LEU D 291 0.19 28.50 9.03
N LEU D 292 0.38 27.24 9.43
CA LEU D 292 0.51 26.16 8.46
C LEU D 292 -0.80 25.88 7.75
N GLN D 293 -1.94 26.09 8.43
CA GLN D 293 -3.26 25.80 7.86
C GLN D 293 -4.12 27.05 8.06
N PRO D 294 -3.90 28.07 7.22
CA PRO D 294 -4.52 29.38 7.49
C PRO D 294 -6.03 29.41 7.34
N TRP D 295 -6.64 28.45 6.66
CA TRP D 295 -8.08 28.52 6.43
C TRP D 295 -8.90 28.10 7.64
N HIS D 296 -8.28 27.52 8.67
CA HIS D 296 -8.98 27.36 9.94
C HIS D 296 -8.17 27.94 11.09
N LEU D 297 -7.37 28.96 10.82
CA LEU D 297 -6.61 29.68 11.83
C LEU D 297 -6.89 31.17 11.73
N GLU D 298 -8.13 31.53 11.41
CA GLU D 298 -8.47 32.94 11.17
C GLU D 298 -8.51 33.73 12.47
N LYS D 299 -9.12 33.17 13.52
CA LYS D 299 -9.15 33.85 14.80
C LYS D 299 -7.76 33.95 15.40
N THR D 300 -6.97 32.87 15.28
CA THR D 300 -5.57 32.93 15.68
C THR D 300 -4.81 33.99 14.89
N LYS D 301 -5.08 34.10 13.59
CA LYS D 301 -4.42 35.12 12.79
C LYS D 301 -4.79 36.52 13.26
N LYS D 302 -6.07 36.75 13.56
CA LYS D 302 -6.49 38.05 14.05
C LYS D 302 -5.80 38.39 15.35
N PHE D 303 -5.72 37.43 16.27
CA PHE D 303 -5.04 37.69 17.55
C PHE D 303 -3.56 37.96 17.34
N VAL D 304 -2.89 37.16 16.51
CA VAL D 304 -1.45 37.28 16.34
C VAL D 304 -1.10 38.60 15.66
N GLU D 305 -1.89 39.00 14.66
CA GLU D 305 -1.61 40.25 13.96
C GLU D 305 -2.02 41.47 14.78
N GLY D 306 -3.07 41.36 15.59
CA GLY D 306 -3.57 42.50 16.33
C GLY D 306 -2.93 42.72 17.68
N THR D 307 -2.48 41.64 18.33
CA THR D 307 -1.86 41.73 19.64
C THR D 307 -0.35 41.55 19.59
N TRP D 308 0.14 40.47 18.98
CA TRP D 308 1.58 40.26 18.88
C TRP D 308 2.24 41.17 17.87
N LYS D 309 1.47 41.81 16.98
CA LYS D 309 1.99 42.69 15.93
C LYS D 309 2.88 41.93 14.95
N HIS D 310 2.56 40.67 14.67
CA HIS D 310 3.31 39.88 13.71
C HIS D 310 2.67 40.02 12.32
N GLU D 311 3.50 40.28 11.32
CA GLU D 311 3.03 40.39 9.94
C GLU D 311 2.96 38.99 9.34
N VAL D 312 1.87 38.29 9.68
CA VAL D 312 1.70 36.90 9.30
C VAL D 312 1.71 36.79 7.78
N PRO D 313 2.63 36.02 7.20
CA PRO D 313 2.70 35.93 5.74
C PRO D 313 1.50 35.22 5.16
N LYS D 314 1.15 35.63 3.94
CA LYS D 314 0.09 34.98 3.16
C LYS D 314 0.69 33.74 2.52
N LEU D 315 0.61 32.62 3.22
CA LEU D 315 1.18 31.36 2.77
C LEU D 315 0.09 30.29 2.73
N ASN D 316 0.09 29.50 1.66
CA ASN D 316 -0.74 28.32 1.62
C ASN D 316 -0.12 27.22 2.49
N ILE D 317 -0.90 26.19 2.74
CA ILE D 317 -0.36 25.02 3.44
C ILE D 317 0.82 24.48 2.65
N PRO D 318 1.97 24.21 3.27
CA PRO D 318 3.13 23.75 2.51
C PRO D 318 2.95 22.32 2.01
N MET D 319 2.05 22.16 1.05
CA MET D 319 1.73 20.86 0.47
C MET D 319 2.09 20.88 -1.00
N GLY D 320 2.83 19.88 -1.45
CA GLY D 320 3.24 19.81 -2.82
C GLY D 320 4.40 20.73 -3.12
N LEU D 321 4.81 20.71 -4.40
CA LEU D 321 6.07 21.30 -4.81
C LEU D 321 6.05 22.82 -4.69
N ASP D 322 5.10 23.47 -5.37
CA ASP D 322 5.08 24.94 -5.40
C ASP D 322 4.89 25.54 -4.02
N TRP D 323 3.97 24.97 -3.24
CA TRP D 323 3.67 25.56 -1.94
C TRP D 323 4.75 25.26 -0.91
N THR D 324 5.40 24.09 -1.00
CA THR D 324 6.59 23.89 -0.17
C THR D 324 7.70 24.85 -0.54
N ASP D 325 7.88 25.11 -1.85
CA ASP D 325 8.88 26.07 -2.28
C ASP D 325 8.58 27.45 -1.72
N GLU D 326 7.31 27.87 -1.80
CA GLU D 326 6.93 29.19 -1.29
C GLU D 326 7.12 29.27 0.22
N PHE D 327 6.78 28.21 0.93
CA PHE D 327 6.99 28.18 2.39
C PHE D 327 8.47 28.34 2.72
N LEU D 328 9.32 27.58 2.03
CA LEU D 328 10.75 27.64 2.34
C LEU D 328 11.33 29.00 2.00
N MET D 329 10.92 29.59 0.88
CA MET D 329 11.40 30.91 0.50
C MET D 329 10.94 31.98 1.50
N LYS D 330 9.70 31.89 1.96
CA LYS D 330 9.21 32.83 2.96
C LYS D 330 9.96 32.69 4.28
N VAL D 331 10.20 31.45 4.71
CA VAL D 331 10.96 31.24 5.95
C VAL D 331 12.37 31.77 5.79
N SER D 332 12.98 31.56 4.63
CA SER D 332 14.32 32.08 4.38
C SER D 332 14.34 33.61 4.42
N GLU D 333 13.31 34.24 3.85
CA GLU D 333 13.25 35.70 3.88
C GLU D 333 13.05 36.22 5.31
N ILE D 334 12.19 35.57 6.09
CA ILE D 334 11.91 36.04 7.44
C ILE D 334 13.12 35.87 8.34
N SER D 335 13.75 34.69 8.29
CA SER D 335 14.84 34.37 9.19
C SER D 335 16.20 34.86 8.70
N GLY D 336 16.35 35.13 7.41
CA GLY D 336 17.65 35.45 6.85
C GLY D 336 18.52 34.25 6.54
N GLN D 337 18.04 33.04 6.79
CA GLN D 337 18.79 31.81 6.55
C GLN D 337 18.59 31.36 5.11
N PRO D 338 19.66 31.09 4.37
CA PRO D 338 19.50 30.53 3.02
C PRO D 338 18.96 29.12 3.05
N ILE D 339 18.29 28.73 1.98
CA ILE D 339 17.77 27.39 1.84
C ILE D 339 18.94 26.45 1.56
N PRO D 340 19.18 25.45 2.39
CA PRO D 340 20.42 24.67 2.31
C PRO D 340 20.41 23.68 1.15
N ALA D 341 21.59 23.14 0.88
CA ALA D 341 21.76 22.20 -0.23
C ALA D 341 20.96 20.92 -0.04
N SER D 342 20.78 20.47 1.19
CA SER D 342 20.03 19.25 1.43
C SER D 342 18.57 19.41 1.02
N LEU D 343 17.97 20.56 1.31
CA LEU D 343 16.58 20.80 0.93
C LEU D 343 16.45 20.92 -0.59
N THR D 344 17.44 21.53 -1.24
CA THR D 344 17.45 21.58 -2.70
C THR D 344 17.53 20.18 -3.29
N LYS D 345 18.39 19.33 -2.73
CA LYS D 345 18.48 17.95 -3.18
C LYS D 345 17.16 17.21 -2.98
N GLU D 346 16.51 17.43 -1.83
CA GLU D 346 15.24 16.78 -1.57
C GLU D 346 14.16 17.22 -2.57
N ARG D 347 14.11 18.51 -2.87
CA ARG D 347 13.18 19.00 -3.89
C ARG D 347 13.48 18.37 -5.24
N GLY D 348 14.76 18.28 -5.61
CA GLY D 348 15.12 17.66 -6.87
C GLY D 348 14.74 16.18 -6.92
N ARG D 349 14.84 15.50 -5.78
CA ARG D 349 14.44 14.10 -5.73
C ARG D 349 12.93 13.93 -5.89
N LEU D 350 12.16 14.85 -5.28
CA LEU D 350 10.72 14.84 -5.52
C LEU D 350 10.40 15.07 -6.99
N VAL D 351 11.12 15.99 -7.63
CA VAL D 351 10.90 16.24 -9.06
C VAL D 351 11.27 15.00 -9.88
N ASP D 352 12.34 14.31 -9.49
CA ASP D 352 12.72 13.09 -10.19
C ASP D 352 11.63 12.03 -10.08
N MET D 353 11.04 11.88 -8.89
CA MET D 353 9.94 10.93 -8.74
C MET D 353 8.74 11.33 -9.60
N MET D 354 8.45 12.64 -9.66
CA MET D 354 7.36 13.11 -10.50
C MET D 354 7.58 12.76 -11.96
N THR D 355 8.80 12.96 -12.45
CA THR D 355 9.10 12.58 -13.84
C THR D 355 9.06 11.07 -14.02
N ASP D 356 9.49 10.30 -13.00
CA ASP D 356 9.44 8.85 -13.09
C ASP D 356 8.02 8.33 -13.20
N SER D 357 7.06 8.99 -12.55
CA SER D 357 5.71 8.45 -12.42
C SER D 357 4.65 9.20 -13.22
N HIS D 358 5.03 10.23 -13.97
CA HIS D 358 4.03 11.08 -14.63
C HIS D 358 3.18 10.32 -15.64
N THR D 359 3.74 9.33 -16.34
CA THR D 359 2.97 8.63 -17.35
C THR D 359 1.80 7.88 -16.72
N TRP D 360 2.01 7.28 -15.56
CA TRP D 360 0.92 6.61 -14.86
C TRP D 360 -0.01 7.59 -14.17
N LEU D 361 0.50 8.73 -13.71
CA LEU D 361 -0.36 9.67 -13.01
C LEU D 361 -1.19 10.56 -13.93
N HIS D 362 -0.79 10.72 -15.19
CA HIS D 362 -1.38 11.73 -16.04
C HIS D 362 -2.83 11.40 -16.39
N GLY D 363 -3.72 12.37 -16.19
CA GLY D 363 -5.10 12.25 -16.56
C GLY D 363 -5.99 11.50 -15.60
N LYS D 364 -5.45 11.01 -14.48
CA LYS D 364 -6.26 10.22 -13.56
C LYS D 364 -7.24 11.11 -12.81
N ARG D 365 -8.47 10.61 -12.63
CA ARG D 365 -9.56 11.39 -12.07
C ARG D 365 -9.78 11.01 -10.63
N PHE D 366 -9.85 12.03 -9.76
CA PHE D 366 -9.94 11.83 -8.33
C PHE D 366 -11.12 12.60 -7.76
N ALA D 367 -11.90 11.95 -6.93
CA ALA D 367 -12.82 12.60 -6.01
C ALA D 367 -12.19 12.60 -4.62
N LEU D 368 -12.11 13.77 -4.00
CA LEU D 368 -11.39 13.85 -2.74
C LEU D 368 -12.19 14.66 -1.73
N TRP D 369 -11.91 14.43 -0.46
CA TRP D 369 -12.52 15.23 0.59
C TRP D 369 -11.61 15.31 1.81
N GLY D 370 -11.96 16.22 2.70
CA GLY D 370 -11.22 16.43 3.93
C GLY D 370 -11.39 17.86 4.41
N ASP D 371 -10.47 18.28 5.27
CA ASP D 371 -10.47 19.63 5.81
C ASP D 371 -10.01 20.64 4.75
N PRO D 372 -10.37 21.91 4.90
CA PRO D 372 -10.11 22.88 3.80
C PRO D 372 -8.66 22.99 3.38
N ASP D 373 -7.74 23.25 4.32
CA ASP D 373 -6.34 23.43 3.96
C ASP D 373 -5.76 22.15 3.36
N PHE D 374 -6.05 21.01 3.97
CA PHE D 374 -5.58 19.74 3.45
C PHE D 374 -6.12 19.49 2.04
N VAL D 375 -7.41 19.78 1.84
CA VAL D 375 -8.03 19.52 0.55
C VAL D 375 -7.42 20.40 -0.53
N MET D 376 -7.21 21.68 -0.24
CA MET D 376 -6.64 22.54 -1.27
C MET D 376 -5.19 22.20 -1.54
N GLY D 377 -4.43 21.79 -0.51
CA GLY D 377 -3.08 21.32 -0.75
C GLY D 377 -3.05 20.08 -1.63
N LEU D 378 -3.95 19.14 -1.37
CA LEU D 378 -4.04 17.94 -2.19
C LEU D 378 -4.44 18.27 -3.63
N VAL D 379 -5.37 19.21 -3.79
CA VAL D 379 -5.79 19.63 -5.13
C VAL D 379 -4.62 20.26 -5.87
N LYS D 380 -3.87 21.13 -5.20
CA LYS D 380 -2.71 21.76 -5.83
C LYS D 380 -1.68 20.70 -6.25
N PHE D 381 -1.38 19.75 -5.37
CA PHE D 381 -0.40 18.73 -5.71
C PHE D 381 -0.88 17.85 -6.85
N LEU D 382 -2.17 17.50 -6.86
CA LEU D 382 -2.71 16.70 -7.95
C LEU D 382 -2.60 17.44 -9.27
N LEU D 383 -2.86 18.75 -9.27
CA LEU D 383 -2.67 19.54 -10.48
C LEU D 383 -1.21 19.54 -10.91
N GLU D 384 -0.29 19.60 -9.96
CA GLU D 384 1.13 19.55 -10.30
C GLU D 384 1.51 18.22 -10.91
N LEU D 385 0.79 17.15 -10.58
CA LEU D 385 1.08 15.82 -11.07
C LEU D 385 0.39 15.50 -12.38
N GLY D 386 -0.32 16.44 -12.98
CA GLY D 386 -1.08 16.15 -14.18
C GLY D 386 -2.32 15.33 -13.95
N CYS D 387 -2.77 15.21 -12.71
CA CYS D 387 -4.00 14.50 -12.39
C CYS D 387 -5.19 15.46 -12.47
N GLU D 388 -6.37 14.88 -12.57
CA GLU D 388 -7.60 15.66 -12.68
C GLU D 388 -8.43 15.52 -11.42
N PRO D 389 -8.44 16.51 -10.53
CA PRO D 389 -9.48 16.55 -9.49
C PRO D 389 -10.80 16.83 -10.16
N VAL D 390 -11.81 16.03 -9.85
CA VAL D 390 -13.13 16.15 -10.45
C VAL D 390 -14.18 16.55 -9.43
N HIS D 391 -14.24 15.83 -8.32
CA HIS D 391 -15.16 16.14 -7.23
C HIS D 391 -14.34 16.54 -6.02
N ILE D 392 -14.38 17.82 -5.68
CA ILE D 392 -13.66 18.35 -4.53
C ILE D 392 -14.70 18.70 -3.48
N LEU D 393 -14.72 17.94 -2.40
CA LEU D 393 -15.72 18.09 -1.35
C LEU D 393 -15.05 18.53 -0.06
N CYS D 394 -15.61 19.58 0.56
CA CYS D 394 -15.17 20.02 1.88
C CYS D 394 -16.44 20.37 2.65
N HIS D 395 -16.86 19.48 3.55
CA HIS D 395 -18.09 19.70 4.29
C HIS D 395 -18.00 20.94 5.15
N ASN D 396 -16.82 21.23 5.71
CA ASN D 396 -16.62 22.38 6.57
C ASN D 396 -15.94 23.54 5.86
N GLY D 397 -16.00 23.60 4.53
CA GLY D 397 -15.49 24.73 3.81
C GLY D 397 -16.49 25.87 3.72
N ASN D 398 -16.01 27.01 3.24
CA ASN D 398 -16.83 28.21 3.15
C ASN D 398 -16.68 28.81 1.74
N LYS D 399 -17.44 29.89 1.50
CA LYS D 399 -17.47 30.49 0.17
C LYS D 399 -16.11 31.05 -0.23
N ARG D 400 -15.41 31.70 0.70
CA ARG D 400 -14.11 32.28 0.37
C ARG D 400 -13.08 31.19 0.05
N TRP D 401 -13.09 30.10 0.82
CA TRP D 401 -12.21 28.98 0.51
C TRP D 401 -12.55 28.37 -0.85
N LYS D 402 -13.85 28.26 -1.16
CA LYS D 402 -14.26 27.74 -2.45
C LYS D 402 -13.77 28.66 -3.57
N LYS D 403 -13.83 29.97 -3.35
CA LYS D 403 -13.31 30.92 -4.34
C LYS D 403 -11.81 30.73 -4.55
N ALA D 404 -11.06 30.56 -3.46
CA ALA D 404 -9.62 30.33 -3.59
C ALA D 404 -9.32 29.04 -4.33
N VAL D 405 -10.05 27.96 -4.03
CA VAL D 405 -9.81 26.69 -4.69
C VAL D 405 -10.19 26.76 -6.16
N ASP D 406 -11.27 27.47 -6.48
CA ASP D 406 -11.64 27.67 -7.88
C ASP D 406 -10.58 28.47 -8.61
N ALA D 407 -9.96 29.45 -7.93
CA ALA D 407 -8.86 30.19 -8.53
C ALA D 407 -7.66 29.28 -8.79
N ILE D 408 -7.38 28.37 -7.86
CA ILE D 408 -6.29 27.41 -8.06
C ILE D 408 -6.59 26.51 -9.26
N LEU D 409 -7.83 26.03 -9.36
CA LEU D 409 -8.21 25.16 -10.48
C LEU D 409 -8.15 25.90 -11.80
N ALA D 410 -8.55 27.17 -11.82
CA ALA D 410 -8.55 27.94 -13.06
C ALA D 410 -7.13 28.14 -13.60
N ALA D 411 -6.13 28.19 -12.72
CA ALA D 411 -4.76 28.41 -13.15
C ALA D 411 -4.16 27.19 -13.86
N SER D 412 -4.85 26.05 -13.85
CA SER D 412 -4.32 24.84 -14.45
C SER D 412 -5.30 24.28 -15.48
N PRO D 413 -4.79 23.80 -16.62
CA PRO D 413 -5.66 23.09 -17.57
C PRO D 413 -6.20 21.78 -17.02
N TYR D 414 -5.59 21.23 -15.98
CA TYR D 414 -6.05 20.00 -15.37
C TYR D 414 -7.18 20.21 -14.37
N GLY D 415 -7.59 21.46 -14.15
CA GLY D 415 -8.72 21.75 -13.29
C GLY D 415 -9.97 22.10 -14.06
N LYS D 416 -9.99 21.80 -15.36
CA LYS D 416 -11.11 22.17 -16.21
C LYS D 416 -12.38 21.46 -15.78
N ASN D 417 -12.29 20.18 -15.44
CA ASN D 417 -13.45 19.36 -15.10
C ASN D 417 -13.66 19.24 -13.60
N ALA D 418 -13.13 20.17 -12.82
CA ALA D 418 -13.20 20.12 -11.37
C ALA D 418 -14.37 20.95 -10.86
N THR D 419 -15.10 20.40 -9.90
CA THR D 419 -16.13 21.13 -9.19
C THR D 419 -15.85 21.05 -7.71
N VAL D 420 -16.01 22.17 -7.02
CA VAL D 420 -15.79 22.27 -5.58
C VAL D 420 -17.15 22.34 -4.90
N TYR D 421 -17.35 21.48 -3.90
CA TYR D 421 -18.59 21.43 -3.14
C TYR D 421 -18.29 21.77 -1.69
N ILE D 422 -19.06 22.68 -1.12
CA ILE D 422 -18.97 23.02 0.30
C ILE D 422 -20.33 22.80 0.93
N GLY D 423 -20.33 22.30 2.16
CA GLY D 423 -21.56 21.97 2.83
C GLY D 423 -22.20 20.67 2.39
N LYS D 424 -21.54 19.91 1.52
CA LYS D 424 -22.03 18.62 1.08
C LYS D 424 -21.33 17.51 1.86
N ASP D 425 -22.04 16.41 2.05
CA ASP D 425 -21.56 15.29 2.83
C ASP D 425 -21.20 14.14 1.91
N LEU D 426 -20.90 12.98 2.50
CA LEU D 426 -20.41 11.85 1.72
C LEU D 426 -21.52 11.11 0.98
N TRP D 427 -22.80 11.33 1.33
CA TRP D 427 -23.87 10.83 0.49
C TRP D 427 -23.93 11.59 -0.84
N HIS D 428 -23.74 12.91 -0.78
CA HIS D 428 -23.58 13.69 -2.01
C HIS D 428 -22.42 13.17 -2.84
N LEU D 429 -21.29 12.89 -2.20
CA LEU D 429 -20.12 12.41 -2.93
C LEU D 429 -20.36 11.03 -3.52
N ARG D 430 -21.11 10.19 -2.81
CA ARG D 430 -21.47 8.89 -3.36
C ARG D 430 -22.28 9.07 -4.65
N SER D 431 -23.24 9.99 -4.64
CA SER D 431 -23.95 10.30 -5.88
C SER D 431 -22.99 10.77 -6.97
N LEU D 432 -22.05 11.64 -6.61
CA LEU D 432 -21.12 12.19 -7.59
C LEU D 432 -20.25 11.12 -8.22
N VAL D 433 -19.74 10.19 -7.41
CA VAL D 433 -18.89 9.14 -7.97
C VAL D 433 -19.69 8.10 -8.72
N PHE D 434 -20.99 7.99 -8.45
CA PHE D 434 -21.82 7.12 -9.30
C PHE D 434 -22.13 7.77 -10.65
N THR D 435 -22.42 9.07 -10.67
CA THR D 435 -22.88 9.71 -11.89
C THR D 435 -21.75 10.25 -12.75
N ASP D 436 -20.65 10.70 -12.15
CA ASP D 436 -19.45 11.15 -12.87
C ASP D 436 -18.28 10.40 -12.25
N LYS D 437 -18.05 9.18 -12.71
CA LYS D 437 -17.15 8.27 -12.04
C LYS D 437 -15.70 8.72 -12.16
N PRO D 438 -15.00 8.93 -11.05
CA PRO D 438 -13.56 9.15 -11.11
C PRO D 438 -12.80 7.83 -11.09
N ASP D 439 -11.48 7.93 -11.25
CA ASP D 439 -10.65 6.75 -11.13
C ASP D 439 -10.47 6.36 -9.67
N PHE D 440 -10.33 7.33 -8.77
CA PHE D 440 -10.08 7.00 -7.37
C PHE D 440 -10.73 8.05 -6.47
N MET D 441 -10.96 7.66 -5.22
CA MET D 441 -11.26 8.60 -4.16
C MET D 441 -10.02 8.78 -3.30
N ILE D 442 -9.87 9.98 -2.74
CA ILE D 442 -8.89 10.26 -1.71
C ILE D 442 -9.63 10.84 -0.52
N GLY D 443 -9.62 10.11 0.58
CA GLY D 443 -10.33 10.57 1.75
C GLY D 443 -10.06 9.66 2.93
N ASN D 444 -10.87 9.86 3.98
CA ASN D 444 -10.70 9.11 5.21
C ASN D 444 -11.38 7.74 5.09
N SER D 445 -11.51 7.04 6.22
CA SER D 445 -11.98 5.65 6.21
C SER D 445 -13.45 5.54 5.80
N TYR D 446 -14.23 6.60 6.03
CA TYR D 446 -15.65 6.55 5.69
C TYR D 446 -15.87 6.27 4.21
N GLY D 447 -14.96 6.74 3.36
CA GLY D 447 -15.06 6.48 1.94
C GLY D 447 -15.09 5.00 1.58
N LYS D 448 -14.61 4.14 2.47
CA LYS D 448 -14.66 2.71 2.21
C LYS D 448 -16.09 2.29 1.89
N PHE D 449 -17.07 2.86 2.61
CA PHE D 449 -18.46 2.48 2.35
C PHE D 449 -18.87 2.86 0.93
N ILE D 450 -18.47 4.05 0.49
CA ILE D 450 -18.73 4.44 -0.89
C ILE D 450 -18.13 3.41 -1.84
N GLN D 451 -16.88 3.00 -1.59
CA GLN D 451 -16.28 2.00 -2.46
C GLN D 451 -17.15 0.75 -2.51
N ARG D 452 -17.61 0.28 -1.35
CA ARG D 452 -18.49 -0.87 -1.32
C ARG D 452 -19.69 -0.65 -2.23
N ASP D 453 -20.34 0.50 -2.07
CA ASP D 453 -21.52 0.81 -2.88
C ASP D 453 -21.17 0.73 -4.36
N THR D 454 -20.05 1.35 -4.77
CA THR D 454 -19.72 1.36 -6.18
C THR D 454 -19.47 -0.06 -6.67
N LEU D 455 -18.79 -0.88 -5.86
CA LEU D 455 -18.55 -2.25 -6.26
C LEU D 455 -19.85 -3.01 -6.43
N HIS D 456 -20.88 -2.65 -5.64
CA HIS D 456 -22.17 -3.32 -5.77
C HIS D 456 -22.80 -3.02 -7.12
N LYS D 457 -22.57 -1.84 -7.68
CA LYS D 457 -23.04 -1.57 -9.03
C LYS D 457 -22.33 -2.47 -10.04
N GLY D 458 -21.04 -2.68 -9.86
CA GLY D 458 -20.26 -3.55 -10.71
C GLY D 458 -18.78 -3.34 -10.51
N LYS D 459 -17.97 -4.32 -10.93
CA LYS D 459 -16.53 -4.18 -10.81
C LYS D 459 -16.00 -3.02 -11.64
N GLU D 460 -16.55 -2.83 -12.84
CA GLU D 460 -16.12 -1.73 -13.69
C GLU D 460 -16.56 -0.37 -13.17
N PHE D 461 -17.53 -0.34 -12.25
CA PHE D 461 -17.99 0.89 -11.64
C PHE D 461 -17.32 1.19 -10.31
N GLU D 462 -16.49 0.27 -9.81
CA GLU D 462 -15.92 0.42 -8.48
C GLU D 462 -14.89 1.55 -8.46
N VAL D 463 -15.00 2.41 -7.46
CA VAL D 463 -14.04 3.50 -7.26
C VAL D 463 -13.21 3.18 -6.02
N PRO D 464 -11.96 2.76 -6.18
CA PRO D 464 -11.15 2.42 -5.01
C PRO D 464 -10.82 3.67 -4.19
N LEU D 465 -10.73 3.45 -2.87
CA LEU D 465 -10.42 4.51 -1.93
C LEU D 465 -8.93 4.51 -1.62
N ILE D 466 -8.37 5.72 -1.53
CA ILE D 466 -7.02 5.95 -1.06
C ILE D 466 -7.13 6.73 0.24
N ARG D 467 -6.60 6.16 1.32
CA ARG D 467 -6.81 6.66 2.67
C ARG D 467 -5.76 7.72 2.98
N ILE D 468 -6.12 8.97 2.73
CA ILE D 468 -5.32 10.12 3.14
C ILE D 468 -6.25 11.10 3.84
N GLY D 469 -5.94 11.42 5.09
CA GLY D 469 -6.77 12.34 5.84
C GLY D 469 -7.08 11.85 7.24
N PHE D 470 -8.23 12.26 7.77
CA PHE D 470 -8.62 11.97 9.13
C PHE D 470 -10.13 11.77 9.21
N PRO D 471 -10.59 10.74 9.91
CA PRO D 471 -9.80 9.71 10.60
C PRO D 471 -9.55 8.50 9.72
N ILE D 472 -8.50 7.74 10.02
CA ILE D 472 -8.25 6.47 9.36
C ILE D 472 -8.33 5.39 10.42
N PHE D 473 -9.33 4.53 10.32
CA PHE D 473 -9.64 3.55 11.35
C PHE D 473 -9.36 2.11 10.93
N ASP D 474 -9.41 1.81 9.63
CA ASP D 474 -9.32 0.44 9.15
C ASP D 474 -7.93 0.09 8.63
N ARG D 475 -6.96 0.97 8.79
CA ARG D 475 -5.56 0.66 8.53
C ARG D 475 -4.74 1.06 9.74
N HIS D 476 -3.58 0.43 9.89
CA HIS D 476 -2.73 0.64 11.05
C HIS D 476 -1.55 1.54 10.70
N HIS D 477 -1.25 2.47 11.59
CA HIS D 477 -0.03 3.27 11.61
C HIS D 477 0.09 4.23 10.43
N LEU D 478 -0.99 4.48 9.69
CA LEU D 478 -0.95 5.49 8.65
C LEU D 478 -0.88 6.90 9.23
N HIS D 479 -1.23 7.07 10.51
CA HIS D 479 -1.08 8.35 11.17
C HIS D 479 0.38 8.76 11.32
N ARG D 480 1.31 7.85 11.09
CA ARG D 480 2.74 8.16 11.09
C ARG D 480 3.21 8.77 9.78
N SER D 481 2.35 8.84 8.78
CA SER D 481 2.74 9.35 7.47
C SER D 481 2.98 10.85 7.51
N THR D 482 3.51 11.36 6.41
CA THR D 482 3.71 12.78 6.20
C THR D 482 2.94 13.22 4.96
N THR D 483 2.29 14.38 5.04
CA THR D 483 1.65 14.98 3.89
C THR D 483 2.22 16.34 3.54
N LEU D 484 3.03 16.93 4.41
CA LEU D 484 3.59 18.26 4.19
C LEU D 484 4.99 18.16 3.61
N GLY D 485 5.41 19.22 2.93
CA GLY D 485 6.76 19.32 2.43
C GLY D 485 7.05 18.38 1.27
N TYR D 486 8.33 18.34 0.92
CA TYR D 486 8.77 17.44 -0.14
C TYR D 486 8.63 15.98 0.29
N GLU D 487 8.90 15.69 1.56
CA GLU D 487 8.76 14.32 2.05
C GLU D 487 7.31 13.85 1.98
N GLY D 488 6.38 14.71 2.43
CA GLY D 488 4.97 14.38 2.32
C GLY D 488 4.51 14.26 0.88
N ALA D 489 5.04 15.13 0.01
CA ALA D 489 4.70 15.03 -1.41
C ALA D 489 5.19 13.71 -1.99
N MET D 490 6.40 13.28 -1.61
CA MET D 490 6.90 11.98 -2.09
C MET D 490 6.03 10.84 -1.59
N GLN D 491 5.63 10.89 -0.32
CA GLN D 491 4.76 9.83 0.21
C GLN D 491 3.43 9.80 -0.52
N ILE D 492 2.84 10.97 -0.76
CA ILE D 492 1.55 11.03 -1.45
C ILE D 492 1.70 10.54 -2.89
N LEU D 493 2.78 10.95 -3.56
CA LEU D 493 3.02 10.52 -4.94
C LEU D 493 3.15 9.00 -5.02
N THR D 494 3.95 8.43 -4.12
CA THR D 494 4.12 6.99 -4.11
C THR D 494 2.79 6.29 -3.86
N THR D 495 2.02 6.78 -2.89
CA THR D 495 0.70 6.20 -2.62
C THR D 495 -0.18 6.23 -3.86
N LEU D 496 -0.24 7.38 -4.53
CA LEU D 496 -1.12 7.52 -5.69
C LEU D 496 -0.70 6.61 -6.84
N VAL D 497 0.58 6.66 -7.21
CA VAL D 497 1.03 5.90 -8.37
C VAL D 497 0.93 4.40 -8.09
N ASN D 498 1.24 3.97 -6.87
CA ASN D 498 1.16 2.54 -6.59
C ASN D 498 -0.28 2.08 -6.39
N SER D 499 -1.19 2.96 -5.96
CA SER D 499 -2.60 2.63 -6.00
C SER D 499 -3.07 2.42 -7.43
N ILE D 500 -2.65 3.30 -8.34
CA ILE D 500 -2.98 3.14 -9.75
C ILE D 500 -2.46 1.81 -10.28
N LEU D 501 -1.20 1.49 -9.96
CA LEU D 501 -0.58 0.28 -10.50
C LEU D 501 -1.18 -0.97 -9.87
N GLU D 502 -1.55 -0.91 -8.58
CA GLU D 502 -2.23 -2.04 -7.95
C GLU D 502 -3.60 -2.28 -8.57
N ARG D 503 -4.34 -1.21 -8.85
CA ARG D 503 -5.62 -1.35 -9.54
C ARG D 503 -5.43 -1.97 -10.92
N LEU D 504 -4.41 -1.51 -11.66
CA LEU D 504 -4.16 -2.06 -12.99
C LEU D 504 -3.78 -3.53 -12.91
N ASP D 505 -2.96 -3.90 -11.92
CA ASP D 505 -2.61 -5.30 -11.73
C ASP D 505 -3.83 -6.15 -11.41
N GLU D 506 -4.72 -5.64 -10.56
CA GLU D 506 -5.95 -6.37 -10.28
C GLU D 506 -6.79 -6.55 -11.54
N GLU D 507 -6.87 -5.49 -12.35
CA GLU D 507 -7.71 -5.54 -13.55
C GLU D 507 -7.12 -6.41 -14.66
N THR D 508 -5.82 -6.70 -14.62
CA THR D 508 -5.16 -7.49 -15.65
C THR D 508 -4.70 -8.84 -15.14
N ARG D 509 -5.21 -9.30 -14.01
CA ARG D 509 -4.81 -10.58 -13.44
C ARG D 509 -5.59 -11.76 -14.00
N GLY D 510 -6.61 -11.51 -14.82
CA GLY D 510 -7.41 -12.60 -15.36
C GLY D 510 -6.63 -13.39 -16.40
N MET D 511 -6.36 -14.66 -16.11
CA MET D 511 -5.56 -15.48 -17.01
C MET D 511 -6.31 -15.72 -18.32
N GLN D 512 -5.60 -15.52 -19.44
CA GLN D 512 -6.11 -15.68 -20.79
C GLN D 512 -7.27 -14.74 -21.11
N ALA D 513 -7.56 -13.77 -20.25
CA ALA D 513 -8.58 -12.76 -20.50
C ALA D 513 -8.01 -11.36 -20.54
N THR D 514 -7.31 -10.94 -19.47
CA THR D 514 -6.70 -9.63 -19.42
C THR D 514 -5.23 -9.67 -19.04
N ASP D 515 -4.64 -10.86 -18.91
CA ASP D 515 -3.26 -10.98 -18.45
C ASP D 515 -2.25 -10.69 -19.55
N TYR D 516 -2.70 -10.42 -20.78
CA TYR D 516 -1.77 -9.95 -21.79
C TYR D 516 -1.14 -8.63 -21.37
N ASN D 517 -1.82 -7.85 -20.54
CA ASN D 517 -1.33 -6.58 -20.02
C ASN D 517 -0.84 -6.70 -18.57
N HIS D 518 -0.63 -7.91 -18.07
CA HIS D 518 -0.11 -8.11 -16.72
C HIS D 518 1.42 -8.04 -16.75
N ASP D 519 1.91 -6.83 -17.01
CA ASP D 519 3.34 -6.62 -17.27
C ASP D 519 4.16 -6.73 -16.01
N LEU D 520 5.34 -7.35 -16.14
CA LEU D 520 6.29 -7.37 -15.04
C LEU D 520 6.83 -5.97 -14.75
N VAL D 521 7.10 -5.20 -15.79
CA VAL D 521 7.73 -3.88 -15.66
C VAL D 521 6.68 -2.82 -15.95
N ARG D 522 6.53 -1.88 -15.02
CA ARG D 522 5.60 -0.77 -15.19
C ARG D 522 6.32 0.55 -14.93
FE1 ICS E . 12.72 -4.92 -35.47
MO1 ICS E . 13.94 -2.98 -28.82
FE2 ICS E . 14.34 -5.23 -33.34
FE3 ICS E . 11.71 -4.82 -32.98
FE4 ICS E . 13.25 -2.86 -33.87
FE5 ICS E . 13.73 -2.14 -31.42
FE6 ICS E . 14.72 -4.54 -30.89
FE7 ICS E . 12.19 -4.10 -30.55
CX ICS E . 13.31 -3.94 -32.21
S1A ICS E . 14.79 -3.96 -35.16
S1B ICS E . 15.69 -2.60 -30.36
S2A ICS E . 12.69 -6.62 -33.97
S2B ICS E . 15.88 -6.03 -31.98
S3A ICS E . 13.72 -0.77 -33.22
S3B ICS E . 13.52 -5.29 -29.18
S4A ICS E . 11.19 -3.42 -34.66
S4B ICS E . 12.09 -1.99 -29.89
S5A ICS E . 10.32 -5.03 -31.27
C1 HCA F . 16.78 -5.76 -26.57
C2 HCA F . 15.42 -5.55 -25.94
C3 HCA F . 15.00 -4.10 -26.12
C4 HCA F . 15.63 -3.22 -25.04
C5 HCA F . 14.65 -2.25 -24.42
C6 HCA F . 15.31 -0.93 -24.10
C7 HCA F . 13.48 -4.05 -26.09
O1 HCA F . 17.57 -6.58 -26.09
O2 HCA F . 17.11 -5.11 -27.58
O3 HCA F . 16.53 -0.77 -24.25
O4 HCA F . 14.62 0.01 -23.64
O5 HCA F . 12.82 -4.63 -25.20
O6 HCA F . 12.84 -3.45 -26.98
O7 HCA F . 15.48 -3.64 -27.40
C1 1N7 G . -5.86 18.74 -19.15
C2 1N7 G . -5.20 18.55 -20.49
C3 1N7 G . -7.00 20.00 -21.54
C4 1N7 G . -7.87 20.29 -22.80
C5 1N7 G . -7.06 20.09 -24.10
C6 1N7 G . -6.47 18.73 -24.11
C7 1N7 G . -6.07 18.57 -25.53
C8 1N7 G . -7.30 19.10 -26.27
C9 1N7 G . -8.05 20.00 -25.26
C10 1N7 G . -6.00 21.21 -24.30
C11 1N7 G . -4.16 19.67 -20.62
C12 1N7 G . -6.81 17.56 -18.82
C13 1N7 G . -6.06 16.20 -18.85
C14 1N7 G . -5.26 15.98 -20.17
C15 1N7 G . -4.41 17.19 -20.58
C16 1N7 G . -3.77 16.95 -21.98
C17 1N7 G . -4.72 17.24 -23.16
C18 1N7 G . -5.46 18.59 -23.02
C19 1N7 G . -6.19 18.69 -21.66
C20 1N7 G . -8.37 21.37 -25.89
C21 1N7 G . -9.71 21.82 -25.47
C22 1N7 G . -8.31 21.29 -27.38
C23 1N7 G . -9.42 22.09 -28.15
C24 1N7 G . -9.47 21.68 -29.66
N1 1N7 G . -10.70 21.92 -30.44
O1 1N7 G . -8.53 21.18 -30.18
O2 1N7 G . -7.00 15.17 -18.73
O3 1N7 G . -5.66 16.20 -23.25
O4 1N7 G . -8.96 19.42 -22.80
C25 1N7 G . -10.78 21.53 -31.86
C26 1N7 G . -9.92 22.50 -32.74
C27 1N7 G . -10.70 22.97 -34.02
N2 1N7 G . -10.71 24.47 -34.19
C28 1N7 G . -10.02 24.76 -35.50
C29 1N7 G . -12.11 24.95 -34.31
C30 1N7 G . -10.17 25.11 -32.96
C31 1N7 G . -10.88 24.56 -36.77
C32 1N7 G . -11.00 25.71 -37.81
O5 1N7 G . -11.43 23.53 -36.99
S1 1N7 G . -12.00 27.10 -37.15
O7 1N7 G . -11.29 27.72 -35.78
O8 1N7 G . -12.10 28.30 -38.30
O6 1N7 G . -13.53 26.57 -36.78
FE1 CLF H . 26.58 -13.62 -23.32
FE2 CLF H . 25.86 -11.68 -21.88
FE3 CLF H . 24.36 -12.13 -24.16
FE4 CLF H . 24.30 -13.72 -21.97
S1 CLF H . 26.43 -13.91 -20.96
S2A CLF H . 26.53 -11.43 -24.06
S4A CLF H . 23.59 -11.56 -22.09
S3A CLF H . 24.57 -14.42 -24.13
FE5 CLF H . 24.64 -13.99 -19.11
FE6 CLF H . 27.01 -14.66 -18.58
FE7 CLF H . 25.56 -13.17 -16.62
FE8 CLF H . 26.52 -12.46 -19.11
S2B CLF H . 25.01 -15.36 -17.12
S3B CLF H . 27.78 -12.92 -17.27
S4B CLF H . 24.44 -11.97 -18.22
C1 1N7 I . -3.74 -36.26 -16.34
C2 1N7 I . -3.03 -35.20 -17.16
C3 1N7 I . -4.47 -35.80 -19.19
C4 1N7 I . -4.50 -35.93 -20.74
C5 1N7 I . -3.74 -34.80 -21.44
C6 1N7 I . -2.36 -34.76 -20.92
C7 1N7 I . -1.66 -33.91 -21.91
C8 1N7 I . -2.13 -34.52 -23.22
C9 1N7 I . -3.48 -35.19 -22.90
C10 1N7 I . -4.48 -33.41 -21.33
C11 1N7 I . -3.83 -33.92 -16.96
C12 1N7 I . -2.90 -37.56 -16.20
C13 1N7 I . -1.49 -37.28 -15.62
C14 1N7 I . -0.74 -36.19 -16.42
C15 1N7 I . -1.57 -34.91 -16.63
C16 1N7 I . -0.80 -33.92 -17.52
C17 1N7 I . -0.90 -34.20 -19.03
C18 1N7 I . -2.35 -34.39 -19.47
C19 1N7 I . -3.03 -35.52 -18.67
C20 1N7 I . -4.52 -34.69 -23.93
C21 1N7 I . -5.71 -35.55 -23.97
C22 1N7 I . -3.89 -34.72 -25.28
C23 1N7 I . -4.74 -34.03 -26.40
C24 1N7 I . -4.23 -34.44 -27.81
N1 1N7 I . -5.17 -34.99 -28.81
O1 1N7 I . -3.09 -34.30 -28.10
O2 1N7 I . -0.74 -38.45 -15.67
O3 1N7 I . -0.14 -35.32 -19.36
O4 1N7 I . -3.92 -37.15 -21.10
C25 1N7 I . -4.69 -35.38 -30.15
C26 1N7 I . -4.69 -34.13 -31.10
C27 1N7 I . -5.95 -34.07 -32.03
N2 1N7 I . -7.07 -33.25 -31.46
C28 1N7 I . -7.85 -32.66 -32.60
C29 1N7 I . -8.02 -34.10 -30.68
C30 1N7 I . -6.50 -32.29 -30.48
C31 1N7 I . -8.08 -33.60 -33.82
C32 1N7 I . -9.34 -34.49 -33.91
O5 1N7 I . -7.30 -33.60 -34.72
S1 1N7 I . -9.31 -35.44 -35.46
O7 1N7 I . -10.62 -36.47 -35.51
O8 1N7 I . -9.38 -34.41 -36.76
O6 1N7 I . -7.91 -36.34 -35.53
C1 1N7 J . 2.59 -21.17 17.19
C2 1N7 J . 1.63 -21.23 18.36
C3 1N7 J . 2.12 -23.72 18.54
C4 1N7 J . 1.55 -25.13 18.88
C5 1N7 J . 0.62 -25.08 20.10
C6 1N7 J . -0.46 -24.08 19.87
C7 1N7 J . -1.44 -24.43 20.93
C8 1N7 J . -1.49 -25.95 20.85
C9 1N7 J . -0.19 -26.38 20.16
C10 1N7 J . 1.40 -24.81 21.43
C11 1N7 J . 2.44 -20.93 19.60
C12 1N7 J . 1.85 -21.29 15.84
C13 1N7 J . 0.76 -20.20 15.69
C14 1N7 J . -0.20 -20.12 16.90
C15 1N7 J . 0.50 -20.13 18.26
C16 1N7 J . -0.52 -20.24 19.41
C17 1N7 J . -1.04 -21.67 19.68
C18 1N7 J . 0.11 -22.71 19.76
C19 1N7 J . 1.01 -22.64 18.51
C20 1N7 J . 0.51 -27.50 20.97
C21 1N7 J . 1.27 -28.39 20.08
C22 1N7 J . -0.51 -28.31 21.70
C23 1N7 J . -0.04 -29.75 22.06
C24 1N7 J . -1.13 -30.57 22.80
N1 1N7 J . -0.98 -32.04 22.95
O1 1N7 J . -2.09 -30.02 23.26
O2 1N7 J . 0.00 -20.48 14.55
O3 1N7 J . -1.94 -22.04 18.67
O4 1N7 J . 0.84 -25.62 17.78
C25 1N7 J . -2.00 -32.84 23.65
C26 1N7 J . -1.56 -33.11 25.12
C27 1N7 J . -0.86 -34.50 25.28
N2 1N7 J . 0.52 -34.45 25.88
C28 1N7 J . 0.55 -35.33 27.09
C29 1N7 J . 1.51 -34.99 24.91
C30 1N7 J . 0.90 -33.02 26.07
C31 1N7 J . 0.07 -36.81 26.90
C32 1N7 J . 1.11 -37.95 26.76
O5 1N7 J . -1.08 -37.08 26.88
S1 1N7 J . 0.24 -39.54 26.45
O7 1N7 J . 1.34 -40.78 26.48
O8 1N7 J . -0.90 -39.80 27.63
O6 1N7 J . -0.50 -39.48 24.96
FE FE K . 0.32 2.08 20.07
FE1 ICS L . -25.59 -4.89 27.67
MO1 ICS L . -19.89 -1.55 25.21
FE2 ICS L . -24.48 -2.48 27.20
FE3 ICS L . -23.98 -4.53 25.54
FE4 ICS L . -22.96 -4.54 27.98
FE5 ICS L . -20.87 -3.29 27.11
FE6 ICS L . -22.38 -1.30 26.25
FE7 ICS L . -21.90 -3.30 24.67
CX ICS L . -22.77 -3.27 26.47
S1A ICS L . -24.58 -3.51 29.22
S1B ICS L . -20.51 -1.08 27.44
S2A ICS L . -25.99 -3.51 25.91
S2B ICS L . -24.20 -0.31 26.94
S3A ICS L . -20.91 -4.70 28.86
S3B ICS L . -21.94 -1.13 24.08
S4A ICS L . -23.95 -6.31 26.93
S4B ICS L . -19.83 -3.91 25.20
S5A ICS L . -23.12 -4.73 23.51
C1 HCA M . -20.62 2.83 24.26
C2 HCA M . -20.14 1.99 23.13
C3 HCA M . -19.08 1.02 23.64
C4 HCA M . -17.70 1.68 23.74
C5 HCA M . -16.59 0.75 23.32
C6 HCA M . -15.35 0.96 24.15
C7 HCA M . -19.06 -0.19 22.70
O1 HCA M . -20.69 4.07 24.14
O2 HCA M . -20.94 2.31 25.35
O3 HCA M . -15.35 1.71 25.14
O4 HCA M . -14.29 0.38 23.83
O5 HCA M . -18.95 -0.04 21.47
O6 HCA M . -19.17 -1.35 23.14
O7 HCA M . -19.47 0.59 24.97
FE FE N . 14.13 8.90 -11.25
FE1 CLF O . -24.47 15.22 24.60
FE2 CLF O . -22.07 14.57 24.18
FE3 CLF O . -23.87 12.49 24.45
FE4 CLF O . -23.76 14.12 22.29
S1 CLF O . -23.22 16.34 22.90
S2A CLF O . -23.22 13.96 26.07
S4A CLF O . -22.16 12.64 22.97
S3A CLF O . -25.65 13.59 23.48
FE5 CLF O . -22.19 15.86 20.60
FE6 CLF O . -22.33 18.24 21.43
FE7 CLF O . -19.98 17.44 20.01
FE8 CLF O . -20.95 16.72 22.49
S2B CLF O . -22.01 17.65 18.94
S3B CLF O . -20.13 18.76 21.91
S4B CLF O . -20.06 15.32 20.88
C1 1N7 P . -38.71 4.15 -9.33
C2 1N7 P . -38.36 3.87 -7.87
C3 1N7 P . -40.05 1.95 -7.80
C4 1N7 P . -41.12 1.20 -6.95
C5 1N7 P . -40.65 1.00 -5.49
C6 1N7 P . -40.27 2.31 -4.93
C7 1N7 P . -40.20 2.03 -3.47
C8 1N7 P . -41.50 1.27 -3.25
C9 1N7 P . -41.87 0.65 -4.61
C10 1N7 P . -39.51 -0.06 -5.37
C11 1N7 P . -37.22 2.86 -7.92
C12 1N7 P . -39.64 5.38 -9.49
C13 1N7 P . -39.04 6.64 -8.81
C14 1N7 P . -38.68 6.40 -7.33
C15 1N7 P . -37.80 5.14 -7.14
C16 1N7 P . -37.54 4.89 -5.64
C17 1N7 P . -38.68 4.17 -4.90
C18 1N7 P . -39.11 2.89 -5.64
C19 1N7 P . -39.53 3.22 -7.09
C20 1N7 P . -42.14 -0.86 -4.40
C21 1N7 P . -42.84 -1.46 -5.53
C22 1N7 P . -43.02 -1.00 -3.21
C23 1N7 P . -43.16 -2.45 -2.68
C24 1N7 P . -44.29 -2.57 -1.61
N1 1N7 P . -45.37 -3.56 -1.78
O1 1N7 P . -44.30 -1.84 -0.67
O2 1N7 P . -39.97 7.67 -8.86
O3 1N7 P . -39.77 5.03 -4.75
O4 1N7 P . -42.30 1.95 -6.94
C25 1N7 P . -46.44 -3.66 -0.78
C26 1N7 P . -46.04 -4.67 0.36
C27 1N7 P . -46.65 -6.09 0.15
N2 1N7 P . -45.76 -7.04 -0.61
C28 1N7 P . -46.03 -8.43 -0.12
C29 1N7 P . -46.05 -7.01 -2.06
C30 1N7 P . -44.35 -6.55 -0.48
C31 1N7 P . -47.52 -8.81 0.06
C32 1N7 P . -48.31 -9.50 -1.07
O5 1N7 P . -48.07 -8.61 1.10
S1 1N7 P . -50.03 -9.81 -0.54
O7 1N7 P . -50.90 -10.46 -1.81
O8 1N7 P . -50.03 -10.90 0.72
O6 1N7 P . -50.72 -8.38 -0.05
#